data_2EXN
#
_entry.id   2EXN
#
_entity_poly.entity_id   1
_entity_poly.type   'polypeptide(L)'
_entity_poly.pdbx_seq_one_letter_code
;MSTTAYQPIAECGATTQSEAAAYQKRWLVANDAGQWLNRDLCPRLAEVSVELRMGYLVLKAPGMLRLDIPLDVIEDDDSV
RYQMLVGEQTVDVVDEGELAAAWISNHAGVPCRILKVHPDMAEVRWPSLEHHHHHH
;
_entity_poly.pdbx_strand_id   A
#
# COMPACT_ATOMS: atom_id res chain seq x y z
N MET A 1 11.32 -10.22 24.23
CA MET A 1 11.75 -9.65 22.93
C MET A 1 10.92 -8.43 22.58
N SER A 2 11.50 -7.50 21.85
CA SER A 2 10.77 -6.34 21.38
C SER A 2 9.77 -6.77 20.32
N THR A 3 8.80 -5.92 20.03
CA THR A 3 7.81 -6.22 19.01
C THR A 3 8.49 -6.41 17.66
N THR A 4 9.31 -5.43 17.29
CA THR A 4 10.17 -5.52 16.09
C THR A 4 9.34 -5.72 14.82
N ALA A 5 8.08 -5.37 14.89
CA ALA A 5 7.19 -5.50 13.75
C ALA A 5 7.05 -4.17 13.05
N TYR A 6 7.86 -3.97 12.02
CA TYR A 6 7.87 -2.71 11.29
C TYR A 6 6.72 -2.67 10.31
N GLN A 7 6.10 -1.51 10.15
CA GLN A 7 4.95 -1.37 9.26
C GLN A 7 5.28 -0.44 8.11
N PRO A 8 5.87 -0.96 7.03
CA PRO A 8 6.11 -0.18 5.82
C PRO A 8 4.82 0.04 5.05
N ILE A 9 3.97 -1.00 5.07
CA ILE A 9 2.71 -1.00 4.35
C ILE A 9 1.54 -1.05 5.34
N ALA A 10 0.44 -0.37 4.99
CA ALA A 10 -0.69 -0.23 5.90
C ALA A 10 -1.48 -1.53 6.03
N GLU A 11 -2.19 -1.88 4.96
CA GLU A 11 -3.04 -3.07 4.93
C GLU A 11 -2.23 -4.30 5.26
N CYS A 12 -1.10 -4.44 4.57
CA CYS A 12 -0.20 -5.55 4.76
C CYS A 12 0.20 -5.71 6.23
N GLY A 13 0.54 -4.61 6.88
CA GLY A 13 0.74 -4.63 8.31
C GLY A 13 2.18 -4.82 8.73
N ALA A 14 2.40 -5.80 9.59
CA ALA A 14 3.68 -5.98 10.24
C ALA A 14 4.68 -6.76 9.40
N THR A 15 5.92 -6.30 9.40
CA THR A 15 7.01 -6.99 8.75
C THR A 15 8.12 -7.25 9.77
N THR A 16 8.50 -8.52 9.92
CA THR A 16 9.49 -8.90 10.91
C THR A 16 10.91 -8.79 10.37
N GLN A 17 11.09 -7.97 9.34
CA GLN A 17 12.41 -7.76 8.76
C GLN A 17 12.88 -6.34 9.05
N SER A 18 14.13 -6.24 9.46
CA SER A 18 14.71 -4.95 9.83
C SER A 18 14.89 -4.06 8.60
N GLU A 19 14.87 -4.69 7.43
CA GLU A 19 15.01 -3.98 6.17
C GLU A 19 13.84 -3.04 5.95
N ALA A 20 12.70 -3.38 6.55
CA ALA A 20 11.48 -2.61 6.35
C ALA A 20 11.53 -1.25 7.04
N ALA A 21 12.43 -1.13 8.02
CA ALA A 21 12.54 0.10 8.80
C ALA A 21 13.17 1.22 7.97
N ALA A 22 13.67 0.88 6.79
CA ALA A 22 14.29 1.87 5.91
C ALA A 22 13.46 2.11 4.65
N TYR A 23 12.34 1.40 4.54
CA TYR A 23 11.51 1.49 3.34
C TYR A 23 10.05 1.73 3.70
N GLN A 24 9.81 2.06 4.96
CA GLN A 24 8.45 2.31 5.42
C GLN A 24 7.90 3.59 4.79
N LYS A 25 6.59 3.68 4.65
CA LYS A 25 5.97 4.84 4.02
C LYS A 25 4.49 4.84 4.33
N ARG A 26 3.77 5.83 3.84
CA ARG A 26 2.32 5.84 3.94
C ARG A 26 1.73 5.01 2.82
N TRP A 27 2.10 3.73 2.83
CA TRP A 27 1.62 2.77 1.86
C TRP A 27 0.22 2.34 2.24
N LEU A 28 -0.61 2.02 1.24
CA LEU A 28 -1.97 1.58 1.51
C LEU A 28 -2.70 1.20 0.22
N VAL A 29 -3.94 0.72 0.38
CA VAL A 29 -4.79 0.40 -0.75
C VAL A 29 -5.89 1.45 -0.87
N ALA A 30 -6.31 1.75 -2.08
CA ALA A 30 -7.41 2.68 -2.30
C ALA A 30 -8.45 2.05 -3.21
N ASN A 31 -9.72 2.36 -2.96
CA ASN A 31 -10.82 1.72 -3.67
C ASN A 31 -11.30 2.58 -4.85
N ASP A 32 -12.14 1.98 -5.70
CA ASP A 32 -12.70 2.64 -6.88
C ASP A 32 -13.25 4.04 -6.58
N ALA A 33 -13.80 4.23 -5.38
CA ALA A 33 -14.36 5.53 -4.98
C ALA A 33 -13.31 6.63 -4.89
N GLY A 34 -12.05 6.28 -5.09
CA GLY A 34 -10.97 7.26 -5.01
C GLY A 34 -10.52 7.47 -3.58
N GLN A 35 -11.11 6.69 -2.68
CA GLN A 35 -10.87 6.82 -1.25
C GLN A 35 -9.89 5.76 -0.78
N TRP A 36 -9.17 6.06 0.29
CA TRP A 36 -8.27 5.10 0.91
C TRP A 36 -9.05 3.95 1.53
N LEU A 37 -8.47 2.77 1.47
CA LEU A 37 -9.06 1.58 2.07
C LEU A 37 -8.27 1.22 3.33
N ASN A 38 -8.96 0.74 4.36
CA ASN A 38 -8.32 0.54 5.65
C ASN A 38 -8.69 -0.81 6.24
N ARG A 39 -7.96 -1.23 7.27
CA ARG A 39 -8.23 -2.51 7.93
C ARG A 39 -9.53 -2.39 8.70
N ASP A 40 -9.81 -1.17 9.19
CA ASP A 40 -11.04 -0.89 9.91
C ASP A 40 -12.23 -0.98 8.96
N LEU A 41 -11.96 -0.79 7.68
CA LEU A 41 -12.99 -0.85 6.65
C LEU A 41 -13.07 -2.27 6.11
N CYS A 42 -11.93 -2.80 5.71
CA CYS A 42 -11.84 -4.18 5.22
C CYS A 42 -10.68 -4.91 5.90
N PRO A 43 -11.01 -5.72 6.93
CA PRO A 43 -10.00 -6.44 7.73
C PRO A 43 -9.26 -7.53 6.95
N ARG A 44 -9.84 -7.92 5.82
CA ARG A 44 -9.27 -9.00 4.99
C ARG A 44 -7.85 -8.65 4.55
N LEU A 45 -7.60 -7.36 4.35
CA LEU A 45 -6.31 -6.90 3.83
C LEU A 45 -5.21 -7.01 4.87
N ALA A 46 -5.60 -7.09 6.13
CA ALA A 46 -4.64 -7.19 7.22
C ALA A 46 -3.92 -8.54 7.19
N GLU A 47 -4.42 -9.46 6.36
CA GLU A 47 -3.86 -10.80 6.26
C GLU A 47 -2.87 -10.91 5.10
N VAL A 48 -1.98 -9.94 4.98
CA VAL A 48 -0.94 -9.98 3.95
C VAL A 48 0.42 -10.34 4.57
N SER A 49 1.14 -11.24 3.92
CA SER A 49 2.49 -11.59 4.36
C SER A 49 3.52 -10.75 3.61
N VAL A 50 4.27 -9.94 4.33
CA VAL A 50 5.16 -8.97 3.71
C VAL A 50 6.60 -9.46 3.68
N GLU A 51 7.25 -9.25 2.55
CA GLU A 51 8.68 -9.51 2.40
C GLU A 51 9.33 -8.34 1.67
N LEU A 52 10.53 -7.99 2.09
CA LEU A 52 11.26 -6.90 1.45
C LEU A 52 12.61 -7.40 0.97
N ARG A 53 12.93 -7.04 -0.25
CA ARG A 53 14.24 -7.35 -0.83
C ARG A 53 14.91 -6.05 -1.24
N MET A 54 16.18 -6.11 -1.59
CA MET A 54 16.92 -4.93 -1.99
C MET A 54 16.40 -4.38 -3.31
N GLY A 55 15.35 -3.59 -3.23
CA GLY A 55 14.79 -2.98 -4.41
C GLY A 55 13.35 -3.36 -4.64
N TYR A 56 12.90 -4.48 -4.06
CA TYR A 56 11.57 -5.00 -4.37
C TYR A 56 10.78 -5.31 -3.11
N LEU A 57 9.52 -4.94 -3.14
CA LEU A 57 8.57 -5.25 -2.09
C LEU A 57 7.79 -6.50 -2.50
N VAL A 58 8.08 -7.62 -1.86
CA VAL A 58 7.49 -8.89 -2.26
C VAL A 58 6.35 -9.26 -1.33
N LEU A 59 5.14 -9.02 -1.80
CA LEU A 59 3.94 -9.39 -1.07
C LEU A 59 3.55 -10.84 -1.37
N LYS A 60 3.01 -11.51 -0.37
CA LYS A 60 2.49 -12.87 -0.55
C LYS A 60 1.17 -12.99 0.18
N ALA A 61 0.15 -13.54 -0.46
CA ALA A 61 -1.15 -13.64 0.20
C ALA A 61 -1.56 -15.08 0.45
N PRO A 62 -2.20 -15.36 1.59
CA PRO A 62 -2.77 -16.67 1.88
C PRO A 62 -3.93 -16.97 0.94
N GLY A 63 -3.61 -17.39 -0.27
CA GLY A 63 -4.62 -17.61 -1.29
C GLY A 63 -4.18 -17.02 -2.62
N MET A 64 -3.42 -15.92 -2.57
CA MET A 64 -2.92 -15.29 -3.77
C MET A 64 -1.41 -15.40 -3.82
N LEU A 65 -0.86 -15.38 -5.01
CA LEU A 65 0.57 -15.60 -5.19
C LEU A 65 1.40 -14.44 -4.63
N ARG A 66 2.64 -14.33 -5.12
CA ARG A 66 3.54 -13.27 -4.73
C ARG A 66 3.37 -12.05 -5.62
N LEU A 67 3.65 -10.89 -5.07
CA LEU A 67 3.59 -9.64 -5.79
C LEU A 67 4.79 -8.78 -5.44
N ASP A 68 5.76 -8.71 -6.33
CA ASP A 68 6.95 -7.91 -6.10
C ASP A 68 6.85 -6.56 -6.81
N ILE A 69 6.76 -5.51 -6.01
CA ILE A 69 6.65 -4.15 -6.51
C ILE A 69 7.93 -3.39 -6.19
N PRO A 70 8.44 -2.57 -7.13
CA PRO A 70 9.60 -1.72 -6.86
C PRO A 70 9.36 -0.81 -5.66
N LEU A 71 10.19 -0.94 -4.63
CA LEU A 71 10.05 -0.18 -3.39
C LEU A 71 10.00 1.32 -3.67
N ASP A 72 11.15 1.88 -3.99
CA ASP A 72 11.26 3.29 -4.35
C ASP A 72 12.43 3.44 -5.31
N VAL A 73 12.68 2.37 -6.06
CA VAL A 73 13.82 2.32 -6.96
C VAL A 73 13.48 2.89 -8.33
N ILE A 74 12.46 3.74 -8.36
CA ILE A 74 12.12 4.45 -9.57
C ILE A 74 12.39 5.93 -9.37
N GLU A 75 12.97 6.52 -10.38
CA GLU A 75 13.43 7.90 -10.31
C GLU A 75 13.23 8.56 -11.66
N ASP A 76 12.29 8.01 -12.42
CA ASP A 76 12.02 8.45 -13.78
C ASP A 76 10.67 9.18 -13.83
N ASP A 77 10.08 9.30 -15.01
CA ASP A 77 8.80 9.98 -15.13
C ASP A 77 7.66 8.99 -15.29
N ASP A 78 8.01 7.71 -15.39
CA ASP A 78 7.02 6.64 -15.49
C ASP A 78 6.39 6.35 -14.13
N SER A 79 6.83 7.06 -13.11
CA SER A 79 6.22 6.97 -11.80
C SER A 79 4.78 7.51 -11.87
N VAL A 80 3.82 6.60 -11.86
CA VAL A 80 2.43 6.97 -12.04
C VAL A 80 1.90 7.76 -10.85
N ARG A 81 1.85 9.07 -11.01
CA ARG A 81 1.25 9.93 -10.01
C ARG A 81 -0.25 10.01 -10.26
N TYR A 82 -0.99 9.32 -9.42
CA TYR A 82 -2.42 9.21 -9.59
C TYR A 82 -3.13 10.25 -8.74
N GLN A 83 -4.08 10.96 -9.34
CA GLN A 83 -4.85 11.97 -8.63
C GLN A 83 -5.95 11.29 -7.83
N MET A 84 -5.73 11.18 -6.52
CA MET A 84 -6.69 10.48 -5.66
C MET A 84 -7.52 11.49 -4.89
N LEU A 85 -8.67 11.06 -4.41
CA LEU A 85 -9.60 11.95 -3.75
C LEU A 85 -10.08 11.32 -2.45
N VAL A 86 -9.33 11.54 -1.41
CA VAL A 86 -9.63 10.96 -0.11
C VAL A 86 -10.65 11.82 0.60
N GLY A 87 -11.92 11.48 0.43
CA GLY A 87 -12.99 12.32 0.95
C GLY A 87 -13.26 13.48 0.01
N GLU A 88 -12.56 14.57 0.23
CA GLU A 88 -12.58 15.70 -0.69
C GLU A 88 -11.18 16.27 -0.86
N GLN A 89 -10.19 15.53 -0.37
CA GLN A 89 -8.80 15.98 -0.43
C GLN A 89 -8.10 15.38 -1.64
N THR A 90 -7.76 16.24 -2.59
CA THR A 90 -7.06 15.81 -3.79
C THR A 90 -5.56 15.70 -3.53
N VAL A 91 -5.04 14.49 -3.61
CA VAL A 91 -3.65 14.24 -3.27
C VAL A 91 -2.97 13.32 -4.29
N ASP A 92 -1.68 13.55 -4.50
CA ASP A 92 -0.87 12.73 -5.39
C ASP A 92 -0.44 11.43 -4.72
N VAL A 93 -0.89 10.31 -5.26
CA VAL A 93 -0.44 9.01 -4.81
C VAL A 93 0.22 8.27 -5.97
N VAL A 94 1.18 7.43 -5.68
CA VAL A 94 1.85 6.69 -6.73
C VAL A 94 1.22 5.31 -6.89
N ASP A 95 0.87 4.96 -8.12
CA ASP A 95 0.26 3.67 -8.40
C ASP A 95 1.32 2.59 -8.52
N GLU A 96 1.09 1.47 -7.85
CA GLU A 96 2.04 0.38 -7.83
C GLU A 96 1.90 -0.50 -9.08
N GLY A 97 0.87 -0.20 -9.87
CA GLY A 97 0.68 -0.91 -11.12
C GLY A 97 -0.58 -1.76 -11.13
N GLU A 98 -1.07 -2.05 -12.33
CA GLU A 98 -2.23 -2.91 -12.54
C GLU A 98 -2.06 -4.26 -11.85
N LEU A 99 -0.80 -4.71 -11.77
CA LEU A 99 -0.48 -5.98 -11.14
C LEU A 99 -0.86 -5.96 -9.66
N ALA A 100 -0.66 -4.81 -9.01
CA ALA A 100 -1.00 -4.66 -7.61
C ALA A 100 -2.50 -4.52 -7.44
N ALA A 101 -3.12 -3.86 -8.41
CA ALA A 101 -4.57 -3.68 -8.40
C ALA A 101 -5.28 -5.02 -8.44
N ALA A 102 -4.97 -5.82 -9.45
CA ALA A 102 -5.61 -7.11 -9.63
C ALA A 102 -5.33 -8.05 -8.46
N TRP A 103 -4.07 -8.04 -8.00
CA TRP A 103 -3.64 -8.90 -6.89
C TRP A 103 -4.53 -8.69 -5.67
N ILE A 104 -4.78 -7.44 -5.30
CA ILE A 104 -5.58 -7.17 -4.12
C ILE A 104 -7.07 -7.18 -4.46
N SER A 105 -7.43 -6.93 -5.71
CA SER A 105 -8.83 -7.04 -6.11
C SER A 105 -9.30 -8.48 -5.98
N ASN A 106 -8.35 -9.40 -5.89
CA ASN A 106 -8.65 -10.79 -5.59
C ASN A 106 -8.67 -11.05 -4.08
N HIS A 107 -7.61 -10.63 -3.38
CA HIS A 107 -7.53 -10.86 -1.92
C HIS A 107 -8.48 -9.96 -1.14
N ALA A 108 -8.54 -8.68 -1.50
CA ALA A 108 -9.47 -7.75 -0.90
C ALA A 108 -10.86 -7.98 -1.44
N GLY A 109 -10.92 -8.32 -2.72
CA GLY A 109 -12.17 -8.75 -3.32
C GLY A 109 -12.84 -7.67 -4.13
N VAL A 110 -12.68 -6.43 -3.70
CA VAL A 110 -13.32 -5.30 -4.35
C VAL A 110 -12.33 -4.59 -5.26
N PRO A 111 -12.81 -3.83 -6.25
CA PRO A 111 -11.96 -3.08 -7.18
C PRO A 111 -11.10 -2.04 -6.48
N CYS A 112 -9.91 -2.44 -6.08
CA CYS A 112 -8.99 -1.56 -5.38
C CYS A 112 -7.59 -1.73 -5.96
N ARG A 113 -6.71 -0.78 -5.64
CA ARG A 113 -5.32 -0.88 -6.05
C ARG A 113 -4.42 -0.38 -4.93
N ILE A 114 -3.27 -1.03 -4.78
CA ILE A 114 -2.28 -0.61 -3.81
C ILE A 114 -1.60 0.66 -4.30
N LEU A 115 -1.49 1.66 -3.44
CA LEU A 115 -0.94 2.94 -3.81
C LEU A 115 0.05 3.43 -2.76
N LYS A 116 1.15 4.00 -3.21
CA LYS A 116 2.16 4.53 -2.32
C LYS A 116 2.15 6.06 -2.35
N VAL A 117 1.73 6.66 -1.24
CA VAL A 117 1.67 8.12 -1.13
C VAL A 117 3.07 8.71 -1.24
N HIS A 118 3.20 9.75 -2.05
CA HIS A 118 4.49 10.38 -2.28
C HIS A 118 4.76 11.44 -1.22
N PRO A 119 6.01 11.51 -0.71
CA PRO A 119 6.38 12.39 0.42
C PRO A 119 6.32 13.89 0.12
N ASP A 120 6.00 14.25 -1.12
CA ASP A 120 5.82 15.66 -1.47
C ASP A 120 4.54 16.19 -0.86
N MET A 121 3.44 15.49 -1.09
CA MET A 121 2.20 15.77 -0.40
C MET A 121 2.30 15.28 1.04
N ALA A 122 2.84 14.07 1.18
CA ALA A 122 3.15 13.46 2.47
C ALA A 122 1.89 13.13 3.27
N GLU A 123 1.29 14.13 3.89
CA GLU A 123 0.17 13.90 4.79
C GLU A 123 -1.16 13.98 4.06
N VAL A 124 -2.06 13.08 4.43
CA VAL A 124 -3.42 13.08 3.91
C VAL A 124 -4.42 12.90 5.05
N ARG A 125 -3.99 12.19 6.09
CA ARG A 125 -4.72 12.06 7.37
C ARG A 125 -5.88 11.08 7.30
N TRP A 126 -6.59 11.05 6.16
CA TRP A 126 -7.82 10.27 5.99
C TRP A 126 -8.99 10.99 6.68
N PRO A 127 -10.18 11.02 6.04
CA PRO A 127 -11.35 11.77 6.53
C PRO A 127 -11.74 11.40 7.96
N SER A 128 -11.72 12.37 8.86
CA SER A 128 -12.12 12.15 10.24
C SER A 128 -13.64 12.16 10.35
N LEU A 129 -14.29 11.86 9.23
CA LEU A 129 -15.74 11.95 9.10
C LEU A 129 -16.19 13.38 9.40
N GLU A 130 -15.33 14.32 9.03
CA GLU A 130 -15.56 15.73 9.28
C GLU A 130 -16.16 16.40 8.05
N MET A 1 6.05 2.63 21.82
CA MET A 1 6.63 1.41 21.22
C MET A 1 6.21 0.18 22.01
N SER A 2 6.15 -0.96 21.35
CA SER A 2 5.79 -2.21 22.01
C SER A 2 6.77 -3.32 21.67
N THR A 3 7.24 -3.36 20.43
CA THR A 3 8.18 -4.39 20.01
C THR A 3 9.19 -3.87 18.99
N THR A 4 9.08 -2.58 18.65
CA THR A 4 10.00 -1.93 17.73
C THR A 4 9.92 -2.55 16.32
N ALA A 5 8.74 -3.05 15.98
CA ALA A 5 8.51 -3.59 14.64
C ALA A 5 8.29 -2.45 13.66
N TYR A 6 8.77 -2.62 12.44
CA TYR A 6 8.69 -1.58 11.43
C TYR A 6 7.44 -1.78 10.59
N GLN A 7 6.70 -0.70 10.37
CA GLN A 7 5.45 -0.79 9.63
C GLN A 7 5.58 -0.05 8.30
N PRO A 8 5.96 -0.78 7.23
CA PRO A 8 6.12 -0.21 5.91
C PRO A 8 4.81 -0.08 5.13
N ILE A 9 4.11 -1.21 4.99
CA ILE A 9 2.90 -1.28 4.17
C ILE A 9 1.68 -1.58 5.06
N ALA A 10 0.61 -0.80 4.85
CA ALA A 10 -0.56 -0.82 5.73
C ALA A 10 -1.27 -2.16 5.82
N GLU A 11 -1.65 -2.72 4.67
CA GLU A 11 -2.49 -3.90 4.63
C GLU A 11 -1.80 -5.11 5.28
N CYS A 12 -0.56 -5.37 4.88
CA CYS A 12 0.20 -6.48 5.42
C CYS A 12 0.65 -6.19 6.85
N GLY A 13 0.99 -4.94 7.11
CA GLY A 13 1.25 -4.51 8.47
C GLY A 13 2.72 -4.42 8.81
N ALA A 14 3.06 -4.83 10.03
CA ALA A 14 4.40 -4.65 10.56
C ALA A 14 5.34 -5.75 10.11
N THR A 15 6.61 -5.42 10.03
CA THR A 15 7.64 -6.35 9.60
C THR A 15 8.85 -6.27 10.53
N THR A 16 9.37 -7.41 10.94
CA THR A 16 10.58 -7.42 11.75
C THR A 16 11.83 -7.59 10.89
N GLN A 17 12.09 -6.59 10.07
CA GLN A 17 13.27 -6.60 9.21
C GLN A 17 13.96 -5.24 9.31
N SER A 18 15.25 -5.26 9.58
CA SER A 18 16.01 -4.04 9.82
C SER A 18 15.93 -3.07 8.64
N GLU A 19 15.82 -3.59 7.43
CA GLU A 19 15.82 -2.74 6.24
C GLU A 19 14.44 -2.11 6.01
N ALA A 20 13.41 -2.64 6.65
CA ALA A 20 12.05 -2.17 6.44
C ALA A 20 11.88 -0.73 6.92
N ALA A 21 12.75 -0.31 7.84
CA ALA A 21 12.70 1.04 8.40
C ALA A 21 12.98 2.09 7.34
N ALA A 22 13.72 1.71 6.31
CA ALA A 22 14.12 2.64 5.27
C ALA A 22 13.19 2.57 4.07
N TYR A 23 12.19 1.71 4.15
CA TYR A 23 11.24 1.52 3.06
C TYR A 23 9.81 1.61 3.56
N GLN A 24 9.63 2.24 4.71
CA GLN A 24 8.30 2.40 5.28
C GLN A 24 7.69 3.71 4.81
N LYS A 25 6.37 3.74 4.72
CA LYS A 25 5.63 4.91 4.25
C LYS A 25 4.18 4.79 4.67
N ARG A 26 3.36 5.76 4.32
CA ARG A 26 1.93 5.57 4.40
C ARG A 26 1.47 4.85 3.14
N TRP A 27 1.95 3.63 3.03
CA TRP A 27 1.68 2.76 1.90
C TRP A 27 0.41 1.99 2.18
N LEU A 28 -0.41 1.71 1.17
CA LEU A 28 -1.69 1.06 1.41
C LEU A 28 -2.44 0.78 0.13
N VAL A 29 -3.64 0.24 0.28
CA VAL A 29 -4.53 -0.02 -0.83
C VAL A 29 -5.65 1.01 -0.81
N ALA A 30 -6.08 1.45 -1.98
CA ALA A 30 -7.18 2.39 -2.09
C ALA A 30 -8.24 1.82 -3.01
N ASN A 31 -9.49 2.25 -2.84
CA ASN A 31 -10.57 1.74 -3.67
C ASN A 31 -10.90 2.72 -4.79
N ASP A 32 -11.56 2.22 -5.83
CA ASP A 32 -11.90 3.00 -7.04
C ASP A 32 -12.46 4.38 -6.72
N ALA A 33 -13.22 4.48 -5.63
CA ALA A 33 -13.87 5.74 -5.22
C ALA A 33 -12.86 6.85 -4.92
N GLY A 34 -11.57 6.51 -4.91
CA GLY A 34 -10.55 7.49 -4.59
C GLY A 34 -10.27 7.55 -3.11
N GLN A 35 -10.89 6.63 -2.38
CA GLN A 35 -10.81 6.60 -0.92
C GLN A 35 -9.78 5.58 -0.45
N TRP A 36 -9.02 5.93 0.57
CA TRP A 36 -8.08 4.99 1.18
C TRP A 36 -8.81 3.79 1.76
N LEU A 37 -8.36 2.59 1.41
CA LEU A 37 -8.95 1.38 1.94
C LEU A 37 -8.20 1.01 3.22
N ASN A 38 -8.92 0.46 4.19
CA ASN A 38 -8.33 0.24 5.50
C ASN A 38 -8.71 -1.12 6.05
N ARG A 39 -8.02 -1.52 7.12
CA ARG A 39 -8.34 -2.75 7.83
C ARG A 39 -9.69 -2.61 8.54
N ASP A 40 -10.09 -1.35 8.74
CA ASP A 40 -11.37 -1.04 9.36
C ASP A 40 -12.49 -1.23 8.35
N LEU A 41 -12.14 -1.07 7.08
CA LEU A 41 -13.09 -1.25 6.00
C LEU A 41 -13.06 -2.70 5.53
N CYS A 42 -11.86 -3.18 5.26
CA CYS A 42 -11.66 -4.56 4.85
C CYS A 42 -10.70 -5.27 5.78
N PRO A 43 -11.23 -5.97 6.80
CA PRO A 43 -10.43 -6.75 7.75
C PRO A 43 -9.62 -7.84 7.06
N ARG A 44 -10.14 -8.37 5.96
CA ARG A 44 -9.46 -9.42 5.21
C ARG A 44 -8.20 -8.89 4.52
N LEU A 45 -8.07 -7.57 4.47
CA LEU A 45 -6.92 -6.95 3.85
C LEU A 45 -5.74 -6.98 4.81
N ALA A 46 -6.02 -7.17 6.08
CA ALA A 46 -4.98 -7.41 7.08
C ALA A 46 -4.33 -8.76 6.82
N GLU A 47 -5.01 -9.59 6.03
CA GLU A 47 -4.50 -10.90 5.65
C GLU A 47 -3.55 -10.77 4.45
N VAL A 48 -2.50 -9.99 4.63
CA VAL A 48 -1.39 -9.94 3.69
C VAL A 48 -0.08 -10.12 4.46
N SER A 49 0.85 -10.88 3.91
CA SER A 49 2.13 -11.10 4.55
C SER A 49 3.23 -10.32 3.85
N VAL A 50 4.16 -9.78 4.63
CA VAL A 50 5.21 -8.91 4.10
C VAL A 50 6.49 -9.67 3.83
N GLU A 51 7.17 -9.29 2.75
CA GLU A 51 8.53 -9.71 2.50
C GLU A 51 9.29 -8.60 1.80
N LEU A 52 10.51 -8.35 2.21
CA LEU A 52 11.34 -7.36 1.54
C LEU A 52 12.60 -8.01 0.98
N ARG A 53 12.81 -7.81 -0.30
CA ARG A 53 13.99 -8.32 -0.99
C ARG A 53 14.95 -7.17 -1.25
N MET A 54 16.12 -7.48 -1.78
CA MET A 54 17.07 -6.45 -2.14
C MET A 54 16.53 -5.62 -3.31
N GLY A 55 15.83 -4.54 -2.99
CA GLY A 55 15.30 -3.66 -4.00
C GLY A 55 13.87 -3.99 -4.37
N TYR A 56 13.28 -5.01 -3.76
CA TYR A 56 11.92 -5.41 -4.10
C TYR A 56 11.07 -5.70 -2.88
N LEU A 57 9.79 -5.44 -3.02
CA LEU A 57 8.81 -5.70 -1.99
C LEU A 57 7.92 -6.86 -2.44
N VAL A 58 7.94 -7.95 -1.70
CA VAL A 58 7.17 -9.12 -2.05
C VAL A 58 6.00 -9.31 -1.10
N LEU A 59 4.81 -9.11 -1.62
CA LEU A 59 3.59 -9.32 -0.86
C LEU A 59 3.03 -10.69 -1.14
N LYS A 60 2.58 -11.38 -0.10
CA LYS A 60 2.03 -12.72 -0.25
C LYS A 60 0.68 -12.75 0.48
N ALA A 61 -0.38 -13.23 -0.15
CA ALA A 61 -1.68 -13.12 0.49
C ALA A 61 -2.35 -14.48 0.68
N PRO A 62 -2.91 -14.72 1.88
CA PRO A 62 -3.81 -15.84 2.11
C PRO A 62 -4.86 -15.93 1.01
N GLY A 63 -4.71 -16.93 0.14
CA GLY A 63 -5.65 -17.10 -0.95
C GLY A 63 -5.14 -16.54 -2.27
N MET A 64 -4.04 -15.79 -2.22
CA MET A 64 -3.47 -15.18 -3.42
C MET A 64 -1.95 -15.32 -3.45
N LEU A 65 -1.41 -15.25 -4.65
CA LEU A 65 0.00 -15.48 -4.87
C LEU A 65 0.86 -14.37 -4.26
N ARG A 66 2.12 -14.35 -4.66
CA ARG A 66 3.03 -13.28 -4.28
C ARG A 66 2.96 -12.14 -5.28
N LEU A 67 3.57 -11.02 -4.93
CA LEU A 67 3.56 -9.84 -5.76
C LEU A 67 4.88 -9.08 -5.58
N ASP A 68 5.70 -9.07 -6.62
CA ASP A 68 7.01 -8.41 -6.57
C ASP A 68 6.90 -6.97 -7.05
N ILE A 69 6.85 -6.05 -6.11
CA ILE A 69 6.80 -4.64 -6.41
C ILE A 69 8.15 -4.00 -6.10
N PRO A 70 8.66 -3.10 -6.94
CA PRO A 70 9.86 -2.32 -6.63
C PRO A 70 9.81 -1.70 -5.24
N LEU A 71 10.92 -1.72 -4.52
CA LEU A 71 10.97 -1.12 -3.20
C LEU A 71 10.92 0.39 -3.29
N ASP A 72 9.70 0.89 -3.18
CA ASP A 72 9.41 2.32 -3.08
C ASP A 72 9.57 2.97 -4.44
N VAL A 73 8.47 2.97 -5.21
CA VAL A 73 8.48 3.53 -6.56
C VAL A 73 8.72 5.03 -6.52
N ILE A 74 9.77 5.46 -7.20
CA ILE A 74 10.17 6.86 -7.23
C ILE A 74 9.36 7.62 -8.28
N GLU A 75 9.70 8.89 -8.48
CA GLU A 75 9.01 9.79 -9.41
C GLU A 75 9.35 9.44 -10.87
N ASP A 76 9.61 8.17 -11.11
CA ASP A 76 9.94 7.67 -12.44
C ASP A 76 8.77 7.88 -13.40
N ASP A 77 9.10 8.00 -14.67
CA ASP A 77 8.12 8.37 -15.69
C ASP A 77 7.03 7.30 -15.86
N ASP A 78 7.36 6.07 -15.51
CA ASP A 78 6.41 4.96 -15.64
C ASP A 78 5.38 4.98 -14.53
N SER A 79 5.71 5.61 -13.41
CA SER A 79 4.80 5.64 -12.27
C SER A 79 3.57 6.46 -12.60
N VAL A 80 2.42 6.01 -12.17
CA VAL A 80 1.18 6.72 -12.42
C VAL A 80 0.77 7.53 -11.19
N ARG A 81 0.80 8.84 -11.31
CA ARG A 81 0.36 9.70 -10.23
C ARG A 81 -1.16 9.73 -10.18
N TYR A 82 -1.71 8.94 -9.29
CA TYR A 82 -3.15 8.75 -9.16
C TYR A 82 -3.72 9.83 -8.26
N GLN A 83 -4.73 10.53 -8.74
CA GLN A 83 -5.38 11.56 -7.95
C GLN A 83 -6.30 10.92 -6.93
N MET A 84 -5.93 11.04 -5.67
CA MET A 84 -6.67 10.41 -4.59
C MET A 84 -7.60 11.41 -3.93
N LEU A 85 -8.74 10.94 -3.49
CA LEU A 85 -9.72 11.81 -2.86
C LEU A 85 -10.09 11.26 -1.49
N VAL A 86 -9.23 11.49 -0.53
CA VAL A 86 -9.39 10.91 0.80
C VAL A 86 -10.30 11.79 1.64
N GLY A 87 -11.58 11.45 1.71
CA GLY A 87 -12.53 12.29 2.42
C GLY A 87 -12.75 13.57 1.67
N GLU A 88 -12.65 13.47 0.34
CA GLU A 88 -12.74 14.61 -0.58
C GLU A 88 -11.53 15.51 -0.45
N GLN A 89 -10.46 15.00 0.13
CA GLN A 89 -9.20 15.70 0.19
C GLN A 89 -8.34 15.31 -1.01
N THR A 90 -8.20 16.23 -1.95
CA THR A 90 -7.55 15.96 -3.22
C THR A 90 -6.03 15.96 -3.09
N VAL A 91 -5.46 14.77 -3.00
CA VAL A 91 -4.01 14.61 -2.94
C VAL A 91 -3.57 13.53 -3.91
N ASP A 92 -2.44 13.71 -4.56
CA ASP A 92 -1.96 12.74 -5.53
C ASP A 92 -1.06 11.72 -4.87
N VAL A 93 -1.21 10.47 -5.28
CA VAL A 93 -0.41 9.37 -4.76
C VAL A 93 0.15 8.55 -5.93
N VAL A 94 1.27 7.89 -5.71
CA VAL A 94 1.91 7.14 -6.77
C VAL A 94 1.39 5.71 -6.85
N ASP A 95 1.07 5.28 -8.06
CA ASP A 95 0.63 3.91 -8.31
C ASP A 95 1.85 2.99 -8.31
N GLU A 96 1.80 1.93 -7.52
CA GLU A 96 2.95 1.06 -7.37
C GLU A 96 2.88 -0.12 -8.36
N GLY A 97 1.79 -0.20 -9.13
CA GLY A 97 1.70 -1.25 -10.13
C GLY A 97 0.28 -1.63 -10.50
N GLU A 98 0.03 -1.68 -11.80
CA GLU A 98 -1.21 -2.20 -12.35
C GLU A 98 -1.41 -3.66 -11.90
N LEU A 99 -0.29 -4.38 -11.82
CA LEU A 99 -0.32 -5.77 -11.36
C LEU A 99 -0.78 -5.84 -9.92
N ALA A 100 -0.39 -4.84 -9.13
CA ALA A 100 -0.77 -4.79 -7.72
C ALA A 100 -2.28 -4.59 -7.59
N ALA A 101 -2.85 -3.80 -8.49
CA ALA A 101 -4.30 -3.58 -8.53
C ALA A 101 -5.03 -4.90 -8.78
N ALA A 102 -4.56 -5.64 -9.79
CA ALA A 102 -5.17 -6.93 -10.13
C ALA A 102 -5.02 -7.93 -8.99
N TRP A 103 -3.80 -8.01 -8.45
CA TRP A 103 -3.48 -8.92 -7.35
C TRP A 103 -4.47 -8.76 -6.20
N ILE A 104 -4.79 -7.53 -5.83
CA ILE A 104 -5.68 -7.30 -4.71
C ILE A 104 -7.15 -7.31 -5.15
N SER A 105 -7.43 -7.05 -6.41
CA SER A 105 -8.81 -7.15 -6.88
C SER A 105 -9.26 -8.61 -6.78
N ASN A 106 -8.29 -9.51 -6.68
CA ASN A 106 -8.57 -10.91 -6.39
C ASN A 106 -8.76 -11.14 -4.89
N HIS A 107 -7.76 -10.79 -4.09
CA HIS A 107 -7.83 -11.03 -2.63
C HIS A 107 -8.87 -10.14 -1.94
N ALA A 108 -8.88 -8.85 -2.29
CA ALA A 108 -9.87 -7.93 -1.75
C ALA A 108 -11.20 -8.19 -2.42
N GLY A 109 -11.16 -8.40 -3.72
CA GLY A 109 -12.36 -8.78 -4.45
C GLY A 109 -13.04 -7.59 -5.09
N VAL A 110 -12.91 -6.44 -4.47
CA VAL A 110 -13.51 -5.21 -4.97
C VAL A 110 -12.47 -4.38 -5.72
N PRO A 111 -12.91 -3.40 -6.52
CA PRO A 111 -12.01 -2.52 -7.27
C PRO A 111 -11.08 -1.73 -6.35
N CYS A 112 -9.88 -2.25 -6.16
CA CYS A 112 -8.89 -1.62 -5.29
C CYS A 112 -7.53 -1.57 -5.97
N ARG A 113 -6.69 -0.66 -5.51
CA ARG A 113 -5.39 -0.44 -6.11
C ARG A 113 -4.37 -0.11 -5.02
N ILE A 114 -3.21 -0.75 -5.08
CA ILE A 114 -2.15 -0.49 -4.11
C ILE A 114 -1.39 0.76 -4.49
N LEU A 115 -1.40 1.74 -3.60
CA LEU A 115 -0.82 3.05 -3.89
C LEU A 115 0.10 3.49 -2.76
N LYS A 116 1.04 4.37 -3.09
CA LYS A 116 1.96 4.90 -2.10
C LYS A 116 1.85 6.42 -2.03
N VAL A 117 1.87 6.97 -0.81
CA VAL A 117 1.84 8.41 -0.62
C VAL A 117 2.94 9.09 -1.44
N HIS A 118 2.59 10.19 -2.11
CA HIS A 118 3.52 10.90 -2.97
C HIS A 118 4.54 11.64 -2.12
N PRO A 119 5.84 11.32 -2.28
CA PRO A 119 6.92 11.87 -1.43
C PRO A 119 6.92 13.40 -1.34
N ASP A 120 6.35 14.05 -2.35
CA ASP A 120 6.24 15.51 -2.36
C ASP A 120 5.47 16.00 -1.15
N MET A 121 4.42 15.28 -0.80
CA MET A 121 3.58 15.63 0.34
C MET A 121 3.63 14.53 1.38
N ALA A 122 2.84 14.68 2.43
CA ALA A 122 2.81 13.71 3.50
C ALA A 122 1.48 13.81 4.25
N GLU A 123 1.41 13.11 5.37
CA GLU A 123 0.21 13.08 6.21
C GLU A 123 -0.95 12.40 5.49
N VAL A 124 -2.16 12.95 5.64
CA VAL A 124 -3.39 12.26 5.24
C VAL A 124 -3.56 11.03 6.12
N ARG A 125 -4.42 11.15 7.12
CA ARG A 125 -4.50 10.14 8.16
C ARG A 125 -5.79 9.32 8.05
N TRP A 126 -6.31 9.22 6.81
CA TRP A 126 -7.60 8.58 6.55
C TRP A 126 -8.72 9.51 7.06
N PRO A 127 -9.93 9.46 6.46
CA PRO A 127 -11.07 10.32 6.86
C PRO A 127 -11.38 10.28 8.37
N SER A 128 -10.89 9.25 9.06
CA SER A 128 -11.13 9.08 10.49
C SER A 128 -12.63 9.02 10.78
N LEU A 129 -13.33 8.23 9.97
CA LEU A 129 -14.76 8.07 10.06
C LEU A 129 -15.49 9.36 9.74
N GLU A 130 -15.61 9.65 8.44
CA GLU A 130 -16.35 10.79 7.90
C GLU A 130 -16.18 12.07 8.74
N MET A 1 14.96 -2.98 23.02
CA MET A 1 15.08 -3.64 21.69
C MET A 1 13.70 -4.00 21.15
N SER A 2 12.84 -4.52 22.03
CA SER A 2 11.46 -4.85 21.68
C SER A 2 11.40 -5.92 20.59
N THR A 3 10.27 -5.97 19.90
CA THR A 3 10.03 -6.94 18.84
C THR A 3 11.06 -6.83 17.72
N THR A 4 11.60 -5.62 17.55
CA THR A 4 12.55 -5.34 16.49
C THR A 4 11.86 -5.49 15.12
N ALA A 5 10.55 -5.32 15.12
CA ALA A 5 9.75 -5.40 13.92
C ALA A 5 9.36 -4.00 13.45
N TYR A 6 9.54 -3.75 12.17
CA TYR A 6 9.26 -2.44 11.59
C TYR A 6 8.07 -2.53 10.65
N GLN A 7 7.22 -1.52 10.65
CA GLN A 7 6.05 -1.50 9.79
C GLN A 7 6.31 -0.63 8.56
N PRO A 8 6.69 -1.25 7.43
CA PRO A 8 6.87 -0.54 6.15
C PRO A 8 5.54 -0.23 5.50
N ILE A 9 4.74 -1.28 5.31
CA ILE A 9 3.48 -1.19 4.60
C ILE A 9 2.30 -1.29 5.57
N ALA A 10 1.19 -0.66 5.22
CA ALA A 10 0.03 -0.57 6.09
C ALA A 10 -0.71 -1.90 6.19
N GLU A 11 -1.09 -2.45 5.05
CA GLU A 11 -1.89 -3.66 4.96
C GLU A 11 -1.23 -4.83 5.70
N CYS A 12 0.03 -5.09 5.36
CA CYS A 12 0.74 -6.21 5.95
C CYS A 12 1.06 -5.96 7.41
N GLY A 13 1.59 -4.78 7.71
CA GLY A 13 1.93 -4.46 9.07
C GLY A 13 3.42 -4.51 9.33
N ALA A 14 3.81 -5.26 10.36
CA ALA A 14 5.19 -5.30 10.81
C ALA A 14 5.99 -6.40 10.11
N THR A 15 7.22 -6.06 9.77
CA THR A 15 8.16 -7.00 9.18
C THR A 15 9.31 -7.25 10.15
N THR A 16 9.75 -8.50 10.26
CA THR A 16 10.81 -8.87 11.17
C THR A 16 12.21 -8.72 10.54
N GLN A 17 12.34 -7.76 9.64
CA GLN A 17 13.60 -7.50 8.96
C GLN A 17 14.08 -6.09 9.26
N SER A 18 15.36 -5.94 9.55
CA SER A 18 15.92 -4.63 9.92
C SER A 18 15.86 -3.65 8.75
N GLU A 19 15.92 -4.18 7.53
CA GLU A 19 15.88 -3.36 6.33
C GLU A 19 14.56 -2.64 6.17
N ALA A 20 13.51 -3.18 6.80
CA ALA A 20 12.16 -2.64 6.67
C ALA A 20 12.09 -1.19 7.11
N ALA A 21 12.94 -0.83 8.07
CA ALA A 21 12.96 0.53 8.62
C ALA A 21 13.37 1.55 7.56
N ALA A 22 14.10 1.10 6.55
CA ALA A 22 14.61 2.01 5.52
C ALA A 22 13.65 2.10 4.35
N TYR A 23 12.70 1.17 4.26
CA TYR A 23 11.78 1.14 3.13
C TYR A 23 10.35 1.48 3.54
N GLN A 24 10.15 1.73 4.82
CA GLN A 24 8.82 2.09 5.31
C GLN A 24 8.41 3.46 4.78
N LYS A 25 7.11 3.65 4.63
CA LYS A 25 6.53 4.88 4.08
C LYS A 25 5.03 4.90 4.37
N ARG A 26 4.34 5.93 3.92
CA ARG A 26 2.89 5.95 3.97
C ARG A 26 2.33 5.17 2.78
N TRP A 27 2.36 3.86 2.94
CA TRP A 27 1.92 2.93 1.93
C TRP A 27 0.53 2.45 2.28
N LEU A 28 -0.32 2.17 1.28
CA LEU A 28 -1.64 1.64 1.55
C LEU A 28 -2.39 1.25 0.28
N VAL A 29 -3.60 0.75 0.47
CA VAL A 29 -4.48 0.43 -0.64
C VAL A 29 -5.65 1.38 -0.64
N ALA A 30 -6.01 1.88 -1.82
CA ALA A 30 -7.20 2.67 -1.95
C ALA A 30 -8.09 2.07 -3.02
N ASN A 31 -9.39 2.15 -2.82
CA ASN A 31 -10.33 1.56 -3.75
C ASN A 31 -10.44 2.46 -4.98
N ASP A 32 -10.57 1.83 -6.15
CA ASP A 32 -10.49 2.52 -7.45
C ASP A 32 -11.36 3.78 -7.52
N ALA A 33 -12.41 3.84 -6.71
CA ALA A 33 -13.29 5.01 -6.65
C ALA A 33 -12.52 6.28 -6.32
N GLY A 34 -11.34 6.11 -5.76
CA GLY A 34 -10.55 7.25 -5.33
C GLY A 34 -10.60 7.39 -3.83
N GLN A 35 -10.99 6.31 -3.17
CA GLN A 35 -11.22 6.33 -1.75
C GLN A 35 -10.19 5.49 -1.00
N TRP A 36 -9.55 6.07 0.00
CA TRP A 36 -8.62 5.34 0.87
C TRP A 36 -9.33 4.15 1.51
N LEU A 37 -8.79 2.96 1.30
CA LEU A 37 -9.37 1.76 1.85
C LEU A 37 -8.93 1.60 3.29
N ASN A 38 -9.72 0.92 4.10
CA ASN A 38 -9.44 0.85 5.53
C ASN A 38 -9.74 -0.54 6.05
N ARG A 39 -9.24 -0.85 7.25
CA ARG A 39 -9.52 -2.12 7.90
C ARG A 39 -10.99 -2.18 8.31
N ASP A 40 -11.58 -1.01 8.51
CA ASP A 40 -13.00 -0.91 8.82
C ASP A 40 -13.82 -1.18 7.56
N LEU A 41 -13.22 -0.90 6.42
CA LEU A 41 -13.89 -1.11 5.14
C LEU A 41 -13.63 -2.54 4.66
N CYS A 42 -12.36 -2.92 4.65
CA CYS A 42 -11.95 -4.26 4.28
C CYS A 42 -10.99 -4.84 5.32
N PRO A 43 -11.53 -5.61 6.28
CA PRO A 43 -10.72 -6.23 7.35
C PRO A 43 -9.71 -7.22 6.80
N ARG A 44 -10.04 -7.83 5.67
CA ARG A 44 -9.20 -8.83 5.05
C ARG A 44 -7.90 -8.23 4.52
N LEU A 45 -7.87 -6.91 4.43
CA LEU A 45 -6.70 -6.20 3.91
C LEU A 45 -5.56 -6.22 4.93
N ALA A 46 -5.90 -6.38 6.19
CA ALA A 46 -4.89 -6.49 7.24
C ALA A 46 -4.21 -7.86 7.16
N GLU A 47 -4.80 -8.77 6.39
CA GLU A 47 -4.24 -10.09 6.22
C GLU A 47 -3.34 -10.15 5.00
N VAL A 48 -2.36 -9.26 4.97
CA VAL A 48 -1.33 -9.31 3.95
C VAL A 48 0.01 -9.69 4.58
N SER A 49 0.72 -10.62 3.96
CA SER A 49 2.04 -11.00 4.43
C SER A 49 3.10 -10.31 3.58
N VAL A 50 4.24 -10.02 4.19
CA VAL A 50 5.21 -9.17 3.57
C VAL A 50 6.63 -9.69 3.76
N GLU A 51 7.49 -9.44 2.78
CA GLU A 51 8.87 -9.85 2.82
C GLU A 51 9.70 -8.88 1.98
N LEU A 52 10.88 -8.53 2.45
CA LEU A 52 11.73 -7.60 1.73
C LEU A 52 12.90 -8.30 1.08
N ARG A 53 13.02 -8.08 -0.22
CA ARG A 53 14.13 -8.57 -1.01
C ARG A 53 14.92 -7.35 -1.49
N MET A 54 16.22 -7.52 -1.76
CA MET A 54 17.04 -6.38 -2.16
C MET A 54 16.51 -5.74 -3.45
N GLY A 55 15.77 -4.64 -3.28
CA GLY A 55 15.23 -3.93 -4.41
C GLY A 55 13.81 -4.33 -4.74
N TYR A 56 13.25 -5.26 -3.99
CA TYR A 56 11.90 -5.75 -4.28
C TYR A 56 11.13 -6.03 -2.99
N LEU A 57 9.88 -5.64 -2.99
CA LEU A 57 8.98 -5.91 -1.89
C LEU A 57 8.10 -7.10 -2.25
N VAL A 58 8.28 -8.19 -1.51
CA VAL A 58 7.59 -9.44 -1.79
C VAL A 58 6.35 -9.57 -0.92
N LEU A 59 5.21 -9.19 -1.47
CA LEU A 59 3.94 -9.37 -0.78
C LEU A 59 3.38 -10.74 -1.07
N LYS A 60 2.75 -11.35 -0.08
CA LYS A 60 2.14 -12.66 -0.25
C LYS A 60 0.81 -12.68 0.48
N ALA A 61 -0.25 -13.15 -0.17
CA ALA A 61 -1.57 -13.09 0.47
C ALA A 61 -2.15 -14.48 0.73
N PRO A 62 -2.88 -14.64 1.84
CA PRO A 62 -3.64 -15.86 2.09
C PRO A 62 -4.69 -16.06 1.00
N GLY A 63 -4.36 -16.89 0.03
CA GLY A 63 -5.26 -17.12 -1.09
C GLY A 63 -4.68 -16.62 -2.39
N MET A 64 -3.88 -15.55 -2.32
CA MET A 64 -3.32 -14.95 -3.53
C MET A 64 -1.80 -15.06 -3.51
N LEU A 65 -1.23 -15.07 -4.68
CA LEU A 65 0.18 -15.36 -4.86
C LEU A 65 1.07 -14.23 -4.29
N ARG A 66 2.27 -14.13 -4.84
CA ARG A 66 3.22 -13.10 -4.44
C ARG A 66 3.11 -11.89 -5.35
N LEU A 67 3.31 -10.73 -4.77
CA LEU A 67 3.31 -9.48 -5.51
C LEU A 67 4.65 -8.79 -5.32
N ASP A 68 5.39 -8.66 -6.40
CA ASP A 68 6.74 -8.08 -6.34
C ASP A 68 6.69 -6.60 -6.67
N ILE A 69 6.76 -5.77 -5.65
CA ILE A 69 6.78 -4.33 -5.83
C ILE A 69 8.22 -3.82 -5.78
N PRO A 70 8.71 -3.25 -6.89
CA PRO A 70 10.09 -2.76 -6.97
C PRO A 70 10.35 -1.64 -5.97
N LEU A 71 11.29 -1.86 -5.07
CA LEU A 71 11.64 -0.86 -4.07
C LEU A 71 12.61 0.15 -4.66
N ASP A 72 13.34 -0.28 -5.67
CA ASP A 72 14.29 0.58 -6.37
C ASP A 72 13.92 0.70 -7.83
N VAL A 73 13.45 1.88 -8.21
CA VAL A 73 13.07 2.14 -9.59
C VAL A 73 13.76 3.40 -10.10
N ILE A 74 14.35 3.30 -11.28
CA ILE A 74 14.95 4.46 -11.92
C ILE A 74 13.91 5.23 -12.72
N GLU A 75 13.68 4.82 -13.94
CA GLU A 75 12.58 5.35 -14.73
C GLU A 75 11.59 4.25 -15.06
N ASP A 76 11.59 3.23 -14.21
CA ASP A 76 10.57 2.18 -14.25
C ASP A 76 9.29 2.74 -13.67
N ASP A 77 9.38 3.94 -13.13
CA ASP A 77 8.29 4.57 -12.44
C ASP A 77 7.38 5.31 -13.42
N ASP A 78 6.72 4.55 -14.28
CA ASP A 78 5.64 5.08 -15.11
C ASP A 78 4.34 4.89 -14.37
N SER A 79 4.49 4.58 -13.09
CA SER A 79 3.39 4.40 -12.17
C SER A 79 2.46 5.60 -12.23
N VAL A 80 1.18 5.32 -12.32
CA VAL A 80 0.19 6.35 -12.52
C VAL A 80 -0.13 7.07 -11.23
N ARG A 81 0.14 8.37 -11.20
CA ARG A 81 -0.15 9.18 -10.04
C ARG A 81 -1.59 9.69 -10.11
N TYR A 82 -2.40 9.21 -9.19
CA TYR A 82 -3.81 9.58 -9.16
C TYR A 82 -4.05 10.63 -8.09
N GLN A 83 -4.79 11.67 -8.45
CA GLN A 83 -5.26 12.63 -7.47
C GLN A 83 -6.49 12.05 -6.78
N MET A 84 -6.27 11.50 -5.60
CA MET A 84 -7.29 10.75 -4.91
C MET A 84 -8.10 11.67 -4.01
N LEU A 85 -9.34 11.30 -3.75
CA LEU A 85 -10.22 12.13 -2.97
C LEU A 85 -10.57 11.41 -1.69
N VAL A 86 -9.72 11.59 -0.70
CA VAL A 86 -9.90 10.96 0.60
C VAL A 86 -10.97 11.70 1.38
N GLY A 87 -12.22 11.35 1.12
CA GLY A 87 -13.33 12.07 1.73
C GLY A 87 -13.60 13.37 1.01
N GLU A 88 -12.78 14.36 1.31
CA GLU A 88 -12.82 15.65 0.62
C GLU A 88 -11.41 16.21 0.45
N GLN A 89 -10.41 15.36 0.63
CA GLN A 89 -9.03 15.79 0.54
C GLN A 89 -8.35 15.21 -0.69
N THR A 90 -8.08 16.07 -1.66
CA THR A 90 -7.42 15.67 -2.90
C THR A 90 -5.91 15.57 -2.68
N VAL A 91 -5.39 14.36 -2.78
CA VAL A 91 -3.97 14.12 -2.54
C VAL A 91 -3.38 13.22 -3.62
N ASP A 92 -2.05 13.27 -3.77
CA ASP A 92 -1.36 12.55 -4.84
C ASP A 92 -0.93 11.17 -4.37
N VAL A 93 -1.52 10.14 -4.94
CA VAL A 93 -1.15 8.77 -4.64
C VAL A 93 -0.67 8.05 -5.89
N VAL A 94 0.40 7.30 -5.76
CA VAL A 94 1.00 6.65 -6.91
C VAL A 94 0.57 5.18 -6.99
N ASP A 95 0.10 4.78 -8.16
CA ASP A 95 -0.25 3.39 -8.41
C ASP A 95 1.00 2.55 -8.57
N GLU A 96 1.17 1.57 -7.70
CA GLU A 96 2.36 0.73 -7.71
C GLU A 96 2.33 -0.25 -8.88
N GLY A 97 1.19 -0.30 -9.58
CA GLY A 97 1.11 -1.12 -10.77
C GLY A 97 -0.25 -1.76 -10.95
N GLU A 98 -0.66 -1.91 -12.20
CA GLU A 98 -1.92 -2.55 -12.54
C GLU A 98 -1.92 -4.01 -12.08
N LEU A 99 -0.73 -4.59 -12.06
CA LEU A 99 -0.58 -5.96 -11.58
C LEU A 99 -0.84 -6.03 -10.09
N ALA A 100 -0.47 -4.97 -9.39
CA ALA A 100 -0.70 -4.87 -7.96
C ALA A 100 -2.19 -4.69 -7.67
N ALA A 101 -2.83 -3.87 -8.49
CA ALA A 101 -4.27 -3.67 -8.39
C ALA A 101 -5.01 -4.98 -8.60
N ALA A 102 -4.55 -5.76 -9.58
CA ALA A 102 -5.14 -7.07 -9.86
C ALA A 102 -4.96 -8.01 -8.67
N TRP A 103 -3.78 -7.99 -8.07
CA TRP A 103 -3.46 -8.82 -6.92
C TRP A 103 -4.47 -8.57 -5.78
N ILE A 104 -4.85 -7.32 -5.60
CA ILE A 104 -5.81 -6.97 -4.55
C ILE A 104 -7.25 -7.05 -5.04
N SER A 105 -7.48 -6.88 -6.34
CA SER A 105 -8.83 -7.09 -6.87
C SER A 105 -9.19 -8.56 -6.73
N ASN A 106 -8.19 -9.39 -6.46
CA ASN A 106 -8.40 -10.78 -6.09
C ASN A 106 -8.54 -10.92 -4.58
N HIS A 107 -7.55 -10.39 -3.84
CA HIS A 107 -7.50 -10.53 -2.39
C HIS A 107 -8.66 -9.82 -1.70
N ALA A 108 -9.01 -8.63 -2.17
CA ALA A 108 -10.13 -7.88 -1.64
C ALA A 108 -11.39 -8.20 -2.42
N GLY A 109 -11.23 -8.43 -3.71
CA GLY A 109 -12.35 -8.86 -4.53
C GLY A 109 -12.96 -7.72 -5.32
N VAL A 110 -12.89 -6.53 -4.76
CA VAL A 110 -13.40 -5.34 -5.41
C VAL A 110 -12.24 -4.50 -5.93
N PRO A 111 -12.49 -3.64 -6.95
CA PRO A 111 -11.45 -2.80 -7.55
C PRO A 111 -10.73 -1.93 -6.52
N CYS A 112 -9.58 -2.40 -6.08
CA CYS A 112 -8.74 -1.67 -5.16
C CYS A 112 -7.33 -1.60 -5.71
N ARG A 113 -6.63 -0.53 -5.43
CA ARG A 113 -5.34 -0.28 -6.05
C ARG A 113 -4.27 -0.02 -5.00
N ILE A 114 -3.14 -0.72 -5.13
CA ILE A 114 -1.99 -0.48 -4.26
C ILE A 114 -1.41 0.89 -4.57
N LEU A 115 -1.41 1.77 -3.58
CA LEU A 115 -1.02 3.14 -3.82
C LEU A 115 -0.05 3.66 -2.77
N LYS A 116 1.03 4.24 -3.24
CA LYS A 116 2.03 4.84 -2.37
C LYS A 116 1.88 6.35 -2.42
N VAL A 117 1.63 6.96 -1.25
CA VAL A 117 1.42 8.40 -1.18
C VAL A 117 2.70 9.14 -1.62
N HIS A 118 2.53 10.12 -2.50
CA HIS A 118 3.66 10.90 -2.99
C HIS A 118 4.20 11.76 -1.85
N PRO A 119 5.54 11.88 -1.73
CA PRO A 119 6.19 12.65 -0.65
C PRO A 119 5.66 14.08 -0.47
N ASP A 120 4.94 14.58 -1.47
CA ASP A 120 4.30 15.88 -1.37
C ASP A 120 3.31 15.91 -0.22
N MET A 121 2.68 14.78 0.02
CA MET A 121 1.73 14.67 1.11
C MET A 121 2.27 13.72 2.17
N ALA A 122 2.35 14.21 3.39
CA ALA A 122 2.81 13.42 4.51
C ALA A 122 1.79 13.49 5.63
N GLU A 123 0.53 13.53 5.24
CA GLU A 123 -0.56 13.65 6.18
C GLU A 123 -1.71 12.74 5.72
N VAL A 124 -2.94 13.25 5.73
CA VAL A 124 -4.12 12.48 5.35
C VAL A 124 -4.37 11.37 6.36
N ARG A 125 -5.22 11.65 7.32
CA ARG A 125 -5.48 10.73 8.42
C ARG A 125 -6.77 9.95 8.18
N TRP A 126 -7.19 9.90 6.90
CA TRP A 126 -8.45 9.24 6.52
C TRP A 126 -9.63 10.08 7.03
N PRO A 127 -10.81 10.04 6.35
CA PRO A 127 -12.01 10.76 6.79
C PRO A 127 -12.17 10.76 8.31
N SER A 128 -12.20 11.96 8.87
CA SER A 128 -12.14 12.13 10.31
C SER A 128 -13.54 12.27 10.90
N LEU A 129 -14.47 11.47 10.38
CA LEU A 129 -15.82 11.44 10.93
C LEU A 129 -15.78 11.01 12.40
N GLU A 130 -16.20 11.91 13.27
CA GLU A 130 -16.13 11.68 14.69
C GLU A 130 -17.19 10.67 15.14
N MET A 1 13.65 4.37 17.43
CA MET A 1 12.76 4.83 16.34
C MET A 1 11.72 3.77 16.01
N SER A 2 12.11 2.51 16.09
CA SER A 2 11.23 1.42 15.75
C SER A 2 11.16 0.39 16.87
N THR A 3 10.25 -0.57 16.74
CA THR A 3 10.08 -1.61 17.74
C THR A 3 9.51 -2.88 17.11
N THR A 4 10.02 -4.03 17.56
CA THR A 4 9.54 -5.36 17.14
C THR A 4 9.24 -5.40 15.62
N ALA A 5 8.14 -6.03 15.26
CA ALA A 5 7.67 -6.05 13.89
C ALA A 5 7.47 -4.63 13.37
N TYR A 6 8.26 -4.26 12.37
CA TYR A 6 8.23 -2.90 11.82
C TYR A 6 7.17 -2.82 10.74
N GLN A 7 6.35 -1.77 10.78
CA GLN A 7 5.26 -1.62 9.82
C GLN A 7 5.59 -0.56 8.77
N PRO A 8 6.13 -0.98 7.62
CA PRO A 8 6.46 -0.09 6.51
C PRO A 8 5.28 0.12 5.58
N ILE A 9 4.57 -0.97 5.28
CA ILE A 9 3.43 -0.93 4.38
C ILE A 9 2.13 -0.91 5.18
N ALA A 10 1.12 -0.20 4.70
CA ALA A 10 -0.11 0.03 5.45
C ALA A 10 -0.96 -1.23 5.54
N GLU A 11 -1.59 -1.59 4.43
CA GLU A 11 -2.46 -2.76 4.36
C GLU A 11 -1.70 -4.02 4.72
N CYS A 12 -0.54 -4.20 4.09
CA CYS A 12 0.30 -5.35 4.35
C CYS A 12 0.64 -5.47 5.83
N GLY A 13 1.03 -4.36 6.44
CA GLY A 13 1.27 -4.36 7.87
C GLY A 13 2.74 -4.46 8.23
N ALA A 14 3.02 -5.21 9.28
CA ALA A 14 4.35 -5.26 9.85
C ALA A 14 5.18 -6.40 9.30
N THR A 15 6.49 -6.20 9.31
CA THR A 15 7.44 -7.21 8.86
C THR A 15 8.47 -7.47 9.95
N THR A 16 8.82 -8.73 10.12
CA THR A 16 9.75 -9.14 11.18
C THR A 16 11.21 -9.06 10.72
N GLN A 17 11.47 -8.23 9.73
CA GLN A 17 12.83 -8.08 9.22
C GLN A 17 13.34 -6.67 9.48
N SER A 18 14.63 -6.56 9.75
CA SER A 18 15.25 -5.30 10.13
C SER A 18 15.13 -4.25 9.01
N GLU A 19 15.20 -4.72 7.77
CA GLU A 19 15.11 -3.86 6.59
C GLU A 19 13.87 -2.98 6.63
N ALA A 20 12.79 -3.50 7.19
CA ALA A 20 11.51 -2.81 7.20
C ALA A 20 11.60 -1.48 7.96
N ALA A 21 12.51 -1.41 8.91
CA ALA A 21 12.69 -0.23 9.75
C ALA A 21 13.31 0.92 8.98
N ALA A 22 13.64 0.69 7.71
CA ALA A 22 14.22 1.73 6.87
C ALA A 22 13.52 1.82 5.52
N TYR A 23 12.30 1.28 5.42
CA TYR A 23 11.59 1.26 4.14
C TYR A 23 10.13 1.62 4.35
N GLN A 24 9.85 2.16 5.50
CA GLN A 24 8.52 2.61 5.85
C GLN A 24 8.11 3.76 4.94
N LYS A 25 6.83 3.79 4.58
CA LYS A 25 6.30 4.72 3.59
C LYS A 25 4.80 4.82 3.73
N ARG A 26 4.21 5.82 3.09
CA ARG A 26 2.76 5.99 3.12
C ARG A 26 2.12 5.17 2.02
N TRP A 27 1.93 3.90 2.30
CA TRP A 27 1.25 3.01 1.37
C TRP A 27 -0.25 3.06 1.59
N LEU A 28 -1.02 2.77 0.55
CA LEU A 28 -2.47 2.86 0.65
C LEU A 28 -3.12 2.05 -0.48
N VAL A 29 -4.41 1.77 -0.33
CA VAL A 29 -5.21 1.14 -1.37
C VAL A 29 -6.44 2.00 -1.64
N ALA A 30 -6.79 2.18 -2.90
CA ALA A 30 -7.96 2.96 -3.25
C ALA A 30 -9.02 2.06 -3.86
N ASN A 31 -10.25 2.22 -3.40
CA ASN A 31 -11.37 1.51 -4.03
C ASN A 31 -11.79 2.26 -5.30
N ASP A 32 -12.79 1.74 -6.01
CA ASP A 32 -13.24 2.30 -7.29
C ASP A 32 -13.38 3.83 -7.24
N ALA A 33 -13.91 4.35 -6.13
CA ALA A 33 -14.17 5.78 -5.99
C ALA A 33 -12.90 6.61 -5.77
N GLY A 34 -11.76 5.96 -5.64
CA GLY A 34 -10.52 6.66 -5.37
C GLY A 34 -10.40 7.04 -3.90
N GLN A 35 -11.28 6.47 -3.09
CA GLN A 35 -11.29 6.73 -1.66
C GLN A 35 -10.30 5.81 -0.94
N TRP A 36 -9.69 6.36 0.10
CA TRP A 36 -8.77 5.62 0.97
C TRP A 36 -9.42 4.35 1.51
N LEU A 37 -8.79 3.21 1.24
CA LEU A 37 -9.21 1.96 1.83
C LEU A 37 -8.22 1.59 2.92
N ASN A 38 -8.72 1.25 4.09
CA ASN A 38 -7.87 1.00 5.24
C ASN A 38 -8.07 -0.39 5.82
N ARG A 39 -7.20 -0.76 6.74
CA ARG A 39 -7.33 -2.02 7.46
C ARG A 39 -8.49 -1.91 8.43
N ASP A 40 -8.87 -0.67 8.72
CA ASP A 40 -10.01 -0.37 9.57
C ASP A 40 -11.30 -0.73 8.84
N LEU A 41 -11.23 -0.69 7.52
CA LEU A 41 -12.38 -0.95 6.68
C LEU A 41 -12.41 -2.40 6.25
N CYS A 42 -11.27 -2.90 5.78
CA CYS A 42 -11.17 -4.27 5.33
C CYS A 42 -10.05 -5.00 6.05
N PRO A 43 -10.40 -5.78 7.10
CA PRO A 43 -9.43 -6.56 7.88
C PRO A 43 -8.75 -7.62 7.01
N ARG A 44 -9.47 -8.13 6.02
CA ARG A 44 -8.93 -9.10 5.08
C ARG A 44 -7.74 -8.52 4.33
N LEU A 45 -7.75 -7.21 4.13
CA LEU A 45 -6.67 -6.53 3.43
C LEU A 45 -5.43 -6.47 4.31
N ALA A 46 -5.65 -6.46 5.62
CA ALA A 46 -4.56 -6.49 6.58
C ALA A 46 -3.88 -7.86 6.62
N GLU A 47 -4.52 -8.84 6.00
CA GLU A 47 -4.02 -10.21 6.00
C GLU A 47 -3.01 -10.44 4.86
N VAL A 48 -2.17 -9.45 4.60
CA VAL A 48 -1.08 -9.61 3.64
C VAL A 48 0.19 -10.07 4.35
N SER A 49 0.83 -11.10 3.81
CA SER A 49 2.10 -11.58 4.35
C SER A 49 3.24 -10.80 3.69
N VAL A 50 3.97 -10.05 4.49
CA VAL A 50 4.99 -9.15 3.96
C VAL A 50 6.38 -9.76 4.03
N GLU A 51 7.18 -9.46 3.04
CA GLU A 51 8.57 -9.86 3.02
C GLU A 51 9.38 -8.81 2.27
N LEU A 52 10.60 -8.56 2.72
CA LEU A 52 11.46 -7.58 2.06
C LEU A 52 12.76 -8.23 1.66
N ARG A 53 13.13 -8.03 0.42
CA ARG A 53 14.39 -8.51 -0.09
C ARG A 53 15.20 -7.31 -0.55
N MET A 54 16.52 -7.44 -0.60
CA MET A 54 17.36 -6.33 -1.05
C MET A 54 17.00 -5.91 -2.47
N GLY A 55 16.21 -4.86 -2.58
CA GLY A 55 15.81 -4.35 -3.87
C GLY A 55 14.36 -4.67 -4.23
N TYR A 56 13.72 -5.56 -3.48
CA TYR A 56 12.38 -6.01 -3.84
C TYR A 56 11.47 -6.13 -2.63
N LEU A 57 10.24 -5.67 -2.82
CA LEU A 57 9.20 -5.84 -1.82
C LEU A 57 8.38 -7.08 -2.17
N VAL A 58 8.53 -8.11 -1.35
CA VAL A 58 7.92 -9.39 -1.64
C VAL A 58 6.59 -9.53 -0.90
N LEU A 59 5.51 -9.23 -1.59
CA LEU A 59 4.19 -9.44 -1.04
C LEU A 59 3.72 -10.85 -1.36
N LYS A 60 2.87 -11.39 -0.51
CA LYS A 60 2.22 -12.66 -0.76
C LYS A 60 0.98 -12.75 0.11
N ALA A 61 -0.10 -13.33 -0.38
CA ALA A 61 -1.34 -13.29 0.40
C ALA A 61 -2.02 -14.64 0.52
N PRO A 62 -2.70 -14.90 1.64
CA PRO A 62 -3.59 -16.04 1.76
C PRO A 62 -4.67 -15.99 0.70
N GLY A 63 -4.51 -16.80 -0.35
CA GLY A 63 -5.45 -16.79 -1.45
C GLY A 63 -4.86 -16.18 -2.70
N MET A 64 -3.66 -15.62 -2.59
CA MET A 64 -2.96 -15.03 -3.72
C MET A 64 -1.47 -15.34 -3.67
N LEU A 65 -0.85 -15.39 -4.84
CA LEU A 65 0.57 -15.69 -4.92
C LEU A 65 1.42 -14.54 -4.37
N ARG A 66 2.69 -14.52 -4.78
CA ARG A 66 3.58 -13.42 -4.46
C ARG A 66 3.34 -12.23 -5.39
N LEU A 67 3.57 -11.05 -4.87
CA LEU A 67 3.56 -9.83 -5.67
C LEU A 67 4.91 -9.15 -5.56
N ASP A 68 5.69 -9.21 -6.62
CA ASP A 68 7.05 -8.70 -6.60
C ASP A 68 7.09 -7.25 -7.05
N ILE A 69 7.32 -6.36 -6.10
CA ILE A 69 7.41 -4.93 -6.38
C ILE A 69 8.81 -4.41 -6.08
N PRO A 70 9.53 -3.92 -7.10
CA PRO A 70 10.85 -3.31 -6.92
C PRO A 70 10.82 -2.16 -5.91
N LEU A 71 11.75 -2.16 -4.96
CA LEU A 71 11.80 -1.14 -3.93
C LEU A 71 12.20 0.21 -4.50
N ASP A 72 13.07 0.18 -5.50
CA ASP A 72 13.52 1.39 -6.14
C ASP A 72 12.56 1.81 -7.25
N VAL A 73 11.70 2.77 -6.94
CA VAL A 73 10.76 3.30 -7.91
C VAL A 73 11.25 4.64 -8.42
N ILE A 74 11.35 4.75 -9.73
CA ILE A 74 11.87 5.98 -10.35
C ILE A 74 10.77 7.03 -10.44
N GLU A 75 11.18 8.27 -10.65
CA GLU A 75 10.28 9.40 -10.71
C GLU A 75 10.48 10.15 -12.03
N ASP A 76 10.46 9.39 -13.11
CA ASP A 76 10.72 9.93 -14.44
C ASP A 76 9.44 10.48 -15.06
N ASP A 77 8.71 9.63 -15.78
CA ASP A 77 7.45 10.03 -16.39
C ASP A 77 6.39 8.94 -16.24
N ASP A 78 6.84 7.71 -16.03
CA ASP A 78 5.96 6.57 -15.88
C ASP A 78 5.30 6.55 -14.51
N SER A 79 5.65 7.51 -13.67
CA SER A 79 5.05 7.66 -12.37
C SER A 79 3.63 8.22 -12.50
N VAL A 80 2.66 7.32 -12.49
CA VAL A 80 1.26 7.72 -12.62
C VAL A 80 0.78 8.41 -11.36
N ARG A 81 0.48 9.69 -11.48
CA ARG A 81 -0.06 10.46 -10.37
C ARG A 81 -1.57 10.35 -10.34
N TYR A 82 -2.07 9.66 -9.34
CA TYR A 82 -3.49 9.43 -9.17
C TYR A 82 -4.03 10.39 -8.12
N GLN A 83 -5.14 11.04 -8.44
CA GLN A 83 -5.78 11.93 -7.48
C GLN A 83 -6.57 11.14 -6.47
N MET A 84 -6.00 11.04 -5.27
CA MET A 84 -6.58 10.27 -4.20
C MET A 84 -7.59 11.11 -3.46
N LEU A 85 -8.65 10.51 -2.96
CA LEU A 85 -9.68 11.25 -2.30
C LEU A 85 -9.93 10.70 -0.91
N VAL A 86 -9.23 11.27 0.05
CA VAL A 86 -9.40 10.91 1.44
C VAL A 86 -10.64 11.61 2.00
N GLY A 87 -11.80 11.00 1.78
CA GLY A 87 -13.05 11.62 2.18
C GLY A 87 -13.40 12.76 1.24
N GLU A 88 -12.70 13.87 1.39
CA GLU A 88 -12.86 15.00 0.50
C GLU A 88 -11.49 15.64 0.23
N GLN A 89 -10.44 15.02 0.74
CA GLN A 89 -9.11 15.58 0.60
C GLN A 89 -8.44 15.03 -0.65
N THR A 90 -8.27 15.88 -1.65
CA THR A 90 -7.62 15.48 -2.89
C THR A 90 -6.11 15.57 -2.75
N VAL A 91 -5.46 14.44 -2.83
CA VAL A 91 -4.01 14.38 -2.67
C VAL A 91 -3.38 13.50 -3.74
N ASP A 92 -2.19 13.88 -4.19
CA ASP A 92 -1.50 13.17 -5.26
C ASP A 92 -0.80 11.92 -4.73
N VAL A 93 -1.19 10.77 -5.27
CA VAL A 93 -0.53 9.51 -4.95
C VAL A 93 -0.02 8.85 -6.22
N VAL A 94 1.01 8.04 -6.11
CA VAL A 94 1.56 7.36 -7.27
C VAL A 94 1.00 5.95 -7.38
N ASP A 95 0.49 5.63 -8.56
CA ASP A 95 -0.07 4.31 -8.83
C ASP A 95 1.05 3.28 -8.93
N GLU A 96 0.91 2.20 -8.19
CA GLU A 96 1.91 1.15 -8.17
C GLU A 96 1.71 0.22 -9.37
N GLY A 97 0.51 0.24 -9.94
CA GLY A 97 0.23 -0.57 -11.11
C GLY A 97 -0.94 -1.51 -10.89
N GLU A 98 -1.56 -1.93 -11.99
CA GLU A 98 -2.73 -2.78 -11.93
C GLU A 98 -2.34 -4.24 -11.68
N LEU A 99 -1.04 -4.52 -11.67
CA LEU A 99 -0.57 -5.85 -11.28
C LEU A 99 -0.83 -6.02 -9.79
N ALA A 100 -0.61 -4.95 -9.04
CA ALA A 100 -0.91 -4.94 -7.62
C ALA A 100 -2.42 -4.86 -7.41
N ALA A 101 -3.09 -4.10 -8.28
CA ALA A 101 -4.54 -3.98 -8.25
C ALA A 101 -5.21 -5.34 -8.41
N ALA A 102 -4.85 -6.08 -9.45
CA ALA A 102 -5.43 -7.39 -9.71
C ALA A 102 -5.10 -8.37 -8.58
N TRP A 103 -3.87 -8.29 -8.09
CA TRP A 103 -3.44 -9.13 -6.98
C TRP A 103 -4.33 -8.92 -5.77
N ILE A 104 -4.80 -7.69 -5.57
CA ILE A 104 -5.65 -7.39 -4.42
C ILE A 104 -7.13 -7.46 -4.78
N SER A 105 -7.48 -7.30 -6.05
CA SER A 105 -8.87 -7.45 -6.45
C SER A 105 -9.30 -8.90 -6.26
N ASN A 106 -8.31 -9.79 -6.20
CA ASN A 106 -8.54 -11.19 -5.88
C ASN A 106 -8.51 -11.42 -4.37
N HIS A 107 -7.51 -10.86 -3.68
CA HIS A 107 -7.35 -11.06 -2.24
C HIS A 107 -8.37 -10.23 -1.44
N ALA A 108 -8.48 -8.95 -1.77
CA ALA A 108 -9.44 -8.07 -1.12
C ALA A 108 -10.84 -8.37 -1.65
N GLY A 109 -10.92 -8.63 -2.95
CA GLY A 109 -12.16 -9.08 -3.55
C GLY A 109 -12.90 -7.97 -4.28
N VAL A 110 -12.64 -6.74 -3.90
CA VAL A 110 -13.30 -5.59 -4.51
C VAL A 110 -12.37 -4.89 -5.49
N PRO A 111 -12.92 -4.10 -6.42
CA PRO A 111 -12.11 -3.33 -7.38
C PRO A 111 -11.33 -2.22 -6.68
N CYS A 112 -10.11 -2.55 -6.27
CA CYS A 112 -9.25 -1.60 -5.59
C CYS A 112 -7.83 -1.65 -6.16
N ARG A 113 -7.09 -0.57 -5.97
CA ARG A 113 -5.74 -0.45 -6.53
C ARG A 113 -4.78 0.06 -5.46
N ILE A 114 -3.58 -0.53 -5.42
CA ILE A 114 -2.55 -0.10 -4.46
C ILE A 114 -1.90 1.19 -4.95
N LEU A 115 -1.84 2.19 -4.07
CA LEU A 115 -1.29 3.48 -4.42
C LEU A 115 -0.29 3.93 -3.34
N LYS A 116 0.77 4.58 -3.76
CA LYS A 116 1.79 5.04 -2.84
C LYS A 116 1.71 6.56 -2.69
N VAL A 117 1.49 7.04 -1.48
CA VAL A 117 1.42 8.48 -1.23
C VAL A 117 2.79 9.11 -1.50
N HIS A 118 2.85 9.99 -2.48
CA HIS A 118 4.10 10.62 -2.87
C HIS A 118 4.45 11.71 -1.87
N PRO A 119 5.72 11.75 -1.41
CA PRO A 119 6.19 12.71 -0.40
C PRO A 119 6.00 14.17 -0.77
N ASP A 120 5.54 14.45 -2.00
CA ASP A 120 5.16 15.81 -2.39
C ASP A 120 4.15 16.37 -1.40
N MET A 121 3.19 15.53 -1.07
CA MET A 121 2.13 15.90 -0.14
C MET A 121 2.49 15.48 1.27
N ALA A 122 2.75 14.18 1.44
CA ALA A 122 3.00 13.58 2.76
C ALA A 122 1.80 13.78 3.67
N GLU A 123 1.94 13.41 4.94
CA GLU A 123 0.86 13.55 5.91
C GLU A 123 -0.37 12.78 5.42
N VAL A 124 -1.55 13.34 5.65
CA VAL A 124 -2.81 12.77 5.17
C VAL A 124 -3.19 11.52 5.94
N ARG A 125 -4.28 11.61 6.68
CA ARG A 125 -4.82 10.46 7.38
C ARG A 125 -6.28 10.27 6.99
N TRP A 126 -6.72 9.00 7.01
CA TRP A 126 -8.12 8.64 6.82
C TRP A 126 -9.02 9.56 7.63
N PRO A 127 -10.19 9.95 7.08
CA PRO A 127 -11.13 10.88 7.73
C PRO A 127 -11.28 10.64 9.22
N SER A 128 -10.99 11.67 9.99
CA SER A 128 -10.94 11.55 11.43
C SER A 128 -12.28 11.96 12.03
N LEU A 129 -13.35 11.48 11.41
CA LEU A 129 -14.70 11.72 11.88
C LEU A 129 -15.03 10.83 13.08
N GLU A 130 -14.01 10.37 13.78
CA GLU A 130 -14.17 9.46 14.90
C GLU A 130 -14.87 10.15 16.06
N MET A 1 2.15 -4.64 21.72
CA MET A 1 3.53 -4.14 21.64
C MET A 1 4.39 -5.07 20.79
N SER A 2 4.33 -4.87 19.48
CA SER A 2 5.13 -5.66 18.57
C SER A 2 6.60 -5.24 18.64
N THR A 3 7.39 -6.05 19.32
CA THR A 3 8.79 -5.72 19.58
C THR A 3 9.60 -5.68 18.29
N THR A 4 10.15 -4.50 18.00
CA THR A 4 11.05 -4.30 16.87
C THR A 4 10.33 -4.60 15.54
N ALA A 5 9.04 -4.35 15.50
CA ALA A 5 8.26 -4.56 14.29
C ALA A 5 8.07 -3.24 13.55
N TYR A 6 8.56 -3.20 12.32
CA TYR A 6 8.49 -1.99 11.49
C TYR A 6 7.30 -2.10 10.55
N GLN A 7 6.60 -0.99 10.33
CA GLN A 7 5.42 -0.99 9.48
C GLN A 7 5.70 -0.34 8.12
N PRO A 8 6.02 -1.17 7.10
CA PRO A 8 6.27 -0.70 5.74
C PRO A 8 5.00 -0.24 5.03
N ILE A 9 4.07 -1.18 4.84
CA ILE A 9 2.80 -0.91 4.16
C ILE A 9 1.61 -1.03 5.12
N ALA A 10 0.49 -0.42 4.75
CA ALA A 10 -0.67 -0.29 5.63
C ALA A 10 -1.42 -1.62 5.85
N GLU A 11 -1.87 -2.25 4.76
CA GLU A 11 -2.74 -3.42 4.87
C GLU A 11 -2.02 -4.60 5.52
N CYS A 12 -0.79 -4.86 5.10
CA CYS A 12 -0.01 -5.96 5.67
C CYS A 12 0.39 -5.65 7.11
N GLY A 13 0.79 -4.41 7.37
CA GLY A 13 1.05 -4.00 8.73
C GLY A 13 2.52 -4.03 9.09
N ALA A 14 2.83 -4.70 10.18
CA ALA A 14 4.18 -4.69 10.72
C ALA A 14 4.98 -5.91 10.27
N THR A 15 6.27 -5.71 10.06
CA THR A 15 7.18 -6.78 9.70
C THR A 15 8.48 -6.62 10.49
N THR A 16 8.90 -7.69 11.16
CA THR A 16 10.12 -7.64 11.94
C THR A 16 11.34 -7.96 11.08
N GLN A 17 11.83 -6.93 10.40
CA GLN A 17 13.04 -7.04 9.59
C GLN A 17 13.78 -5.71 9.62
N SER A 18 15.06 -5.75 9.97
CA SER A 18 15.85 -4.53 10.15
C SER A 18 15.85 -3.65 8.90
N GLU A 19 15.68 -4.26 7.74
CA GLU A 19 15.72 -3.53 6.48
C GLU A 19 14.42 -2.76 6.24
N ALA A 20 13.34 -3.20 6.88
CA ALA A 20 12.03 -2.61 6.69
C ALA A 20 12.00 -1.16 7.18
N ALA A 21 12.83 -0.86 8.17
CA ALA A 21 12.85 0.46 8.79
C ALA A 21 13.22 1.56 7.80
N ALA A 22 13.88 1.18 6.71
CA ALA A 22 14.34 2.17 5.73
C ALA A 22 13.34 2.33 4.59
N TYR A 23 12.52 1.32 4.34
CA TYR A 23 11.65 1.32 3.18
C TYR A 23 10.19 1.51 3.57
N GLN A 24 9.94 1.72 4.86
CA GLN A 24 8.59 1.95 5.34
C GLN A 24 8.16 3.38 5.04
N LYS A 25 6.90 3.57 4.66
CA LYS A 25 6.40 4.88 4.23
C LYS A 25 4.88 4.90 4.25
N ARG A 26 4.29 5.95 3.69
CA ARG A 26 2.84 6.02 3.57
C ARG A 26 2.37 5.19 2.39
N TRP A 27 2.43 3.88 2.60
CA TRP A 27 2.00 2.91 1.61
C TRP A 27 0.62 2.41 2.02
N LEU A 28 -0.25 2.11 1.06
CA LEU A 28 -1.60 1.64 1.38
C LEU A 28 -2.38 1.27 0.13
N VAL A 29 -3.61 0.82 0.36
CA VAL A 29 -4.53 0.47 -0.72
C VAL A 29 -5.66 1.48 -0.76
N ALA A 30 -6.20 1.76 -1.94
CA ALA A 30 -7.33 2.67 -2.06
C ALA A 30 -8.37 2.06 -3.00
N ASN A 31 -9.62 2.49 -2.86
CA ASN A 31 -10.72 1.84 -3.58
C ASN A 31 -11.32 2.75 -4.65
N ASP A 32 -12.23 2.14 -5.42
CA ASP A 32 -12.92 2.79 -6.55
C ASP A 32 -13.45 4.18 -6.23
N ALA A 33 -13.89 4.40 -4.99
CA ALA A 33 -14.54 5.66 -4.61
C ALA A 33 -13.57 6.83 -4.55
N GLY A 34 -12.30 6.58 -4.86
CA GLY A 34 -11.29 7.61 -4.78
C GLY A 34 -10.82 7.80 -3.36
N GLN A 35 -11.25 6.90 -2.50
CA GLN A 35 -10.96 6.97 -1.08
C GLN A 35 -9.92 5.92 -0.71
N TRP A 36 -9.16 6.20 0.33
CA TRP A 36 -8.24 5.22 0.89
C TRP A 36 -9.00 4.02 1.45
N LEU A 37 -8.41 2.85 1.35
CA LEU A 37 -9.01 1.64 1.88
C LEU A 37 -8.40 1.35 3.25
N ASN A 38 -9.02 0.45 4.00
CA ASN A 38 -8.59 0.19 5.36
C ASN A 38 -8.83 -1.26 5.72
N ARG A 39 -8.13 -1.78 6.71
CA ARG A 39 -8.37 -3.12 7.21
C ARG A 39 -9.67 -3.13 8.02
N ASP A 40 -10.13 -1.95 8.37
CA ASP A 40 -11.42 -1.80 9.03
C ASP A 40 -12.55 -1.77 8.02
N LEU A 41 -12.19 -1.49 6.77
CA LEU A 41 -13.15 -1.53 5.68
C LEU A 41 -13.11 -2.91 5.04
N CYS A 42 -11.92 -3.33 4.69
CA CYS A 42 -11.69 -4.69 4.20
C CYS A 42 -10.81 -5.45 5.20
N PRO A 43 -11.45 -6.18 6.12
CA PRO A 43 -10.78 -6.82 7.26
C PRO A 43 -9.62 -7.73 6.86
N ARG A 44 -9.83 -8.53 5.83
CA ARG A 44 -8.86 -9.56 5.47
C ARG A 44 -7.65 -8.98 4.72
N LEU A 45 -7.57 -7.65 4.65
CA LEU A 45 -6.38 -7.02 4.08
C LEU A 45 -5.24 -7.07 5.06
N ALA A 46 -5.59 -7.23 6.33
CA ALA A 46 -4.61 -7.51 7.37
C ALA A 46 -3.86 -8.80 7.05
N GLU A 47 -4.48 -9.64 6.24
CA GLU A 47 -3.90 -10.91 5.83
C GLU A 47 -2.99 -10.73 4.60
N VAL A 48 -1.94 -9.96 4.76
CA VAL A 48 -0.89 -9.87 3.75
C VAL A 48 0.46 -10.24 4.37
N SER A 49 1.16 -11.17 3.74
CA SER A 49 2.48 -11.57 4.20
C SER A 49 3.53 -10.72 3.48
N VAL A 50 4.56 -10.30 4.20
CA VAL A 50 5.51 -9.35 3.66
C VAL A 50 6.92 -9.91 3.64
N GLU A 51 7.56 -9.82 2.48
CA GLU A 51 8.97 -10.12 2.36
C GLU A 51 9.70 -8.89 1.82
N LEU A 52 10.76 -8.50 2.49
CA LEU A 52 11.57 -7.40 2.02
C LEU A 52 12.92 -7.92 1.56
N ARG A 53 13.32 -7.45 0.40
CA ARG A 53 14.59 -7.79 -0.20
C ARG A 53 15.20 -6.50 -0.73
N MET A 54 16.51 -6.39 -0.73
CA MET A 54 17.16 -5.16 -1.13
C MET A 54 16.87 -4.84 -2.58
N GLY A 55 15.83 -4.03 -2.79
CA GLY A 55 15.42 -3.65 -4.12
C GLY A 55 14.02 -4.11 -4.46
N TYR A 56 13.46 -5.05 -3.69
CA TYR A 56 12.16 -5.63 -4.03
C TYR A 56 11.32 -5.90 -2.80
N LEU A 57 10.04 -5.60 -2.90
CA LEU A 57 9.09 -5.82 -1.83
C LEU A 57 8.09 -6.90 -2.25
N VAL A 58 8.15 -8.05 -1.59
CA VAL A 58 7.35 -9.20 -1.98
C VAL A 58 6.13 -9.34 -1.08
N LEU A 59 4.96 -9.10 -1.64
CA LEU A 59 3.70 -9.26 -0.92
C LEU A 59 3.07 -10.60 -1.28
N LYS A 60 2.64 -11.34 -0.27
CA LYS A 60 2.05 -12.66 -0.50
C LYS A 60 0.73 -12.76 0.22
N ALA A 61 -0.29 -13.33 -0.43
CA ALA A 61 -1.61 -13.37 0.21
C ALA A 61 -2.07 -14.79 0.49
N PRO A 62 -2.74 -15.01 1.63
CA PRO A 62 -3.44 -16.26 1.88
C PRO A 62 -4.56 -16.46 0.86
N GLY A 63 -4.26 -17.19 -0.20
CA GLY A 63 -5.23 -17.39 -1.26
C GLY A 63 -4.74 -16.88 -2.59
N MET A 64 -3.88 -15.86 -2.55
CA MET A 64 -3.36 -15.25 -3.78
C MET A 64 -1.85 -15.33 -3.77
N LEU A 65 -1.25 -15.37 -4.96
CA LEU A 65 0.19 -15.57 -5.11
C LEU A 65 1.02 -14.44 -4.47
N ARG A 66 2.30 -14.43 -4.80
CA ARG A 66 3.18 -13.39 -4.35
C ARG A 66 3.32 -12.30 -5.41
N LEU A 67 3.47 -11.08 -4.95
CA LEU A 67 3.55 -9.92 -5.80
C LEU A 67 4.84 -9.16 -5.50
N ASP A 68 5.74 -9.10 -6.47
CA ASP A 68 7.00 -8.41 -6.30
C ASP A 68 6.90 -6.97 -6.76
N ILE A 69 6.94 -6.06 -5.80
CA ILE A 69 6.94 -4.64 -6.09
C ILE A 69 8.34 -4.08 -5.86
N PRO A 70 9.01 -3.63 -6.92
CA PRO A 70 10.35 -3.05 -6.82
C PRO A 70 10.38 -1.86 -5.88
N LEU A 71 11.23 -1.93 -4.85
CA LEU A 71 11.42 -0.82 -3.93
C LEU A 71 12.05 0.34 -4.68
N ASP A 72 12.81 0.00 -5.71
CA ASP A 72 13.35 0.98 -6.64
C ASP A 72 12.31 1.27 -7.71
N VAL A 73 11.49 2.28 -7.44
CA VAL A 73 10.41 2.64 -8.36
C VAL A 73 10.87 3.76 -9.28
N ILE A 74 10.41 3.73 -10.53
CA ILE A 74 10.70 4.81 -11.45
C ILE A 74 9.71 5.95 -11.21
N GLU A 75 10.14 7.18 -11.43
CA GLU A 75 9.34 8.34 -11.13
C GLU A 75 9.46 9.37 -12.25
N ASP A 76 9.06 8.99 -13.45
CA ASP A 76 9.01 9.96 -14.56
C ASP A 76 7.86 9.64 -15.51
N ASP A 77 7.87 8.45 -16.09
CA ASP A 77 6.86 8.09 -17.09
C ASP A 77 5.89 7.06 -16.57
N ASP A 78 6.41 5.88 -16.23
CA ASP A 78 5.57 4.77 -15.79
C ASP A 78 5.25 4.90 -14.30
N SER A 79 5.14 6.14 -13.86
CA SER A 79 4.70 6.44 -12.52
C SER A 79 3.30 7.01 -12.61
N VAL A 80 2.31 6.16 -12.40
CA VAL A 80 0.91 6.58 -12.50
C VAL A 80 0.56 7.48 -11.33
N ARG A 81 0.55 8.78 -11.57
CA ARG A 81 0.22 9.75 -10.55
C ARG A 81 -1.28 10.00 -10.56
N TYR A 82 -1.98 9.21 -9.77
CA TYR A 82 -3.43 9.24 -9.74
C TYR A 82 -3.90 10.19 -8.65
N GLN A 83 -4.81 11.10 -9.00
CA GLN A 83 -5.34 12.03 -8.02
C GLN A 83 -6.41 11.37 -7.17
N MET A 84 -6.12 11.25 -5.88
CA MET A 84 -7.03 10.60 -4.96
C MET A 84 -7.73 11.64 -4.10
N LEU A 85 -8.89 11.30 -3.59
CA LEU A 85 -9.68 12.23 -2.80
C LEU A 85 -9.99 11.60 -1.45
N VAL A 86 -9.08 11.79 -0.53
CA VAL A 86 -9.23 11.22 0.80
C VAL A 86 -10.13 12.10 1.64
N GLY A 87 -11.42 11.78 1.64
CA GLY A 87 -12.39 12.56 2.36
C GLY A 87 -12.72 13.84 1.64
N GLU A 88 -11.85 14.84 1.80
CA GLU A 88 -12.03 16.13 1.15
C GLU A 88 -10.68 16.68 0.66
N GLN A 89 -9.64 15.84 0.72
CA GLN A 89 -8.31 16.30 0.34
C GLN A 89 -7.86 15.62 -0.95
N THR A 90 -7.78 16.40 -2.02
CA THR A 90 -7.34 15.89 -3.30
C THR A 90 -5.82 15.88 -3.39
N VAL A 91 -5.24 14.69 -3.37
CA VAL A 91 -3.79 14.52 -3.36
C VAL A 91 -3.36 13.52 -4.41
N ASP A 92 -2.16 13.71 -4.95
CA ASP A 92 -1.62 12.81 -5.97
C ASP A 92 -0.89 11.64 -5.34
N VAL A 93 -1.26 10.45 -5.77
CA VAL A 93 -0.62 9.23 -5.28
C VAL A 93 -0.09 8.41 -6.45
N VAL A 94 0.95 7.62 -6.21
CA VAL A 94 1.52 6.79 -7.25
C VAL A 94 0.95 5.38 -7.18
N ASP A 95 0.63 4.83 -8.33
CA ASP A 95 0.20 3.44 -8.42
C ASP A 95 1.41 2.54 -8.55
N GLU A 96 1.54 1.59 -7.63
CA GLU A 96 2.72 0.74 -7.58
C GLU A 96 2.61 -0.43 -8.56
N GLY A 97 1.57 -0.42 -9.36
CA GLY A 97 1.38 -1.45 -10.35
C GLY A 97 -0.05 -1.90 -10.45
N GLU A 98 -0.59 -1.88 -11.66
CA GLU A 98 -1.96 -2.32 -11.88
C GLU A 98 -2.08 -3.82 -11.64
N LEU A 99 -0.95 -4.52 -11.68
CA LEU A 99 -0.92 -5.93 -11.32
C LEU A 99 -1.18 -6.07 -9.83
N ALA A 100 -0.72 -5.09 -9.05
CA ALA A 100 -0.98 -5.04 -7.63
C ALA A 100 -2.45 -4.78 -7.38
N ALA A 101 -3.04 -3.94 -8.22
CA ALA A 101 -4.46 -3.67 -8.19
C ALA A 101 -5.26 -4.96 -8.36
N ALA A 102 -4.97 -5.68 -9.45
CA ALA A 102 -5.65 -6.93 -9.73
C ALA A 102 -5.41 -7.96 -8.62
N TRP A 103 -4.20 -7.97 -8.09
CA TRP A 103 -3.83 -8.88 -7.02
C TRP A 103 -4.79 -8.74 -5.83
N ILE A 104 -5.08 -7.51 -5.43
CA ILE A 104 -5.99 -7.28 -4.32
C ILE A 104 -7.44 -7.29 -4.80
N SER A 105 -7.65 -7.06 -6.09
CA SER A 105 -8.98 -7.18 -6.66
C SER A 105 -9.42 -8.65 -6.64
N ASN A 106 -8.45 -9.53 -6.44
CA ASN A 106 -8.72 -10.95 -6.21
C ASN A 106 -8.90 -11.23 -4.72
N HIS A 107 -7.91 -10.79 -3.93
CA HIS A 107 -7.90 -11.05 -2.48
C HIS A 107 -9.03 -10.29 -1.76
N ALA A 108 -9.19 -9.02 -2.07
CA ALA A 108 -10.24 -8.21 -1.48
C ALA A 108 -11.55 -8.44 -2.22
N GLY A 109 -11.46 -8.50 -3.54
CA GLY A 109 -12.61 -8.82 -4.35
C GLY A 109 -13.29 -7.61 -4.95
N VAL A 110 -12.92 -6.44 -4.47
CA VAL A 110 -13.48 -5.20 -4.96
C VAL A 110 -12.42 -4.39 -5.70
N PRO A 111 -12.85 -3.44 -6.57
CA PRO A 111 -11.92 -2.60 -7.34
C PRO A 111 -11.06 -1.71 -6.44
N CYS A 112 -9.88 -2.20 -6.10
CA CYS A 112 -8.94 -1.45 -5.30
C CYS A 112 -7.55 -1.56 -5.90
N ARG A 113 -6.70 -0.58 -5.61
CA ARG A 113 -5.33 -0.61 -6.10
C ARG A 113 -4.38 -0.09 -5.03
N ILE A 114 -3.18 -0.64 -5.00
CA ILE A 114 -2.19 -0.28 -3.99
C ILE A 114 -1.42 0.96 -4.44
N LEU A 115 -1.45 1.99 -3.61
CA LEU A 115 -0.93 3.30 -3.98
C LEU A 115 0.09 3.79 -2.94
N LYS A 116 1.02 4.61 -3.40
CA LYS A 116 2.02 5.19 -2.52
C LYS A 116 1.91 6.72 -2.54
N VAL A 117 1.72 7.31 -1.37
CA VAL A 117 1.56 8.76 -1.25
C VAL A 117 2.86 9.47 -1.61
N HIS A 118 2.75 10.57 -2.37
CA HIS A 118 3.92 11.33 -2.77
C HIS A 118 4.46 12.17 -1.61
N PRO A 119 5.78 12.13 -1.40
CA PRO A 119 6.42 12.82 -0.28
C PRO A 119 6.49 14.33 -0.44
N ASP A 120 6.13 14.81 -1.63
CA ASP A 120 6.20 16.25 -1.93
C ASP A 120 5.24 17.04 -1.06
N MET A 121 3.99 16.63 -1.05
CA MET A 121 2.99 17.29 -0.22
C MET A 121 2.88 16.61 1.14
N ALA A 122 2.83 15.28 1.12
CA ALA A 122 2.76 14.47 2.35
C ALA A 122 1.53 14.82 3.20
N GLU A 123 1.47 14.21 4.38
CA GLU A 123 0.38 14.42 5.34
C GLU A 123 -1.00 14.29 4.71
N VAL A 124 -1.45 13.07 4.63
CA VAL A 124 -2.78 12.75 4.14
C VAL A 124 -3.42 11.79 5.12
N ARG A 125 -4.66 12.06 5.52
CA ARG A 125 -5.30 11.25 6.53
C ARG A 125 -6.71 10.84 6.09
N TRP A 126 -7.00 9.56 6.26
CA TRP A 126 -8.33 9.00 5.98
C TRP A 126 -9.43 9.91 6.55
N PRO A 127 -10.56 10.07 5.81
CA PRO A 127 -11.67 10.95 6.20
C PRO A 127 -12.10 10.76 7.64
N SER A 128 -11.92 11.79 8.46
CA SER A 128 -12.16 11.68 9.88
C SER A 128 -13.64 11.93 10.21
N LEU A 129 -14.49 11.44 9.33
CA LEU A 129 -15.93 11.50 9.51
C LEU A 129 -16.38 10.45 10.52
N GLU A 130 -17.64 10.50 10.91
CA GLU A 130 -18.19 9.53 11.83
C GLU A 130 -19.62 9.18 11.42
N MET A 1 6.43 -9.50 22.62
CA MET A 1 7.58 -9.51 23.56
C MET A 1 8.80 -8.91 22.88
N SER A 2 9.95 -8.98 23.53
CA SER A 2 11.16 -8.35 23.02
C SER A 2 11.73 -9.13 21.83
N THR A 3 11.58 -8.55 20.64
CA THR A 3 12.16 -9.10 19.43
C THR A 3 12.37 -7.99 18.38
N THR A 4 11.31 -7.65 17.63
CA THR A 4 11.30 -6.51 16.70
C THR A 4 10.38 -6.82 15.50
N ALA A 5 9.74 -5.78 15.00
CA ALA A 5 8.88 -5.86 13.83
C ALA A 5 8.55 -4.46 13.35
N TYR A 6 8.88 -4.16 12.10
CA TYR A 6 8.68 -2.83 11.55
C TYR A 6 7.45 -2.82 10.66
N GLN A 7 6.67 -1.75 10.74
CA GLN A 7 5.44 -1.65 9.95
C GLN A 7 5.62 -0.64 8.81
N PRO A 8 5.97 -1.15 7.62
CA PRO A 8 6.14 -0.32 6.43
C PRO A 8 4.87 -0.14 5.61
N ILE A 9 4.05 -1.20 5.58
CA ILE A 9 2.90 -1.28 4.68
C ILE A 9 1.61 -1.33 5.48
N ALA A 10 0.61 -0.55 5.07
CA ALA A 10 -0.63 -0.40 5.85
C ALA A 10 -1.45 -1.69 5.88
N GLU A 11 -1.79 -2.20 4.70
CA GLU A 11 -2.61 -3.40 4.60
C GLU A 11 -1.83 -4.62 5.03
N CYS A 12 -0.65 -4.81 4.43
CA CYS A 12 0.19 -5.96 4.72
C CYS A 12 0.52 -6.03 6.21
N GLY A 13 0.93 -4.91 6.78
CA GLY A 13 1.22 -4.86 8.20
C GLY A 13 2.70 -4.79 8.49
N ALA A 14 3.15 -5.66 9.39
CA ALA A 14 4.52 -5.61 9.88
C ALA A 14 5.43 -6.59 9.14
N THR A 15 6.70 -6.22 9.05
CA THR A 15 7.72 -7.06 8.46
C THR A 15 8.82 -7.33 9.48
N THR A 16 9.30 -8.55 9.53
CA THR A 16 10.29 -8.95 10.54
C THR A 16 11.72 -8.72 10.04
N GLN A 17 11.83 -8.06 8.89
CA GLN A 17 13.14 -7.80 8.30
C GLN A 17 13.63 -6.41 8.69
N SER A 18 14.93 -6.31 8.93
CA SER A 18 15.55 -5.06 9.37
C SER A 18 15.51 -4.00 8.26
N GLU A 19 15.25 -4.45 7.04
CA GLU A 19 15.15 -3.55 5.91
C GLU A 19 13.97 -2.60 6.07
N ALA A 20 12.90 -3.12 6.66
CA ALA A 20 11.62 -2.42 6.73
C ALA A 20 11.71 -1.11 7.51
N ALA A 21 12.68 -1.02 8.42
CA ALA A 21 12.85 0.17 9.23
C ALA A 21 13.22 1.38 8.36
N ALA A 22 13.78 1.12 7.19
CA ALA A 22 14.22 2.18 6.30
C ALA A 22 13.32 2.30 5.08
N TYR A 23 12.29 1.46 5.00
CA TYR A 23 11.41 1.47 3.83
C TYR A 23 9.95 1.62 4.22
N GLN A 24 9.70 1.99 5.48
CA GLN A 24 8.34 2.26 5.92
C GLN A 24 7.85 3.56 5.30
N LYS A 25 6.57 3.62 4.93
CA LYS A 25 6.04 4.75 4.17
C LYS A 25 4.53 4.81 4.30
N ARG A 26 3.94 5.87 3.77
CA ARG A 26 2.49 5.98 3.72
C ARG A 26 1.95 5.14 2.57
N TRP A 27 1.94 3.83 2.79
CA TRP A 27 1.42 2.89 1.83
C TRP A 27 -0.04 2.62 2.12
N LEU A 28 -0.82 2.26 1.11
CA LEU A 28 -2.24 2.00 1.31
C LEU A 28 -2.92 1.48 0.05
N VAL A 29 -4.20 1.19 0.19
CA VAL A 29 -5.04 0.83 -0.94
C VAL A 29 -6.21 1.80 -1.01
N ALA A 30 -6.57 2.24 -2.20
CA ALA A 30 -7.71 3.13 -2.34
C ALA A 30 -8.73 2.53 -3.30
N ASN A 31 -10.01 2.71 -3.00
CA ASN A 31 -11.06 2.06 -3.79
C ASN A 31 -11.48 2.95 -4.96
N ASP A 32 -12.32 2.39 -5.82
CA ASP A 32 -12.85 3.09 -6.99
C ASP A 32 -13.40 4.48 -6.66
N ALA A 33 -13.92 4.64 -5.44
CA ALA A 33 -14.49 5.91 -5.00
C ALA A 33 -13.41 6.99 -4.84
N GLY A 34 -12.16 6.56 -4.80
CA GLY A 34 -11.06 7.50 -4.60
C GLY A 34 -10.74 7.66 -3.13
N GLN A 35 -11.40 6.84 -2.31
CA GLN A 35 -11.26 6.91 -0.86
C GLN A 35 -10.20 5.93 -0.38
N TRP A 36 -9.47 6.31 0.66
CA TRP A 36 -8.45 5.46 1.25
C TRP A 36 -9.10 4.27 1.96
N LEU A 37 -8.67 3.08 1.59
CA LEU A 37 -9.16 1.86 2.18
C LEU A 37 -8.21 1.42 3.27
N ASN A 38 -8.74 1.08 4.43
CA ASN A 38 -7.91 0.77 5.59
C ASN A 38 -8.19 -0.64 6.07
N ARG A 39 -7.21 -1.20 6.78
CA ARG A 39 -7.34 -2.53 7.37
C ARG A 39 -8.44 -2.53 8.44
N ASP A 40 -8.84 -1.34 8.86
CA ASP A 40 -9.95 -1.17 9.79
C ASP A 40 -11.26 -1.41 9.07
N LEU A 41 -11.32 -0.95 7.83
CA LEU A 41 -12.49 -1.12 6.99
C LEU A 41 -12.55 -2.54 6.45
N CYS A 42 -11.43 -2.97 5.88
CA CYS A 42 -11.32 -4.31 5.31
C CYS A 42 -10.25 -5.12 6.07
N PRO A 43 -10.69 -5.88 7.08
CA PRO A 43 -9.78 -6.64 7.96
C PRO A 43 -9.00 -7.73 7.21
N ARG A 44 -9.55 -8.21 6.10
CA ARG A 44 -8.93 -9.31 5.36
C ARG A 44 -7.66 -8.87 4.65
N LEU A 45 -7.47 -7.58 4.48
CA LEU A 45 -6.25 -7.06 3.87
C LEU A 45 -5.07 -7.21 4.83
N ALA A 46 -5.38 -7.31 6.10
CA ALA A 46 -4.36 -7.51 7.12
C ALA A 46 -3.76 -8.91 7.07
N GLU A 47 -4.31 -9.75 6.21
CA GLU A 47 -3.85 -11.13 6.06
C GLU A 47 -2.66 -11.22 5.12
N VAL A 48 -2.18 -10.08 4.64
CA VAL A 48 -1.07 -10.06 3.70
C VAL A 48 0.26 -10.24 4.41
N SER A 49 0.96 -11.31 4.07
CA SER A 49 2.31 -11.51 4.57
C SER A 49 3.29 -10.82 3.66
N VAL A 50 4.00 -9.87 4.23
CA VAL A 50 4.85 -9.01 3.45
C VAL A 50 6.32 -9.16 3.83
N GLU A 51 7.15 -9.39 2.84
CA GLU A 51 8.59 -9.51 3.06
C GLU A 51 9.32 -8.44 2.26
N LEU A 52 10.20 -7.71 2.91
CA LEU A 52 11.00 -6.71 2.23
C LEU A 52 12.37 -7.25 1.87
N ARG A 53 12.69 -7.14 0.61
CA ARG A 53 13.95 -7.59 0.07
C ARG A 53 14.77 -6.38 -0.32
N MET A 54 16.07 -6.55 -0.53
CA MET A 54 16.91 -5.45 -0.96
C MET A 54 16.51 -4.99 -2.36
N GLY A 55 15.57 -4.04 -2.39
CA GLY A 55 15.12 -3.48 -3.64
C GLY A 55 13.73 -3.94 -4.02
N TYR A 56 13.20 -4.96 -3.35
CA TYR A 56 11.91 -5.51 -3.73
C TYR A 56 10.98 -5.69 -2.55
N LEU A 57 9.72 -5.34 -2.78
CA LEU A 57 8.66 -5.57 -1.82
C LEU A 57 7.88 -6.81 -2.25
N VAL A 58 8.06 -7.89 -1.51
CA VAL A 58 7.44 -9.15 -1.86
C VAL A 58 6.18 -9.38 -1.05
N LEU A 59 5.03 -9.17 -1.69
CA LEU A 59 3.75 -9.42 -1.04
C LEU A 59 3.31 -10.85 -1.33
N LYS A 60 2.73 -11.49 -0.33
CA LYS A 60 2.18 -12.84 -0.50
C LYS A 60 0.83 -12.91 0.18
N ALA A 61 -0.19 -13.42 -0.51
CA ALA A 61 -1.52 -13.42 0.09
C ALA A 61 -2.04 -14.83 0.34
N PRO A 62 -2.93 -14.98 1.34
CA PRO A 62 -3.66 -16.23 1.54
C PRO A 62 -4.62 -16.50 0.40
N GLY A 63 -4.19 -17.34 -0.53
CA GLY A 63 -4.99 -17.61 -1.70
C GLY A 63 -4.42 -16.99 -2.96
N MET A 64 -3.53 -16.01 -2.79
CA MET A 64 -2.90 -15.36 -3.94
C MET A 64 -1.40 -15.51 -3.82
N LEU A 65 -0.73 -15.66 -4.96
CA LEU A 65 0.70 -15.91 -5.00
C LEU A 65 1.51 -14.68 -4.54
N ARG A 66 2.72 -14.56 -5.09
CA ARG A 66 3.59 -13.41 -4.86
C ARG A 66 3.05 -12.15 -5.50
N LEU A 67 3.68 -11.06 -5.14
CA LEU A 67 3.53 -9.80 -5.84
C LEU A 67 4.83 -9.01 -5.67
N ASP A 68 5.76 -9.25 -6.58
CA ASP A 68 7.08 -8.65 -6.50
C ASP A 68 7.07 -7.24 -7.08
N ILE A 69 7.11 -6.25 -6.22
CA ILE A 69 7.14 -4.86 -6.63
C ILE A 69 8.45 -4.23 -6.18
N PRO A 70 9.10 -3.43 -7.04
CA PRO A 70 10.26 -2.65 -6.61
C PRO A 70 9.90 -1.71 -5.45
N LEU A 71 10.79 -1.59 -4.47
CA LEU A 71 10.51 -0.79 -3.27
C LEU A 71 10.06 0.63 -3.61
N ASP A 72 10.57 1.16 -4.69
CA ASP A 72 10.11 2.44 -5.22
C ASP A 72 10.06 2.36 -6.74
N VAL A 73 8.85 2.35 -7.29
CA VAL A 73 8.67 2.38 -8.74
C VAL A 73 9.32 3.63 -9.30
N ILE A 74 10.25 3.44 -10.24
CA ILE A 74 10.98 4.56 -10.81
C ILE A 74 10.04 5.57 -11.42
N GLU A 75 10.41 6.84 -11.33
CA GLU A 75 9.53 7.95 -11.68
C GLU A 75 9.40 8.08 -13.19
N ASP A 76 10.12 7.22 -13.88
CA ASP A 76 10.14 7.23 -15.34
C ASP A 76 9.88 5.83 -15.89
N ASP A 77 9.68 4.88 -14.99
CA ASP A 77 9.43 3.51 -15.39
C ASP A 77 7.96 3.31 -15.68
N ASP A 78 7.15 3.40 -14.63
CA ASP A 78 5.70 3.32 -14.77
C ASP A 78 5.05 3.92 -13.53
N SER A 79 5.57 5.06 -13.09
CA SER A 79 5.06 5.74 -11.91
C SER A 79 3.76 6.46 -12.24
N VAL A 80 2.65 5.77 -12.03
CA VAL A 80 1.34 6.32 -12.36
C VAL A 80 0.82 7.17 -11.21
N ARG A 81 0.53 8.42 -11.49
CA ARG A 81 0.03 9.32 -10.46
C ARG A 81 -1.49 9.44 -10.52
N TYR A 82 -2.14 8.78 -9.58
CA TYR A 82 -3.57 8.91 -9.42
C TYR A 82 -3.86 9.96 -8.37
N GLN A 83 -4.51 11.04 -8.76
CA GLN A 83 -4.88 12.06 -7.81
C GLN A 83 -6.16 11.62 -7.10
N MET A 84 -5.99 11.08 -5.90
CA MET A 84 -7.07 10.42 -5.19
C MET A 84 -7.86 11.43 -4.40
N LEU A 85 -9.09 11.10 -4.05
CA LEU A 85 -9.97 12.04 -3.42
C LEU A 85 -10.34 11.54 -2.04
N VAL A 86 -9.51 11.88 -1.10
CA VAL A 86 -9.67 11.46 0.27
C VAL A 86 -10.74 12.31 0.96
N GLY A 87 -11.99 11.90 0.80
CA GLY A 87 -13.10 12.65 1.36
C GLY A 87 -13.42 13.87 0.53
N GLU A 88 -12.51 14.83 0.55
CA GLU A 88 -12.65 16.04 -0.24
C GLU A 88 -11.29 16.53 -0.72
N GLN A 89 -10.25 15.76 -0.41
CA GLN A 89 -8.88 16.21 -0.63
C GLN A 89 -8.23 15.41 -1.77
N THR A 90 -8.02 16.07 -2.89
CA THR A 90 -7.38 15.45 -4.04
C THR A 90 -5.87 15.52 -3.92
N VAL A 91 -5.27 14.40 -3.58
CA VAL A 91 -3.83 14.32 -3.38
C VAL A 91 -3.18 13.36 -4.36
N ASP A 92 -1.97 13.69 -4.79
CA ASP A 92 -1.25 12.88 -5.78
C ASP A 92 -0.62 11.66 -5.12
N VAL A 93 -1.13 10.49 -5.47
CA VAL A 93 -0.58 9.23 -4.97
C VAL A 93 -0.11 8.38 -6.15
N VAL A 94 0.88 7.53 -5.92
CA VAL A 94 1.45 6.74 -7.00
C VAL A 94 0.95 5.31 -6.96
N ASP A 95 0.59 4.79 -8.12
CA ASP A 95 0.22 3.39 -8.27
C ASP A 95 1.48 2.55 -8.42
N GLU A 96 1.60 1.54 -7.57
CA GLU A 96 2.80 0.71 -7.55
C GLU A 96 2.74 -0.34 -8.65
N GLY A 97 1.59 -0.41 -9.32
CA GLY A 97 1.45 -1.32 -10.44
C GLY A 97 0.05 -1.86 -10.56
N GLU A 98 -0.46 -1.92 -11.78
CA GLU A 98 -1.80 -2.42 -12.01
C GLU A 98 -1.87 -3.92 -11.75
N LEU A 99 -0.72 -4.58 -11.84
CA LEU A 99 -0.62 -5.98 -11.46
C LEU A 99 -0.89 -6.15 -9.97
N ALA A 100 -0.54 -5.12 -9.20
CA ALA A 100 -0.77 -5.11 -7.77
C ALA A 100 -2.26 -4.88 -7.50
N ALA A 101 -2.86 -4.01 -8.31
CA ALA A 101 -4.29 -3.75 -8.22
C ALA A 101 -5.08 -5.03 -8.46
N ALA A 102 -4.71 -5.78 -9.49
CA ALA A 102 -5.36 -7.05 -9.81
C ALA A 102 -5.11 -8.09 -8.72
N TRP A 103 -3.90 -8.05 -8.17
CA TRP A 103 -3.51 -8.96 -7.10
C TRP A 103 -4.46 -8.82 -5.92
N ILE A 104 -4.84 -7.58 -5.60
CA ILE A 104 -5.73 -7.36 -4.47
C ILE A 104 -7.20 -7.33 -4.90
N SER A 105 -7.48 -7.08 -6.18
CA SER A 105 -8.86 -7.16 -6.64
C SER A 105 -9.34 -8.60 -6.57
N ASN A 106 -8.38 -9.52 -6.52
CA ASN A 106 -8.69 -10.93 -6.28
C ASN A 106 -8.83 -11.21 -4.79
N HIS A 107 -7.87 -10.75 -3.98
CA HIS A 107 -7.88 -11.00 -2.54
C HIS A 107 -8.93 -10.16 -1.82
N ALA A 108 -8.91 -8.85 -2.05
CA ALA A 108 -9.88 -7.94 -1.46
C ALA A 108 -11.23 -8.14 -2.11
N GLY A 109 -11.22 -8.30 -3.43
CA GLY A 109 -12.42 -8.60 -4.16
C GLY A 109 -13.06 -7.37 -4.78
N VAL A 110 -12.77 -6.23 -4.22
CA VAL A 110 -13.32 -4.97 -4.71
C VAL A 110 -12.35 -4.28 -5.65
N PRO A 111 -12.85 -3.40 -6.53
CA PRO A 111 -12.01 -2.61 -7.42
C PRO A 111 -11.23 -1.54 -6.65
N CYS A 112 -10.02 -1.89 -6.24
CA CYS A 112 -9.18 -0.97 -5.49
C CYS A 112 -7.76 -0.95 -6.03
N ARG A 113 -7.06 0.14 -5.78
CA ARG A 113 -5.73 0.36 -6.31
C ARG A 113 -4.72 0.48 -5.16
N ILE A 114 -3.65 -0.28 -5.23
CA ILE A 114 -2.58 -0.20 -4.24
C ILE A 114 -1.71 1.02 -4.54
N LEU A 115 -1.66 1.96 -3.62
CA LEU A 115 -1.06 3.25 -3.88
C LEU A 115 -0.06 3.65 -2.80
N LYS A 116 1.01 4.29 -3.24
CA LYS A 116 2.02 4.85 -2.34
C LYS A 116 2.08 6.36 -2.52
N VAL A 117 1.75 7.07 -1.46
CA VAL A 117 1.64 8.53 -1.51
C VAL A 117 2.97 9.18 -1.88
N HIS A 118 2.93 10.18 -2.76
CA HIS A 118 4.11 10.91 -3.17
C HIS A 118 4.47 11.95 -2.10
N PRO A 119 5.72 11.92 -1.60
CA PRO A 119 6.14 12.73 -0.44
C PRO A 119 6.11 14.24 -0.68
N ASP A 120 5.78 14.67 -1.90
CA ASP A 120 5.62 16.10 -2.19
C ASP A 120 4.67 16.75 -1.19
N MET A 121 3.47 16.22 -1.11
CA MET A 121 2.44 16.79 -0.27
C MET A 121 2.19 15.91 0.96
N ALA A 122 1.92 14.63 0.73
CA ALA A 122 1.56 13.69 1.79
C ALA A 122 0.36 14.22 2.60
N GLU A 123 0.62 14.68 3.84
CA GLU A 123 -0.40 15.26 4.72
C GLU A 123 -1.44 14.24 5.18
N VAL A 124 -2.14 13.64 4.22
CA VAL A 124 -3.33 12.84 4.49
C VAL A 124 -3.06 11.73 5.50
N ARG A 125 -3.83 11.74 6.56
CA ARG A 125 -3.75 10.72 7.60
C ARG A 125 -5.02 9.90 7.60
N TRP A 126 -5.57 9.66 6.39
CA TRP A 126 -6.91 9.08 6.23
C TRP A 126 -7.94 10.16 6.62
N PRO A 127 -9.18 10.13 6.06
CA PRO A 127 -10.25 11.09 6.33
C PRO A 127 -10.15 11.77 7.70
N SER A 128 -10.07 10.96 8.75
CA SER A 128 -9.92 11.47 10.10
C SER A 128 -9.67 10.34 11.08
N LEU A 129 -8.41 9.92 11.17
CA LEU A 129 -7.99 9.00 12.21
C LEU A 129 -7.74 9.76 13.50
N GLU A 130 -8.48 9.41 14.53
CA GLU A 130 -8.41 10.12 15.81
C GLU A 130 -7.03 9.94 16.44
N MET A 1 -0.17 -3.74 18.55
CA MET A 1 -0.14 -5.20 18.79
C MET A 1 1.22 -5.65 19.33
N SER A 2 2.28 -5.21 18.67
CA SER A 2 3.64 -5.58 19.09
C SER A 2 4.61 -4.43 18.78
N THR A 3 5.82 -4.55 19.29
CA THR A 3 6.84 -3.53 19.11
C THR A 3 7.99 -4.09 18.25
N THR A 4 8.82 -3.18 17.73
CA THR A 4 9.92 -3.55 16.84
C THR A 4 9.35 -4.13 15.54
N ALA A 5 8.11 -3.76 15.26
CA ALA A 5 7.42 -4.22 14.07
C ALA A 5 7.41 -3.11 13.02
N TYR A 6 8.13 -3.32 11.94
CA TYR A 6 8.23 -2.34 10.88
C TYR A 6 7.10 -2.52 9.90
N GLN A 7 6.25 -1.52 9.77
CA GLN A 7 5.12 -1.59 8.87
C GLN A 7 5.46 -0.92 7.55
N PRO A 8 5.83 -1.71 6.52
CA PRO A 8 6.14 -1.19 5.18
C PRO A 8 4.90 -0.57 4.55
N ILE A 9 3.88 -1.42 4.38
CA ILE A 9 2.59 -1.00 3.87
C ILE A 9 1.53 -1.16 4.95
N ALA A 10 0.68 -0.16 5.09
CA ALA A 10 -0.34 -0.11 6.12
C ALA A 10 -1.23 -1.36 6.16
N GLU A 11 -1.88 -1.64 5.04
CA GLU A 11 -2.86 -2.72 4.94
C GLU A 11 -2.18 -4.09 4.99
N CYS A 12 -0.90 -4.14 4.65
CA CYS A 12 -0.17 -5.39 4.71
C CYS A 12 0.12 -5.75 6.16
N GLY A 13 0.62 -4.80 6.91
CA GLY A 13 0.94 -5.06 8.31
C GLY A 13 2.39 -4.84 8.61
N ALA A 14 2.89 -5.52 9.63
CA ALA A 14 4.23 -5.27 10.11
C ALA A 14 5.16 -6.45 9.86
N THR A 15 6.40 -6.13 9.54
CA THR A 15 7.43 -7.14 9.34
C THR A 15 8.56 -6.92 10.35
N THR A 16 9.07 -7.99 10.93
CA THR A 16 10.18 -7.86 11.86
C THR A 16 11.50 -7.88 11.11
N GLN A 17 11.82 -6.76 10.47
CA GLN A 17 13.07 -6.63 9.73
C GLN A 17 13.40 -5.14 9.54
N SER A 18 14.54 -4.73 10.04
CA SER A 18 14.94 -3.33 10.03
C SER A 18 15.23 -2.83 8.62
N GLU A 19 15.29 -3.75 7.66
CA GLU A 19 15.52 -3.40 6.27
C GLU A 19 14.31 -2.64 5.72
N ALA A 20 13.14 -2.94 6.28
CA ALA A 20 11.90 -2.32 5.85
C ALA A 20 11.86 -0.84 6.19
N ALA A 21 12.63 -0.45 7.21
CA ALA A 21 12.61 0.93 7.71
C ALA A 21 13.13 1.92 6.67
N ALA A 22 13.81 1.42 5.65
CA ALA A 22 14.38 2.28 4.62
C ALA A 22 13.43 2.42 3.43
N TYR A 23 12.31 1.71 3.47
CA TYR A 23 11.39 1.70 2.34
C TYR A 23 9.95 1.96 2.78
N GLN A 24 9.65 1.63 4.03
CA GLN A 24 8.29 1.78 4.55
C GLN A 24 7.90 3.25 4.63
N LYS A 25 6.60 3.52 4.59
CA LYS A 25 6.11 4.90 4.66
C LYS A 25 4.59 4.91 4.78
N ARG A 26 3.97 6.04 4.45
CA ARG A 26 2.52 6.14 4.44
C ARG A 26 1.97 5.43 3.20
N TRP A 27 2.11 4.12 3.22
CA TRP A 27 1.72 3.27 2.11
C TRP A 27 0.37 2.65 2.44
N LEU A 28 -0.50 2.45 1.44
CA LEU A 28 -1.83 1.88 1.71
C LEU A 28 -2.57 1.51 0.43
N VAL A 29 -3.83 1.12 0.58
CA VAL A 29 -4.66 0.73 -0.54
C VAL A 29 -5.79 1.74 -0.72
N ALA A 30 -6.18 2.01 -1.96
CA ALA A 30 -7.26 2.95 -2.23
C ALA A 30 -8.43 2.25 -2.90
N ASN A 31 -9.62 2.77 -2.64
CA ASN A 31 -10.87 2.16 -3.09
C ASN A 31 -11.38 2.85 -4.36
N ASP A 32 -12.21 2.11 -5.12
CA ASP A 32 -12.85 2.61 -6.34
C ASP A 32 -13.47 4.00 -6.15
N ALA A 33 -14.04 4.24 -4.97
CA ALA A 33 -14.74 5.49 -4.71
C ALA A 33 -13.78 6.67 -4.62
N GLY A 34 -12.49 6.37 -4.65
CA GLY A 34 -11.48 7.40 -4.59
C GLY A 34 -11.02 7.65 -3.17
N GLN A 35 -11.53 6.83 -2.26
CA GLN A 35 -11.22 6.98 -0.86
C GLN A 35 -10.13 6.00 -0.48
N TRP A 36 -9.46 6.26 0.64
CA TRP A 36 -8.50 5.31 1.18
C TRP A 36 -9.23 4.08 1.69
N LEU A 37 -8.69 2.91 1.37
CA LEU A 37 -9.26 1.67 1.85
C LEU A 37 -8.45 1.18 3.05
N ASN A 38 -9.14 0.82 4.11
CA ASN A 38 -8.45 0.48 5.35
C ASN A 38 -8.81 -0.90 5.85
N ARG A 39 -7.87 -1.49 6.58
CA ARG A 39 -8.09 -2.65 7.42
C ARG A 39 -9.32 -2.45 8.30
N ASP A 40 -9.58 -1.21 8.68
CA ASP A 40 -10.72 -0.87 9.52
C ASP A 40 -12.02 -1.06 8.74
N LEU A 41 -11.90 -1.13 7.43
CA LEU A 41 -13.05 -1.29 6.55
C LEU A 41 -13.09 -2.71 6.01
N CYS A 42 -11.93 -3.24 5.67
CA CYS A 42 -11.82 -4.60 5.19
C CYS A 42 -10.69 -5.32 5.93
N PRO A 43 -11.04 -6.17 6.91
CA PRO A 43 -10.05 -6.91 7.71
C PRO A 43 -9.25 -7.90 6.87
N ARG A 44 -9.88 -8.41 5.82
CA ARG A 44 -9.25 -9.36 4.91
C ARG A 44 -8.01 -8.76 4.28
N LEU A 45 -8.04 -7.45 4.11
CA LEU A 45 -6.94 -6.74 3.48
C LEU A 45 -5.70 -6.79 4.36
N ALA A 46 -5.90 -6.78 5.68
CA ALA A 46 -4.82 -6.86 6.65
C ALA A 46 -4.21 -8.26 6.74
N GLU A 47 -4.60 -9.15 5.83
CA GLU A 47 -4.05 -10.51 5.80
C GLU A 47 -2.93 -10.62 4.77
N VAL A 48 -2.31 -9.50 4.44
CA VAL A 48 -1.19 -9.52 3.51
C VAL A 48 0.11 -9.84 4.22
N SER A 49 0.69 -10.98 3.91
CA SER A 49 1.98 -11.34 4.45
C SER A 49 3.05 -10.56 3.69
N VAL A 50 3.95 -9.95 4.42
CA VAL A 50 4.96 -9.09 3.79
C VAL A 50 6.37 -9.56 4.12
N GLU A 51 7.22 -9.53 3.11
CA GLU A 51 8.60 -9.92 3.22
C GLU A 51 9.44 -8.96 2.38
N LEU A 52 10.67 -8.70 2.79
CA LEU A 52 11.50 -7.73 2.09
C LEU A 52 12.86 -8.29 1.72
N ARG A 53 13.45 -7.67 0.72
CA ARG A 53 14.80 -7.96 0.28
C ARG A 53 15.31 -6.74 -0.47
N MET A 54 16.62 -6.51 -0.42
CA MET A 54 17.23 -5.38 -1.12
C MET A 54 16.76 -5.31 -2.57
N GLY A 55 15.78 -4.44 -2.82
CA GLY A 55 15.28 -4.28 -4.16
C GLY A 55 13.83 -4.67 -4.32
N TYR A 56 13.36 -5.66 -3.54
CA TYR A 56 12.02 -6.19 -3.76
C TYR A 56 11.18 -6.21 -2.50
N LEU A 57 9.93 -5.82 -2.67
CA LEU A 57 8.91 -5.95 -1.65
C LEU A 57 8.07 -7.17 -1.96
N VAL A 58 8.24 -8.22 -1.18
CA VAL A 58 7.60 -9.50 -1.46
C VAL A 58 6.31 -9.66 -0.67
N LEU A 59 5.20 -9.42 -1.33
CA LEU A 59 3.89 -9.61 -0.71
C LEU A 59 3.39 -11.02 -1.01
N LYS A 60 2.74 -11.63 -0.04
CA LYS A 60 2.18 -12.97 -0.19
C LYS A 60 0.80 -13.00 0.44
N ALA A 61 -0.22 -13.49 -0.26
CA ALA A 61 -1.57 -13.41 0.31
C ALA A 61 -2.27 -14.76 0.36
N PRO A 62 -3.18 -14.93 1.32
CA PRO A 62 -4.09 -16.07 1.33
C PRO A 62 -4.99 -16.03 0.10
N GLY A 63 -4.74 -16.92 -0.84
CA GLY A 63 -5.51 -16.95 -2.06
C GLY A 63 -4.72 -16.43 -3.24
N MET A 64 -3.72 -15.60 -2.97
CA MET A 64 -2.90 -15.03 -4.03
C MET A 64 -1.44 -15.38 -3.81
N LEU A 65 -0.71 -15.54 -4.90
CA LEU A 65 0.70 -15.88 -4.84
C LEU A 65 1.51 -14.71 -4.26
N ARG A 66 2.72 -14.56 -4.78
CA ARG A 66 3.58 -13.45 -4.39
C ARG A 66 3.28 -12.23 -5.25
N LEU A 67 3.50 -11.06 -4.68
CA LEU A 67 3.50 -9.83 -5.43
C LEU A 67 4.83 -9.13 -5.21
N ASP A 68 5.76 -9.39 -6.13
CA ASP A 68 7.09 -8.82 -6.03
C ASP A 68 7.15 -7.44 -6.63
N ILE A 69 7.06 -6.44 -5.77
CA ILE A 69 7.12 -5.05 -6.20
C ILE A 69 8.50 -4.49 -5.95
N PRO A 70 9.18 -3.98 -7.00
CA PRO A 70 10.45 -3.28 -6.84
C PRO A 70 10.30 -2.13 -5.85
N LEU A 71 11.13 -2.13 -4.82
CA LEU A 71 11.06 -1.11 -3.79
C LEU A 71 11.49 0.24 -4.35
N ASP A 72 12.54 0.24 -5.15
CA ASP A 72 13.06 1.47 -5.74
C ASP A 72 12.43 1.72 -7.12
N VAL A 73 11.13 1.93 -7.12
CA VAL A 73 10.42 2.29 -8.33
C VAL A 73 10.91 3.65 -8.84
N ILE A 74 11.24 3.72 -10.12
CA ILE A 74 11.69 4.98 -10.69
C ILE A 74 10.51 5.95 -10.72
N GLU A 75 10.77 7.17 -10.33
CA GLU A 75 9.71 8.13 -10.10
C GLU A 75 9.41 8.91 -11.36
N ASP A 76 9.96 8.43 -12.46
CA ASP A 76 9.72 9.02 -13.78
C ASP A 76 9.29 7.94 -14.76
N ASP A 77 9.38 6.69 -14.31
CA ASP A 77 9.19 5.55 -15.19
C ASP A 77 7.71 5.25 -15.42
N ASP A 78 7.13 4.49 -14.50
CA ASP A 78 5.70 4.19 -14.56
C ASP A 78 5.02 4.65 -13.29
N SER A 79 5.52 5.77 -12.76
CA SER A 79 4.95 6.38 -11.59
C SER A 79 3.61 7.04 -11.92
N VAL A 80 2.58 6.22 -12.05
CA VAL A 80 1.25 6.69 -12.40
C VAL A 80 0.69 7.54 -11.28
N ARG A 81 0.61 8.84 -11.52
CA ARG A 81 -0.02 9.74 -10.57
C ARG A 81 -1.50 9.45 -10.48
N TYR A 82 -1.92 8.95 -9.33
CA TYR A 82 -3.30 8.61 -9.10
C TYR A 82 -3.92 9.68 -8.20
N GLN A 83 -4.77 10.50 -8.78
CA GLN A 83 -5.37 11.59 -8.02
C GLN A 83 -6.52 11.07 -7.18
N MET A 84 -6.36 11.12 -5.86
CA MET A 84 -7.34 10.57 -4.94
C MET A 84 -8.17 11.66 -4.30
N LEU A 85 -9.22 11.25 -3.62
CA LEU A 85 -10.10 12.17 -2.94
C LEU A 85 -10.49 11.60 -1.59
N VAL A 86 -9.68 11.86 -0.59
CA VAL A 86 -9.89 11.30 0.74
C VAL A 86 -10.78 12.23 1.55
N GLY A 87 -12.05 11.84 1.68
CA GLY A 87 -13.01 12.66 2.36
C GLY A 87 -13.46 13.82 1.50
N GLU A 88 -12.62 14.84 1.41
CA GLU A 88 -12.90 15.99 0.57
C GLU A 88 -11.60 16.56 -0.03
N GLN A 89 -10.48 15.90 0.22
CA GLN A 89 -9.20 16.43 -0.23
C GLN A 89 -8.67 15.68 -1.44
N THR A 90 -8.47 16.40 -2.52
CA THR A 90 -7.86 15.86 -3.71
C THR A 90 -6.35 15.81 -3.54
N VAL A 91 -5.78 14.61 -3.54
CA VAL A 91 -4.38 14.42 -3.19
C VAL A 91 -3.62 13.60 -4.23
N ASP A 92 -2.30 13.68 -4.14
CA ASP A 92 -1.39 13.00 -5.06
C ASP A 92 -0.85 11.70 -4.48
N VAL A 93 -1.24 10.57 -5.05
CA VAL A 93 -0.66 9.30 -4.69
C VAL A 93 -0.13 8.60 -5.96
N VAL A 94 0.89 7.78 -5.82
CA VAL A 94 1.45 7.08 -6.97
C VAL A 94 1.04 5.61 -6.97
N ASP A 95 0.77 5.08 -8.15
CA ASP A 95 0.38 3.68 -8.32
C ASP A 95 1.60 2.81 -8.60
N GLU A 96 1.77 1.76 -7.78
CA GLU A 96 2.91 0.84 -7.94
C GLU A 96 2.78 -0.01 -9.19
N GLY A 97 1.58 -0.03 -9.77
CA GLY A 97 1.36 -0.81 -10.97
C GLY A 97 0.06 -1.57 -10.95
N GLU A 98 -0.51 -1.76 -12.12
CA GLU A 98 -1.76 -2.49 -12.28
C GLU A 98 -1.60 -3.95 -11.87
N LEU A 99 -0.35 -4.39 -11.72
CA LEU A 99 -0.06 -5.71 -11.21
C LEU A 99 -0.51 -5.81 -9.76
N ALA A 100 -0.21 -4.76 -8.99
CA ALA A 100 -0.62 -4.70 -7.59
C ALA A 100 -2.12 -4.54 -7.48
N ALA A 101 -2.69 -3.78 -8.41
CA ALA A 101 -4.14 -3.58 -8.47
C ALA A 101 -4.87 -4.90 -8.64
N ALA A 102 -4.46 -5.67 -9.64
CA ALA A 102 -5.09 -6.97 -9.92
C ALA A 102 -4.87 -7.93 -8.75
N TRP A 103 -3.68 -7.88 -8.17
CA TRP A 103 -3.32 -8.76 -7.08
C TRP A 103 -4.29 -8.60 -5.90
N ILE A 104 -4.63 -7.37 -5.55
CA ILE A 104 -5.50 -7.14 -4.42
C ILE A 104 -6.98 -7.20 -4.81
N SER A 105 -7.29 -6.92 -6.08
CA SER A 105 -8.67 -7.03 -6.52
C SER A 105 -9.10 -8.49 -6.52
N ASN A 106 -8.14 -9.40 -6.46
CA ASN A 106 -8.42 -10.81 -6.27
C ASN A 106 -8.47 -11.18 -4.79
N HIS A 107 -7.51 -10.70 -4.01
CA HIS A 107 -7.47 -11.01 -2.57
C HIS A 107 -8.54 -10.23 -1.79
N ALA A 108 -8.61 -8.93 -2.02
CA ALA A 108 -9.62 -8.10 -1.38
C ALA A 108 -10.95 -8.33 -2.06
N GLY A 109 -10.92 -8.43 -3.38
CA GLY A 109 -12.11 -8.77 -4.13
C GLY A 109 -12.71 -7.58 -4.84
N VAL A 110 -12.67 -6.43 -4.18
CA VAL A 110 -13.21 -5.21 -4.74
C VAL A 110 -12.16 -4.48 -5.58
N PRO A 111 -12.59 -3.62 -6.52
CA PRO A 111 -11.68 -2.83 -7.36
C PRO A 111 -10.88 -1.82 -6.52
N CYS A 112 -9.74 -2.27 -6.03
CA CYS A 112 -8.85 -1.41 -5.27
C CYS A 112 -7.42 -1.62 -5.74
N ARG A 113 -6.52 -0.75 -5.29
CA ARG A 113 -5.13 -0.83 -5.69
C ARG A 113 -4.23 -0.31 -4.59
N ILE A 114 -3.01 -0.84 -4.53
CA ILE A 114 -2.02 -0.39 -3.55
C ILE A 114 -1.34 0.87 -4.08
N LEU A 115 -1.23 1.88 -3.24
CA LEU A 115 -0.71 3.17 -3.66
C LEU A 115 0.22 3.76 -2.61
N LYS A 116 1.37 4.23 -3.05
CA LYS A 116 2.30 4.94 -2.19
C LYS A 116 2.13 6.45 -2.39
N VAL A 117 1.79 7.16 -1.33
CA VAL A 117 1.66 8.61 -1.40
C VAL A 117 3.01 9.24 -1.71
N HIS A 118 3.01 10.18 -2.66
CA HIS A 118 4.24 10.84 -3.11
C HIS A 118 4.95 11.48 -1.91
N PRO A 119 6.25 11.16 -1.71
CA PRO A 119 7.03 11.63 -0.55
C PRO A 119 6.88 13.13 -0.27
N ASP A 120 6.71 13.89 -1.34
CA ASP A 120 6.52 15.33 -1.23
C ASP A 120 5.26 15.69 -0.45
N MET A 121 4.14 15.11 -0.86
CA MET A 121 2.86 15.39 -0.22
C MET A 121 2.61 14.41 0.91
N ALA A 122 2.44 14.96 2.09
CA ALA A 122 2.28 14.14 3.28
C ALA A 122 0.90 14.32 3.90
N GLU A 123 0.38 15.53 3.82
CA GLU A 123 -0.88 15.88 4.46
C GLU A 123 -2.07 15.47 3.60
N VAL A 124 -2.70 14.37 3.99
CA VAL A 124 -3.89 13.87 3.31
C VAL A 124 -4.97 13.59 4.34
N ARG A 125 -4.71 12.59 5.17
CA ARG A 125 -5.56 12.23 6.30
C ARG A 125 -6.91 11.65 5.89
N TRP A 126 -7.16 10.44 6.35
CA TRP A 126 -8.50 9.86 6.33
C TRP A 126 -9.42 10.78 7.15
N PRO A 127 -10.71 10.91 6.74
CA PRO A 127 -11.69 11.79 7.41
C PRO A 127 -11.67 11.67 8.94
N SER A 128 -11.36 10.46 9.42
CA SER A 128 -11.24 10.19 10.86
C SER A 128 -12.57 10.43 11.59
N LEU A 129 -13.67 10.26 10.85
CA LEU A 129 -15.02 10.46 11.38
C LEU A 129 -15.24 11.91 11.82
N GLU A 130 -15.74 12.71 10.89
CA GLU A 130 -15.99 14.12 11.13
C GLU A 130 -17.17 14.29 12.09
N MET A 1 8.48 -10.52 25.07
CA MET A 1 7.72 -9.28 25.36
C MET A 1 7.86 -8.29 24.21
N SER A 2 8.98 -7.60 24.16
CA SER A 2 9.27 -6.69 23.06
C SER A 2 10.00 -7.42 21.95
N THR A 3 9.25 -7.85 20.95
CA THR A 3 9.80 -8.65 19.86
C THR A 3 10.33 -7.74 18.74
N THR A 4 9.85 -6.51 18.72
CA THR A 4 10.26 -5.51 17.73
C THR A 4 9.84 -5.92 16.32
N ALA A 5 8.66 -5.47 15.92
CA ALA A 5 8.18 -5.71 14.57
C ALA A 5 8.04 -4.39 13.83
N TYR A 6 8.66 -4.29 12.67
CA TYR A 6 8.65 -3.04 11.91
C TYR A 6 7.46 -3.03 10.97
N GLN A 7 6.79 -1.90 10.86
CA GLN A 7 5.62 -1.80 10.01
C GLN A 7 5.88 -0.85 8.85
N PRO A 8 6.32 -1.38 7.72
CA PRO A 8 6.59 -0.58 6.53
C PRO A 8 5.34 -0.35 5.68
N ILE A 9 4.50 -1.37 5.61
CA ILE A 9 3.30 -1.33 4.78
C ILE A 9 2.04 -1.41 5.65
N ALA A 10 0.98 -0.73 5.21
CA ALA A 10 -0.23 -0.58 6.02
C ALA A 10 -1.06 -1.86 6.11
N GLU A 11 -1.66 -2.25 4.99
CA GLU A 11 -2.53 -3.41 4.97
C GLU A 11 -1.73 -4.68 5.24
N CYS A 12 -0.54 -4.75 4.69
CA CYS A 12 0.34 -5.89 4.89
C CYS A 12 0.67 -6.07 6.37
N GLY A 13 1.06 -4.99 7.03
CA GLY A 13 1.30 -5.05 8.45
C GLY A 13 2.76 -4.96 8.83
N ALA A 14 3.20 -5.88 9.68
CA ALA A 14 4.52 -5.81 10.26
C ALA A 14 5.46 -6.88 9.70
N THR A 15 6.73 -6.53 9.63
CA THR A 15 7.77 -7.44 9.21
C THR A 15 9.01 -7.24 10.08
N THR A 16 9.49 -8.31 10.68
CA THR A 16 10.67 -8.20 11.52
C THR A 16 11.94 -8.36 10.68
N GLN A 17 12.41 -7.22 10.18
CA GLN A 17 13.66 -7.16 9.43
C GLN A 17 14.31 -5.81 9.66
N SER A 18 15.61 -5.80 9.89
CA SER A 18 16.36 -4.59 10.22
C SER A 18 16.18 -3.51 9.16
N GLU A 19 16.14 -3.92 7.90
CA GLU A 19 16.12 -2.98 6.78
C GLU A 19 14.74 -2.32 6.64
N ALA A 20 13.71 -3.00 7.14
CA ALA A 20 12.33 -2.57 6.94
C ALA A 20 12.06 -1.20 7.55
N ALA A 21 12.82 -0.86 8.59
CA ALA A 21 12.61 0.40 9.31
C ALA A 21 12.86 1.62 8.44
N ALA A 22 13.67 1.45 7.41
CA ALA A 22 14.05 2.57 6.56
C ALA A 22 13.35 2.51 5.20
N TYR A 23 12.47 1.53 5.02
CA TYR A 23 11.72 1.42 3.76
C TYR A 23 10.23 1.56 4.01
N GLN A 24 9.88 2.01 5.20
CA GLN A 24 8.49 2.23 5.52
C GLN A 24 8.01 3.52 4.87
N LYS A 25 6.72 3.59 4.60
CA LYS A 25 6.12 4.77 3.98
C LYS A 25 4.63 4.73 4.19
N ARG A 26 3.94 5.80 3.85
CA ARG A 26 2.50 5.83 3.93
C ARG A 26 1.92 5.06 2.76
N TRP A 27 2.00 3.75 2.90
CA TRP A 27 1.52 2.80 1.92
C TRP A 27 0.08 2.45 2.24
N LEU A 28 -0.70 2.08 1.23
CA LEU A 28 -2.08 1.69 1.45
C LEU A 28 -2.76 1.33 0.13
N VAL A 29 -4.04 1.02 0.22
CA VAL A 29 -4.83 0.68 -0.94
C VAL A 29 -5.97 1.67 -1.12
N ALA A 30 -6.24 2.02 -2.37
CA ALA A 30 -7.36 2.88 -2.68
C ALA A 30 -8.32 2.14 -3.60
N ASN A 31 -9.61 2.32 -3.37
CA ASN A 31 -10.60 1.64 -4.18
C ASN A 31 -11.09 2.55 -5.30
N ASP A 32 -12.03 2.06 -6.08
CA ASP A 32 -12.61 2.80 -7.22
C ASP A 32 -12.98 4.23 -6.86
N ALA A 33 -13.56 4.42 -5.67
CA ALA A 33 -14.03 5.74 -5.23
C ALA A 33 -12.86 6.69 -4.93
N GLY A 34 -11.64 6.16 -4.94
CA GLY A 34 -10.48 6.97 -4.62
C GLY A 34 -10.32 7.14 -3.12
N GLN A 35 -11.10 6.41 -2.36
CA GLN A 35 -11.05 6.47 -0.91
C GLN A 35 -10.02 5.48 -0.39
N TRP A 36 -9.32 5.88 0.66
CA TRP A 36 -8.36 5.00 1.34
C TRP A 36 -9.08 3.80 1.94
N LEU A 37 -8.57 2.62 1.64
CA LEU A 37 -9.11 1.39 2.18
C LEU A 37 -8.44 1.10 3.52
N ASN A 38 -9.25 0.80 4.53
CA ASN A 38 -8.74 0.71 5.90
C ASN A 38 -8.98 -0.66 6.47
N ARG A 39 -8.29 -1.00 7.54
CA ARG A 39 -8.51 -2.26 8.24
C ARG A 39 -9.85 -2.21 8.97
N ASP A 40 -10.31 -1.00 9.23
CA ASP A 40 -11.64 -0.78 9.81
C ASP A 40 -12.71 -1.06 8.75
N LEU A 41 -12.34 -0.87 7.50
CA LEU A 41 -13.25 -1.09 6.39
C LEU A 41 -13.15 -2.54 5.93
N CYS A 42 -11.92 -3.00 5.79
CA CYS A 42 -11.65 -4.38 5.38
C CYS A 42 -10.64 -5.05 6.32
N PRO A 43 -11.14 -5.82 7.30
CA PRO A 43 -10.29 -6.53 8.27
C PRO A 43 -9.40 -7.58 7.62
N ARG A 44 -9.92 -8.26 6.60
CA ARG A 44 -9.19 -9.35 5.95
C ARG A 44 -8.06 -8.79 5.09
N LEU A 45 -8.01 -7.48 4.95
CA LEU A 45 -6.98 -6.83 4.18
C LEU A 45 -5.65 -6.88 4.94
N ALA A 46 -5.75 -7.01 6.26
CA ALA A 46 -4.58 -7.14 7.11
C ALA A 46 -3.92 -8.50 6.96
N GLU A 47 -4.55 -9.38 6.20
CA GLU A 47 -4.07 -10.75 6.04
C GLU A 47 -3.07 -10.84 4.88
N VAL A 48 -2.32 -9.78 4.65
CA VAL A 48 -1.30 -9.79 3.62
C VAL A 48 0.06 -10.16 4.23
N SER A 49 0.72 -11.14 3.65
CA SER A 49 2.04 -11.55 4.11
C SER A 49 3.09 -10.68 3.43
N VAL A 50 4.07 -10.25 4.19
CA VAL A 50 5.06 -9.31 3.69
C VAL A 50 6.46 -9.90 3.75
N GLU A 51 7.26 -9.56 2.76
CA GLU A 51 8.66 -9.93 2.72
C GLU A 51 9.44 -8.85 2.00
N LEU A 52 10.62 -8.54 2.49
CA LEU A 52 11.43 -7.52 1.87
C LEU A 52 12.66 -8.12 1.22
N ARG A 53 12.79 -7.83 -0.05
CA ARG A 53 13.93 -8.24 -0.85
C ARG A 53 14.82 -7.02 -1.05
N MET A 54 16.10 -7.22 -1.28
CA MET A 54 17.01 -6.09 -1.45
C MET A 54 16.65 -5.27 -2.68
N GLY A 55 15.77 -4.29 -2.49
CA GLY A 55 15.32 -3.45 -3.58
C GLY A 55 13.88 -3.72 -3.97
N TYR A 56 13.29 -4.78 -3.42
CA TYR A 56 11.94 -5.17 -3.83
C TYR A 56 11.07 -5.44 -2.61
N LEU A 57 9.79 -5.17 -2.75
CA LEU A 57 8.81 -5.50 -1.74
C LEU A 57 8.02 -6.71 -2.21
N VAL A 58 8.21 -7.83 -1.53
CA VAL A 58 7.60 -9.08 -1.94
C VAL A 58 6.35 -9.38 -1.12
N LEU A 59 5.19 -9.12 -1.69
CA LEU A 59 3.93 -9.42 -1.04
C LEU A 59 3.47 -10.82 -1.39
N LYS A 60 2.82 -11.48 -0.44
CA LYS A 60 2.27 -12.81 -0.65
C LYS A 60 0.90 -12.87 -0.01
N ALA A 61 -0.13 -13.31 -0.73
CA ALA A 61 -1.47 -13.27 -0.17
C ALA A 61 -2.14 -14.63 -0.07
N PRO A 62 -2.93 -14.86 0.97
CA PRO A 62 -3.84 -16.01 1.02
C PRO A 62 -4.87 -15.89 -0.09
N GLY A 63 -4.60 -16.57 -1.19
CA GLY A 63 -5.46 -16.48 -2.35
C GLY A 63 -4.70 -16.03 -3.58
N MET A 64 -3.71 -15.17 -3.37
CA MET A 64 -2.91 -14.63 -4.48
C MET A 64 -1.44 -14.95 -4.27
N LEU A 65 -0.72 -15.10 -5.36
CA LEU A 65 0.70 -15.45 -5.29
C LEU A 65 1.52 -14.27 -4.77
N ARG A 66 2.75 -14.12 -5.29
CA ARG A 66 3.60 -13.01 -4.92
C ARG A 66 3.18 -11.74 -5.66
N LEU A 67 3.51 -10.61 -5.08
CA LEU A 67 3.40 -9.34 -5.77
C LEU A 67 4.75 -8.63 -5.67
N ASP A 68 5.49 -8.65 -6.76
CA ASP A 68 6.82 -8.08 -6.78
C ASP A 68 6.78 -6.61 -7.15
N ILE A 69 6.90 -5.75 -6.15
CA ILE A 69 6.90 -4.32 -6.37
C ILE A 69 8.16 -3.69 -5.79
N PRO A 70 8.97 -3.05 -6.63
CA PRO A 70 10.18 -2.36 -6.18
C PRO A 70 9.84 -1.29 -5.13
N LEU A 71 10.74 -1.13 -4.18
CA LEU A 71 10.48 -0.35 -2.95
C LEU A 71 9.89 1.03 -3.22
N ASP A 72 10.68 1.95 -3.77
CA ASP A 72 10.24 3.33 -3.89
C ASP A 72 9.48 3.57 -5.18
N VAL A 73 10.05 3.12 -6.26
CA VAL A 73 9.45 3.26 -7.57
C VAL A 73 9.65 2.01 -8.40
N ILE A 74 8.78 1.79 -9.37
CA ILE A 74 8.94 0.70 -10.31
C ILE A 74 10.13 1.00 -11.23
N GLU A 75 10.63 -0.03 -11.87
CA GLU A 75 11.82 0.08 -12.70
C GLU A 75 11.48 0.62 -14.10
N ASP A 76 10.37 1.32 -14.17
CA ASP A 76 9.94 1.97 -15.41
C ASP A 76 9.54 3.40 -15.09
N ASP A 77 9.59 4.25 -16.09
CA ASP A 77 9.26 5.67 -15.92
C ASP A 77 7.75 5.87 -16.03
N ASP A 78 7.07 4.78 -16.29
CA ASP A 78 5.62 4.80 -16.49
C ASP A 78 4.88 4.65 -15.17
N SER A 79 5.51 5.11 -14.10
CA SER A 79 4.89 5.10 -12.78
C SER A 79 3.63 5.95 -12.80
N VAL A 80 2.48 5.28 -12.86
CA VAL A 80 1.21 5.97 -13.00
C VAL A 80 0.86 6.72 -11.73
N ARG A 81 0.50 7.98 -11.87
CA ARG A 81 0.08 8.78 -10.73
C ARG A 81 -1.44 8.94 -10.73
N TYR A 82 -2.08 8.32 -9.76
CA TYR A 82 -3.53 8.36 -9.64
C TYR A 82 -3.93 9.33 -8.53
N GLN A 83 -4.92 10.16 -8.80
CA GLN A 83 -5.37 11.13 -7.82
C GLN A 83 -6.45 10.52 -6.93
N MET A 84 -6.24 10.65 -5.64
CA MET A 84 -7.14 10.10 -4.64
C MET A 84 -8.12 11.17 -4.17
N LEU A 85 -9.10 10.76 -3.39
CA LEU A 85 -10.02 11.68 -2.79
C LEU A 85 -10.33 11.26 -1.36
N VAL A 86 -9.51 11.71 -0.45
CA VAL A 86 -9.65 11.34 0.95
C VAL A 86 -10.39 12.43 1.71
N GLY A 87 -11.70 12.25 1.87
CA GLY A 87 -12.51 13.24 2.55
C GLY A 87 -12.46 14.58 1.83
N GLU A 88 -12.67 14.53 0.52
CA GLU A 88 -12.69 15.72 -0.33
C GLU A 88 -11.28 16.26 -0.57
N GLN A 89 -10.28 15.52 -0.13
CA GLN A 89 -8.90 15.93 -0.33
C GLN A 89 -8.33 15.25 -1.57
N THR A 90 -8.31 15.97 -2.68
CA THR A 90 -7.77 15.45 -3.92
C THR A 90 -6.24 15.47 -3.89
N VAL A 91 -5.65 14.31 -3.73
CA VAL A 91 -4.22 14.17 -3.59
C VAL A 91 -3.64 13.26 -4.66
N ASP A 92 -2.33 13.34 -4.85
CA ASP A 92 -1.66 12.60 -5.93
C ASP A 92 -0.83 11.47 -5.34
N VAL A 93 -1.05 10.25 -5.82
CA VAL A 93 -0.32 9.09 -5.32
C VAL A 93 0.23 8.24 -6.46
N VAL A 94 1.30 7.51 -6.18
CA VAL A 94 1.94 6.68 -7.19
C VAL A 94 1.35 5.27 -7.18
N ASP A 95 1.07 4.75 -8.38
CA ASP A 95 0.54 3.41 -8.54
C ASP A 95 1.70 2.42 -8.66
N GLU A 96 1.61 1.32 -7.92
CA GLU A 96 2.67 0.33 -7.87
C GLU A 96 2.62 -0.60 -9.09
N GLY A 97 1.61 -0.40 -9.94
CA GLY A 97 1.43 -1.24 -11.10
C GLY A 97 0.04 -1.83 -11.13
N GLU A 98 -0.55 -1.92 -12.32
CA GLU A 98 -1.91 -2.41 -12.46
C GLU A 98 -1.98 -3.91 -12.13
N LEU A 99 -0.83 -4.56 -12.08
CA LEU A 99 -0.76 -5.94 -11.60
C LEU A 99 -1.05 -5.99 -10.11
N ALA A 100 -0.64 -4.93 -9.40
CA ALA A 100 -0.90 -4.81 -7.97
C ALA A 100 -2.35 -4.43 -7.74
N ALA A 101 -2.89 -3.63 -8.66
CA ALA A 101 -4.30 -3.26 -8.63
C ALA A 101 -5.17 -4.51 -8.66
N ALA A 102 -4.96 -5.36 -9.66
CA ALA A 102 -5.71 -6.59 -9.79
C ALA A 102 -5.45 -7.51 -8.60
N TRP A 103 -4.18 -7.60 -8.20
CA TRP A 103 -3.75 -8.46 -7.10
C TRP A 103 -4.63 -8.28 -5.86
N ILE A 104 -4.86 -7.03 -5.47
CA ILE A 104 -5.67 -6.79 -4.29
C ILE A 104 -7.16 -6.74 -4.64
N SER A 105 -7.48 -6.45 -5.88
CA SER A 105 -8.87 -6.51 -6.32
C SER A 105 -9.38 -7.94 -6.26
N ASN A 106 -8.44 -8.87 -6.12
CA ASN A 106 -8.75 -10.27 -5.93
C ASN A 106 -8.90 -10.59 -4.43
N HIS A 107 -7.90 -10.18 -3.63
CA HIS A 107 -7.92 -10.46 -2.19
C HIS A 107 -8.89 -9.54 -1.44
N ALA A 108 -8.84 -8.25 -1.75
CA ALA A 108 -9.80 -7.31 -1.17
C ALA A 108 -11.16 -7.55 -1.80
N GLY A 109 -11.15 -7.89 -3.08
CA GLY A 109 -12.36 -8.33 -3.74
C GLY A 109 -13.02 -7.26 -4.58
N VAL A 110 -12.88 -6.02 -4.15
CA VAL A 110 -13.44 -4.90 -4.87
C VAL A 110 -12.33 -4.17 -5.62
N PRO A 111 -12.66 -3.43 -6.69
CA PRO A 111 -11.67 -2.72 -7.51
C PRO A 111 -10.82 -1.76 -6.69
N CYS A 112 -9.63 -2.20 -6.35
CA CYS A 112 -8.71 -1.41 -5.55
C CYS A 112 -7.31 -1.47 -6.17
N ARG A 113 -6.35 -0.85 -5.50
CA ARG A 113 -4.96 -0.90 -5.93
C ARG A 113 -4.05 -0.39 -4.82
N ILE A 114 -2.89 -1.03 -4.69
CA ILE A 114 -1.92 -0.61 -3.69
C ILE A 114 -1.16 0.60 -4.19
N LEU A 115 -1.20 1.67 -3.42
CA LEU A 115 -0.62 2.94 -3.83
C LEU A 115 0.18 3.54 -2.68
N LYS A 116 1.22 4.31 -3.01
CA LYS A 116 1.95 5.03 -1.99
C LYS A 116 1.82 6.53 -2.23
N VAL A 117 1.66 7.28 -1.14
CA VAL A 117 1.44 8.71 -1.23
C VAL A 117 2.65 9.45 -1.79
N HIS A 118 2.39 10.46 -2.60
CA HIS A 118 3.45 11.26 -3.20
C HIS A 118 4.27 11.97 -2.16
N PRO A 119 5.60 12.08 -2.38
CA PRO A 119 6.50 12.83 -1.50
C PRO A 119 6.17 14.33 -1.51
N ASP A 120 5.44 14.76 -2.53
CA ASP A 120 5.03 16.15 -2.67
C ASP A 120 4.02 16.56 -1.61
N MET A 121 3.49 15.59 -0.87
CA MET A 121 2.46 15.86 0.13
C MET A 121 2.61 14.96 1.36
N ALA A 122 2.84 13.66 1.11
CA ALA A 122 3.16 12.69 2.16
C ALA A 122 1.99 12.37 3.10
N GLU A 123 1.55 13.36 3.85
CA GLU A 123 0.61 13.14 4.95
C GLU A 123 -0.79 12.77 4.46
N VAL A 124 -1.55 13.76 3.97
CA VAL A 124 -2.92 13.55 3.48
C VAL A 124 -3.88 13.17 4.62
N ARG A 125 -3.80 11.90 5.05
CA ARG A 125 -4.55 11.38 6.20
C ARG A 125 -5.99 10.99 5.88
N TRP A 126 -6.35 9.78 6.32
CA TRP A 126 -7.71 9.27 6.31
C TRP A 126 -8.62 10.23 7.10
N PRO A 127 -9.92 10.33 6.74
CA PRO A 127 -10.89 11.17 7.46
C PRO A 127 -10.76 11.04 8.97
N SER A 128 -10.48 12.16 9.62
CA SER A 128 -10.21 12.16 11.04
C SER A 128 -11.45 12.61 11.79
N LEU A 129 -12.56 11.95 11.48
CA LEU A 129 -13.84 12.22 12.14
C LEU A 129 -13.82 11.86 13.63
N GLU A 130 -12.68 11.38 14.07
CA GLU A 130 -12.45 11.06 15.47
C GLU A 130 -11.00 11.34 15.80
N MET A 1 11.91 -12.90 24.67
CA MET A 1 10.79 -12.13 24.09
C MET A 1 11.33 -11.07 23.16
N SER A 2 11.08 -11.22 21.88
CA SER A 2 11.54 -10.27 20.88
C SER A 2 10.39 -9.85 19.98
N THR A 3 10.11 -8.56 19.93
CA THR A 3 9.07 -8.05 19.07
C THR A 3 9.65 -7.74 17.69
N THR A 4 10.37 -6.60 17.60
CA THR A 4 11.02 -6.17 16.36
C THR A 4 10.14 -6.36 15.12
N ALA A 5 8.87 -6.03 15.25
CA ALA A 5 7.93 -6.13 14.15
C ALA A 5 7.64 -4.75 13.60
N TYR A 6 8.14 -4.50 12.40
CA TYR A 6 8.02 -3.19 11.78
C TYR A 6 6.77 -3.12 10.92
N GLN A 7 6.11 -1.98 10.93
CA GLN A 7 4.91 -1.76 10.12
C GLN A 7 5.26 -0.92 8.90
N PRO A 8 5.72 -1.56 7.81
CA PRO A 8 6.15 -0.85 6.61
C PRO A 8 4.96 -0.48 5.72
N ILE A 9 4.23 -1.50 5.29
CA ILE A 9 3.08 -1.30 4.43
C ILE A 9 1.79 -1.34 5.27
N ALA A 10 0.87 -0.44 4.96
CA ALA A 10 -0.32 -0.21 5.79
C ALA A 10 -1.21 -1.45 5.91
N GLU A 11 -1.65 -1.97 4.78
CA GLU A 11 -2.56 -3.10 4.77
C GLU A 11 -1.83 -4.40 5.06
N CYS A 12 -0.65 -4.54 4.47
CA CYS A 12 0.15 -5.75 4.61
C CYS A 12 0.37 -6.13 6.07
N GLY A 13 0.71 -5.16 6.89
CA GLY A 13 0.85 -5.42 8.31
C GLY A 13 2.28 -5.41 8.79
N ALA A 14 2.55 -6.16 9.84
CA ALA A 14 3.86 -6.16 10.47
C ALA A 14 4.82 -7.11 9.76
N THR A 15 6.05 -6.66 9.60
CA THR A 15 7.09 -7.45 8.99
C THR A 15 8.23 -7.68 9.98
N THR A 16 8.67 -8.91 10.12
CA THR A 16 9.69 -9.26 11.10
C THR A 16 11.10 -9.17 10.53
N GLN A 17 11.25 -8.52 9.39
CA GLN A 17 12.55 -8.36 8.76
C GLN A 17 13.10 -6.96 9.01
N SER A 18 14.39 -6.89 9.29
CA SER A 18 15.04 -5.66 9.75
C SER A 18 14.96 -4.52 8.73
N GLU A 19 15.05 -4.86 7.45
CA GLU A 19 15.07 -3.84 6.39
C GLU A 19 13.76 -3.07 6.33
N ALA A 20 12.70 -3.67 6.86
CA ALA A 20 11.37 -3.06 6.78
C ALA A 20 11.32 -1.72 7.50
N ALA A 21 12.18 -1.54 8.50
CA ALA A 21 12.22 -0.32 9.28
C ALA A 21 12.57 0.89 8.43
N ALA A 22 13.32 0.66 7.37
CA ALA A 22 13.77 1.75 6.51
C ALA A 22 12.82 1.97 5.34
N TYR A 23 11.93 1.01 5.10
CA TYR A 23 11.06 1.08 3.94
C TYR A 23 9.61 1.27 4.31
N GLN A 24 9.37 1.50 5.60
CA GLN A 24 8.04 1.87 6.07
C GLN A 24 7.69 3.26 5.56
N LYS A 25 6.44 3.46 5.17
CA LYS A 25 6.06 4.73 4.55
C LYS A 25 4.55 4.87 4.50
N ARG A 26 4.08 5.98 3.95
CA ARG A 26 2.65 6.22 3.82
C ARG A 26 2.07 5.43 2.66
N TRP A 27 1.87 4.16 2.90
CA TRP A 27 1.27 3.25 1.93
C TRP A 27 -0.18 3.00 2.27
N LEU A 28 -0.95 2.51 1.30
CA LEU A 28 -2.32 2.07 1.56
C LEU A 28 -2.98 1.53 0.29
N VAL A 29 -4.21 1.08 0.44
CA VAL A 29 -5.02 0.66 -0.69
C VAL A 29 -6.18 1.63 -0.86
N ALA A 30 -6.61 1.87 -2.09
CA ALA A 30 -7.76 2.73 -2.33
C ALA A 30 -8.76 2.02 -3.19
N ASN A 31 -10.04 2.31 -2.97
CA ASN A 31 -11.11 1.64 -3.70
C ASN A 31 -11.40 2.37 -5.01
N ASP A 32 -12.37 1.83 -5.75
CA ASP A 32 -12.78 2.33 -7.06
C ASP A 32 -12.94 3.86 -7.12
N ALA A 33 -13.43 4.44 -6.03
CA ALA A 33 -13.73 5.86 -6.01
C ALA A 33 -12.48 6.72 -5.81
N GLY A 34 -11.33 6.07 -5.69
CA GLY A 34 -10.12 6.81 -5.39
C GLY A 34 -10.18 7.34 -3.97
N GLN A 35 -10.59 6.48 -3.05
CA GLN A 35 -10.75 6.85 -1.66
C GLN A 35 -9.89 5.97 -0.78
N TRP A 36 -9.30 6.57 0.25
CA TRP A 36 -8.43 5.89 1.19
C TRP A 36 -9.13 4.71 1.87
N LEU A 37 -8.53 3.54 1.77
CA LEU A 37 -9.04 2.33 2.39
C LEU A 37 -8.06 1.90 3.49
N ASN A 38 -8.57 1.58 4.67
CA ASN A 38 -7.70 1.29 5.81
C ASN A 38 -8.09 -0.01 6.51
N ARG A 39 -7.39 -0.32 7.59
CA ARG A 39 -7.60 -1.57 8.32
C ARG A 39 -9.00 -1.63 8.94
N ASP A 40 -9.67 -0.48 9.01
CA ASP A 40 -11.02 -0.42 9.55
C ASP A 40 -12.05 -0.53 8.44
N LEU A 41 -11.69 -0.06 7.25
CA LEU A 41 -12.56 -0.16 6.09
C LEU A 41 -12.32 -1.48 5.37
N CYS A 42 -11.05 -1.83 5.25
CA CYS A 42 -10.67 -3.12 4.69
C CYS A 42 -9.77 -3.88 5.68
N PRO A 43 -10.38 -4.71 6.54
CA PRO A 43 -9.67 -5.41 7.60
C PRO A 43 -8.88 -6.63 7.12
N ARG A 44 -9.45 -7.40 6.19
CA ARG A 44 -8.84 -8.68 5.77
C ARG A 44 -7.52 -8.45 5.03
N LEU A 45 -7.24 -7.22 4.67
CA LEU A 45 -5.99 -6.90 4.00
C LEU A 45 -4.82 -7.06 4.97
N ALA A 46 -5.14 -7.07 6.25
CA ALA A 46 -4.14 -7.18 7.30
C ALA A 46 -3.45 -8.55 7.32
N GLU A 47 -3.96 -9.52 6.56
CA GLU A 47 -3.37 -10.85 6.57
C GLU A 47 -2.42 -11.06 5.39
N VAL A 48 -1.81 -9.98 4.92
CA VAL A 48 -0.82 -10.08 3.84
C VAL A 48 0.54 -10.50 4.40
N SER A 49 1.22 -11.39 3.70
CA SER A 49 2.57 -11.78 4.07
C SER A 49 3.56 -10.90 3.34
N VAL A 50 4.55 -10.41 4.05
CA VAL A 50 5.47 -9.43 3.49
C VAL A 50 6.91 -9.92 3.51
N GLU A 51 7.54 -9.86 2.35
CA GLU A 51 8.96 -10.16 2.25
C GLU A 51 9.68 -8.97 1.64
N LEU A 52 10.89 -8.71 2.10
CA LEU A 52 11.65 -7.58 1.61
C LEU A 52 13.00 -8.01 1.09
N ARG A 53 13.27 -7.64 -0.15
CA ARG A 53 14.54 -7.89 -0.78
C ARG A 53 15.27 -6.56 -0.93
N MET A 54 16.59 -6.60 -0.98
CA MET A 54 17.37 -5.39 -1.19
C MET A 54 17.04 -4.76 -2.54
N GLY A 55 16.05 -3.88 -2.53
CA GLY A 55 15.63 -3.22 -3.75
C GLY A 55 14.24 -3.62 -4.20
N TYR A 56 13.66 -4.62 -3.54
CA TYR A 56 12.35 -5.13 -3.97
C TYR A 56 11.44 -5.39 -2.77
N LEU A 57 10.19 -5.02 -2.92
CA LEU A 57 9.17 -5.31 -1.93
C LEU A 57 8.32 -6.48 -2.41
N VAL A 58 8.49 -7.63 -1.79
CA VAL A 58 7.82 -8.84 -2.26
C VAL A 58 6.61 -9.17 -1.40
N LEU A 59 5.44 -8.86 -1.93
CA LEU A 59 4.19 -9.19 -1.25
C LEU A 59 3.74 -10.60 -1.63
N LYS A 60 3.08 -11.28 -0.70
CA LYS A 60 2.53 -12.62 -0.95
C LYS A 60 1.22 -12.76 -0.19
N ALA A 61 0.18 -13.26 -0.83
CA ALA A 61 -1.13 -13.33 -0.16
C ALA A 61 -1.54 -14.76 0.11
N PRO A 62 -2.29 -14.99 1.21
CA PRO A 62 -2.89 -16.28 1.50
C PRO A 62 -3.95 -16.62 0.46
N GLY A 63 -3.53 -17.34 -0.57
CA GLY A 63 -4.45 -17.68 -1.63
C GLY A 63 -4.05 -17.07 -2.96
N MET A 64 -3.31 -15.97 -2.91
CA MET A 64 -2.88 -15.28 -4.12
C MET A 64 -1.37 -15.23 -4.20
N LEU A 65 -0.87 -15.07 -5.40
CA LEU A 65 0.55 -15.18 -5.69
C LEU A 65 1.36 -14.05 -5.04
N ARG A 66 2.58 -13.87 -5.53
CA ARG A 66 3.45 -12.83 -5.03
C ARG A 66 3.27 -11.55 -5.83
N LEU A 67 3.78 -10.47 -5.28
CA LEU A 67 3.82 -9.20 -5.97
C LEU A 67 5.12 -8.49 -5.61
N ASP A 68 6.13 -8.67 -6.44
CA ASP A 68 7.43 -8.04 -6.20
C ASP A 68 7.46 -6.67 -6.83
N ILE A 69 7.57 -5.67 -5.98
CA ILE A 69 7.55 -4.29 -6.40
C ILE A 69 8.91 -3.64 -6.18
N PRO A 70 9.57 -3.18 -7.25
CA PRO A 70 10.80 -2.42 -7.14
C PRO A 70 10.62 -1.20 -6.23
N LEU A 71 11.50 -1.06 -5.25
CA LEU A 71 11.43 0.04 -4.30
C LEU A 71 11.61 1.37 -5.01
N ASP A 72 12.34 1.34 -6.12
CA ASP A 72 12.51 2.51 -6.97
C ASP A 72 11.69 2.31 -8.24
N VAL A 73 10.55 2.99 -8.30
CA VAL A 73 9.62 2.83 -9.41
C VAL A 73 10.03 3.75 -10.57
N ILE A 74 9.52 3.45 -11.76
CA ILE A 74 9.87 4.18 -12.97
C ILE A 74 9.51 5.67 -12.87
N GLU A 75 10.27 6.49 -13.59
CA GLU A 75 10.15 7.94 -13.51
C GLU A 75 9.25 8.49 -14.62
N ASP A 76 8.38 7.63 -15.13
CA ASP A 76 7.47 7.99 -16.20
C ASP A 76 6.05 7.70 -15.80
N ASP A 77 5.09 7.91 -16.69
CA ASP A 77 3.67 7.76 -16.35
C ASP A 77 3.27 6.30 -16.22
N ASP A 78 4.24 5.41 -16.37
CA ASP A 78 4.04 4.00 -16.02
C ASP A 78 3.72 3.92 -14.54
N SER A 79 4.42 4.73 -13.77
CA SER A 79 4.11 4.91 -12.36
C SER A 79 2.97 5.90 -12.25
N VAL A 80 1.76 5.39 -12.42
CA VAL A 80 0.56 6.21 -12.47
C VAL A 80 0.37 6.98 -11.16
N ARG A 81 0.13 8.28 -11.27
CA ARG A 81 -0.27 9.05 -10.11
C ARG A 81 -1.78 9.18 -10.11
N TYR A 82 -2.41 8.32 -9.34
CA TYR A 82 -3.86 8.22 -9.29
C TYR A 82 -4.41 9.37 -8.47
N GLN A 83 -5.26 10.18 -9.08
CA GLN A 83 -5.83 11.32 -8.40
C GLN A 83 -6.79 10.85 -7.30
N MET A 84 -6.34 10.97 -6.07
CA MET A 84 -7.08 10.50 -4.91
C MET A 84 -7.91 11.63 -4.34
N LEU A 85 -9.02 11.30 -3.73
CA LEU A 85 -9.85 12.28 -3.09
C LEU A 85 -10.09 11.88 -1.65
N VAL A 86 -9.19 12.32 -0.79
CA VAL A 86 -9.25 12.00 0.62
C VAL A 86 -10.25 12.92 1.31
N GLY A 87 -11.51 12.51 1.30
CA GLY A 87 -12.56 13.36 1.82
C GLY A 87 -12.93 14.45 0.85
N GLU A 88 -12.22 15.56 0.91
CA GLU A 88 -12.40 16.65 -0.03
C GLU A 88 -11.05 17.22 -0.47
N GLN A 89 -9.99 16.46 -0.22
CA GLN A 89 -8.66 16.85 -0.65
C GLN A 89 -8.24 16.08 -1.90
N THR A 90 -7.99 16.83 -2.96
CA THR A 90 -7.60 16.24 -4.23
C THR A 90 -6.08 16.17 -4.34
N VAL A 91 -5.55 14.96 -4.26
CA VAL A 91 -4.09 14.75 -4.28
C VAL A 91 -3.75 13.48 -5.08
N ASP A 92 -2.70 13.54 -5.87
CA ASP A 92 -2.27 12.36 -6.62
C ASP A 92 -1.41 11.47 -5.74
N VAL A 93 -1.59 10.17 -5.91
CA VAL A 93 -0.80 9.18 -5.20
C VAL A 93 -0.23 8.17 -6.19
N VAL A 94 0.89 7.58 -5.86
CA VAL A 94 1.58 6.69 -6.79
C VAL A 94 0.96 5.30 -6.78
N ASP A 95 0.54 4.86 -7.96
CA ASP A 95 -0.02 3.54 -8.14
C ASP A 95 1.09 2.54 -8.41
N GLU A 96 1.08 1.45 -7.66
CA GLU A 96 2.07 0.40 -7.84
C GLU A 96 1.76 -0.42 -9.08
N GLY A 97 0.61 -0.14 -9.69
CA GLY A 97 0.28 -0.75 -10.95
C GLY A 97 -1.01 -1.53 -10.91
N GLU A 98 -1.61 -1.73 -12.07
CA GLU A 98 -2.84 -2.51 -12.15
C GLU A 98 -2.58 -3.98 -11.86
N LEU A 99 -1.30 -4.34 -11.81
CA LEU A 99 -0.88 -5.66 -11.37
C LEU A 99 -1.24 -5.81 -9.90
N ALA A 100 -1.01 -4.75 -9.16
CA ALA A 100 -1.32 -4.72 -7.74
C ALA A 100 -2.82 -4.63 -7.54
N ALA A 101 -3.49 -3.93 -8.46
CA ALA A 101 -4.94 -3.85 -8.44
C ALA A 101 -5.56 -5.24 -8.58
N ALA A 102 -5.10 -6.00 -9.57
CA ALA A 102 -5.58 -7.37 -9.77
C ALA A 102 -5.25 -8.24 -8.56
N TRP A 103 -4.03 -8.11 -8.08
CA TRP A 103 -3.54 -8.90 -6.95
C TRP A 103 -4.48 -8.77 -5.74
N ILE A 104 -4.91 -7.54 -5.44
CA ILE A 104 -5.74 -7.34 -4.27
C ILE A 104 -7.23 -7.41 -4.61
N SER A 105 -7.60 -7.21 -5.86
CA SER A 105 -9.00 -7.39 -6.25
C SER A 105 -9.36 -8.87 -6.15
N ASN A 106 -8.35 -9.71 -6.03
CA ASN A 106 -8.54 -11.11 -5.72
C ASN A 106 -8.65 -11.35 -4.22
N HIS A 107 -7.75 -10.73 -3.44
CA HIS A 107 -7.72 -10.94 -1.99
C HIS A 107 -8.79 -10.11 -1.27
N ALA A 108 -8.90 -8.85 -1.65
CA ALA A 108 -9.92 -7.96 -1.11
C ALA A 108 -11.24 -8.26 -1.79
N GLY A 109 -11.16 -8.59 -3.07
CA GLY A 109 -12.35 -9.00 -3.80
C GLY A 109 -13.08 -7.84 -4.44
N VAL A 110 -12.60 -6.64 -4.18
CA VAL A 110 -13.21 -5.43 -4.72
C VAL A 110 -12.19 -4.68 -5.56
N PRO A 111 -12.67 -3.79 -6.46
CA PRO A 111 -11.79 -3.00 -7.34
C PRO A 111 -10.97 -1.98 -6.56
N CYS A 112 -9.82 -2.42 -6.08
CA CYS A 112 -8.92 -1.57 -5.32
C CYS A 112 -7.50 -1.75 -5.81
N ARG A 113 -6.67 -0.73 -5.62
CA ARG A 113 -5.26 -0.81 -5.99
C ARG A 113 -4.40 -0.25 -4.88
N ILE A 114 -3.18 -0.74 -4.79
CA ILE A 114 -2.25 -0.31 -3.75
C ILE A 114 -1.58 0.98 -4.16
N LEU A 115 -1.78 2.02 -3.37
CA LEU A 115 -1.30 3.35 -3.69
C LEU A 115 -0.37 3.87 -2.61
N LYS A 116 0.75 4.43 -3.04
CA LYS A 116 1.72 4.99 -2.12
C LYS A 116 1.68 6.51 -2.18
N VAL A 117 1.57 7.15 -1.03
CA VAL A 117 1.53 8.59 -0.96
C VAL A 117 2.91 9.17 -1.26
N HIS A 118 2.96 9.97 -2.33
CA HIS A 118 4.20 10.63 -2.71
C HIS A 118 4.65 11.57 -1.60
N PRO A 119 5.88 11.41 -1.10
CA PRO A 119 6.40 12.13 0.08
C PRO A 119 6.63 13.62 -0.14
N ASP A 120 5.76 14.24 -0.93
CA ASP A 120 5.79 15.68 -1.12
C ASP A 120 4.47 16.29 -0.64
N MET A 121 3.38 15.52 -0.78
CA MET A 121 2.08 15.95 -0.28
C MET A 121 2.00 15.77 1.22
N ALA A 122 2.20 14.52 1.66
CA ALA A 122 2.20 14.14 3.08
C ALA A 122 0.81 14.26 3.71
N GLU A 123 0.31 15.47 3.82
CA GLU A 123 -0.98 15.71 4.47
C GLU A 123 -2.12 15.56 3.49
N VAL A 124 -2.92 14.54 3.74
CA VAL A 124 -4.08 14.25 2.93
C VAL A 124 -5.34 14.41 3.77
N ARG A 125 -5.16 14.30 5.08
CA ARG A 125 -6.23 14.48 6.05
C ARG A 125 -7.34 13.46 5.86
N TRP A 126 -7.02 12.19 6.08
CA TRP A 126 -8.02 11.12 6.14
C TRP A 126 -9.19 11.56 7.03
N PRO A 127 -10.45 11.28 6.63
CA PRO A 127 -11.67 11.77 7.30
C PRO A 127 -11.61 11.67 8.82
N SER A 128 -11.89 12.77 9.49
CA SER A 128 -11.88 12.80 10.95
C SER A 128 -13.21 12.29 11.50
N LEU A 129 -13.99 11.67 10.61
CA LEU A 129 -15.30 11.10 10.94
C LEU A 129 -16.23 12.16 11.55
N GLU A 130 -15.97 13.41 11.20
CA GLU A 130 -16.75 14.52 11.71
C GLU A 130 -17.48 15.19 10.56
N MET A 1 4.91 2.53 15.96
CA MET A 1 6.30 2.57 15.46
C MET A 1 7.23 1.72 16.32
N SER A 2 7.03 1.77 17.63
CA SER A 2 7.91 1.08 18.55
C SER A 2 7.37 -0.31 18.89
N THR A 3 7.74 -1.29 18.07
CA THR A 3 7.39 -2.69 18.33
C THR A 3 8.48 -3.62 17.82
N THR A 4 9.54 -3.04 17.25
CA THR A 4 10.56 -3.79 16.52
C THR A 4 9.92 -4.41 15.27
N ALA A 5 8.75 -3.89 14.94
CA ALA A 5 8.02 -4.33 13.76
C ALA A 5 7.66 -3.10 12.95
N TYR A 6 8.23 -3.00 11.77
CA TYR A 6 8.06 -1.82 10.95
C TYR A 6 6.96 -2.04 9.93
N GLN A 7 6.15 -1.01 9.69
CA GLN A 7 5.10 -1.09 8.69
C GLN A 7 5.54 -0.40 7.40
N PRO A 8 6.04 -1.18 6.41
CA PRO A 8 6.37 -0.64 5.11
C PRO A 8 5.09 -0.27 4.36
N ILE A 9 4.25 -1.27 4.15
CA ILE A 9 2.93 -1.08 3.58
C ILE A 9 1.88 -1.18 4.70
N ALA A 10 0.80 -0.41 4.55
CA ALA A 10 -0.24 -0.32 5.57
C ALA A 10 -1.01 -1.62 5.73
N GLU A 11 -1.55 -2.11 4.63
CA GLU A 11 -2.38 -3.32 4.62
C GLU A 11 -1.58 -4.52 5.13
N CYS A 12 -0.35 -4.60 4.68
CA CYS A 12 0.53 -5.71 5.04
C CYS A 12 0.75 -5.73 6.55
N GLY A 13 1.00 -4.56 7.11
CA GLY A 13 1.11 -4.45 8.55
C GLY A 13 2.54 -4.52 9.04
N ALA A 14 2.74 -5.31 10.09
CA ALA A 14 4.02 -5.32 10.79
C ALA A 14 5.03 -6.25 10.14
N THR A 15 6.15 -5.67 9.76
CA THR A 15 7.28 -6.41 9.23
C THR A 15 8.51 -6.11 10.10
N THR A 16 9.08 -7.12 10.72
CA THR A 16 10.11 -6.90 11.71
C THR A 16 11.49 -6.78 11.07
N GLN A 17 11.56 -7.04 9.77
CA GLN A 17 12.79 -6.84 9.03
C GLN A 17 13.21 -5.38 9.09
N SER A 18 14.42 -5.15 9.59
CA SER A 18 14.92 -3.79 9.81
C SER A 18 15.00 -3.03 8.49
N GLU A 19 15.14 -3.77 7.39
CA GLU A 19 15.18 -3.19 6.05
C GLU A 19 13.91 -2.41 5.76
N ALA A 20 12.79 -2.85 6.34
CA ALA A 20 11.50 -2.24 6.09
C ALA A 20 11.48 -0.78 6.56
N ALA A 21 12.26 -0.48 7.58
CA ALA A 21 12.31 0.87 8.15
C ALA A 21 12.87 1.88 7.14
N ALA A 22 13.53 1.38 6.11
CA ALA A 22 14.12 2.24 5.11
C ALA A 22 13.22 2.33 3.87
N TYR A 23 12.37 1.33 3.69
CA TYR A 23 11.56 1.24 2.47
C TYR A 23 10.11 1.62 2.75
N GLN A 24 9.77 1.74 4.02
CA GLN A 24 8.41 2.07 4.42
C GLN A 24 8.02 3.46 3.94
N LYS A 25 6.73 3.67 3.80
CA LYS A 25 6.17 4.95 3.34
C LYS A 25 4.70 5.01 3.67
N ARG A 26 4.06 6.12 3.33
CA ARG A 26 2.61 6.22 3.43
C ARG A 26 2.00 5.33 2.35
N TRP A 27 2.03 4.04 2.60
CA TRP A 27 1.55 3.04 1.68
C TRP A 27 0.13 2.68 2.00
N LEU A 28 -0.67 2.34 1.00
CA LEU A 28 -2.04 1.87 1.25
C LEU A 28 -2.76 1.45 -0.02
N VAL A 29 -3.87 0.77 0.16
CA VAL A 29 -4.74 0.39 -0.93
C VAL A 29 -5.89 1.37 -1.06
N ALA A 30 -6.10 1.86 -2.25
CA ALA A 30 -7.21 2.74 -2.52
C ALA A 30 -8.23 2.04 -3.40
N ASN A 31 -9.49 2.15 -3.03
CA ASN A 31 -10.55 1.56 -3.81
C ASN A 31 -10.84 2.44 -5.02
N ASP A 32 -11.37 1.85 -6.09
CA ASP A 32 -11.64 2.57 -7.34
C ASP A 32 -12.35 3.91 -7.13
N ALA A 33 -13.15 3.98 -6.06
CA ALA A 33 -13.84 5.23 -5.69
C ALA A 33 -12.84 6.35 -5.43
N GLY A 34 -11.61 5.99 -5.10
CA GLY A 34 -10.62 6.96 -4.72
C GLY A 34 -10.48 7.03 -3.22
N GLN A 35 -11.18 6.14 -2.53
CA GLN A 35 -11.24 6.16 -1.07
C GLN A 35 -10.16 5.27 -0.46
N TRP A 36 -9.69 5.66 0.72
CA TRP A 36 -8.71 4.88 1.46
C TRP A 36 -9.34 3.61 2.00
N LEU A 37 -8.78 2.47 1.64
CA LEU A 37 -9.22 1.21 2.20
C LEU A 37 -8.54 1.01 3.54
N ASN A 38 -9.29 0.61 4.55
CA ASN A 38 -8.78 0.61 5.91
C ASN A 38 -8.81 -0.79 6.50
N ARG A 39 -8.03 -0.97 7.56
CA ARG A 39 -7.97 -2.25 8.27
C ARG A 39 -9.32 -2.54 8.94
N ASP A 40 -10.08 -1.50 9.25
CA ASP A 40 -11.40 -1.68 9.85
C ASP A 40 -12.48 -1.72 8.78
N LEU A 41 -12.10 -1.34 7.56
CA LEU A 41 -13.00 -1.45 6.42
C LEU A 41 -12.96 -2.88 5.88
N CYS A 42 -11.77 -3.37 5.65
CA CYS A 42 -11.58 -4.75 5.22
C CYS A 42 -10.50 -5.44 6.07
N PRO A 43 -10.92 -6.24 7.06
CA PRO A 43 -9.99 -6.96 7.94
C PRO A 43 -9.07 -7.91 7.18
N ARG A 44 -9.61 -8.54 6.13
CA ARG A 44 -8.82 -9.46 5.31
C ARG A 44 -7.65 -8.76 4.64
N LEU A 45 -7.75 -7.45 4.51
CA LEU A 45 -6.72 -6.66 3.85
C LEU A 45 -5.44 -6.65 4.68
N ALA A 46 -5.58 -6.76 5.99
CA ALA A 46 -4.44 -6.73 6.90
C ALA A 46 -3.86 -8.13 7.11
N GLU A 47 -4.31 -9.09 6.31
CA GLU A 47 -3.83 -10.46 6.43
C GLU A 47 -2.70 -10.74 5.44
N VAL A 48 -2.07 -9.69 4.94
CA VAL A 48 -0.99 -9.86 3.98
C VAL A 48 0.29 -10.30 4.70
N SER A 49 0.89 -11.38 4.22
CA SER A 49 2.16 -11.84 4.75
C SER A 49 3.28 -11.12 4.01
N VAL A 50 4.13 -10.42 4.75
CA VAL A 50 5.13 -9.56 4.13
C VAL A 50 6.49 -10.23 4.12
N GLU A 51 7.21 -10.05 3.04
CA GLU A 51 8.56 -10.53 2.91
C GLU A 51 9.38 -9.56 2.07
N LEU A 52 10.53 -9.19 2.58
CA LEU A 52 11.38 -8.26 1.87
C LEU A 52 12.60 -8.98 1.32
N ARG A 53 12.78 -8.83 0.02
CA ARG A 53 13.94 -9.33 -0.69
C ARG A 53 14.83 -8.15 -1.00
N MET A 54 16.13 -8.35 -1.09
CA MET A 54 17.02 -7.24 -1.40
C MET A 54 16.74 -6.74 -2.82
N GLY A 55 15.94 -5.68 -2.89
CA GLY A 55 15.57 -5.12 -4.18
C GLY A 55 14.11 -5.36 -4.53
N TYR A 56 13.45 -6.24 -3.79
CA TYR A 56 12.07 -6.61 -4.13
C TYR A 56 11.19 -6.69 -2.90
N LEU A 57 9.99 -6.17 -3.02
CA LEU A 57 9.00 -6.23 -1.96
C LEU A 57 8.01 -7.35 -2.27
N VAL A 58 8.10 -8.44 -1.52
CA VAL A 58 7.32 -9.63 -1.81
C VAL A 58 6.12 -9.73 -0.89
N LEU A 59 4.94 -9.58 -1.46
CA LEU A 59 3.70 -9.73 -0.72
C LEU A 59 3.11 -11.11 -0.95
N LYS A 60 2.57 -11.72 0.09
CA LYS A 60 1.92 -13.03 -0.01
C LYS A 60 0.55 -12.94 0.62
N ALA A 61 -0.49 -13.44 -0.02
CA ALA A 61 -1.83 -13.31 0.56
C ALA A 61 -2.52 -14.65 0.79
N PRO A 62 -3.38 -14.72 1.82
CA PRO A 62 -4.28 -15.86 2.01
C PRO A 62 -5.30 -15.91 0.88
N GLY A 63 -4.91 -16.54 -0.22
CA GLY A 63 -5.75 -16.61 -1.39
C GLY A 63 -5.01 -16.19 -2.64
N MET A 64 -3.99 -15.35 -2.47
CA MET A 64 -3.15 -14.92 -3.58
C MET A 64 -1.73 -15.37 -3.36
N LEU A 65 -0.99 -15.55 -4.44
CA LEU A 65 0.39 -15.97 -4.32
C LEU A 65 1.25 -14.77 -3.91
N ARG A 66 2.47 -14.72 -4.43
CA ARG A 66 3.37 -13.61 -4.18
C ARG A 66 3.08 -12.45 -5.13
N LEU A 67 3.35 -11.25 -4.64
CA LEU A 67 3.34 -10.05 -5.45
C LEU A 67 4.70 -9.40 -5.38
N ASP A 68 5.48 -9.57 -6.42
CA ASP A 68 6.83 -9.01 -6.48
C ASP A 68 6.79 -7.55 -6.88
N ILE A 69 6.92 -6.68 -5.90
CA ILE A 69 6.98 -5.26 -6.16
C ILE A 69 8.43 -4.78 -6.11
N PRO A 70 9.03 -4.50 -7.27
CA PRO A 70 10.38 -3.96 -7.33
C PRO A 70 10.42 -2.53 -6.80
N LEU A 71 11.29 -2.31 -5.82
CA LEU A 71 11.35 -1.03 -5.10
C LEU A 71 11.45 0.16 -6.05
N ASP A 72 12.35 0.08 -7.02
CA ASP A 72 12.47 1.14 -8.02
C ASP A 72 12.75 0.55 -9.39
N VAL A 73 12.52 -0.74 -9.52
CA VAL A 73 12.80 -1.45 -10.75
C VAL A 73 11.50 -1.64 -11.55
N ILE A 74 10.98 -0.55 -12.06
CA ILE A 74 9.71 -0.58 -12.77
C ILE A 74 9.95 -0.39 -14.27
N GLU A 75 9.03 -0.89 -15.09
CA GLU A 75 9.12 -0.74 -16.53
C GLU A 75 8.51 0.59 -16.95
N ASP A 76 8.28 1.42 -15.95
CA ASP A 76 7.74 2.76 -16.13
C ASP A 76 8.49 3.72 -15.25
N ASP A 77 7.96 4.93 -15.09
CA ASP A 77 8.56 5.91 -14.23
C ASP A 77 7.71 6.08 -12.99
N ASP A 78 8.34 6.48 -11.89
CA ASP A 78 7.65 6.61 -10.61
C ASP A 78 6.92 7.95 -10.53
N SER A 79 6.79 8.60 -11.67
CA SER A 79 6.13 9.90 -11.73
C SER A 79 4.66 9.75 -12.13
N VAL A 80 4.14 8.53 -12.06
CA VAL A 80 2.73 8.30 -12.33
C VAL A 80 1.90 8.89 -11.19
N ARG A 81 1.38 10.08 -11.43
CA ARG A 81 0.66 10.81 -10.41
C ARG A 81 -0.84 10.60 -10.56
N TYR A 82 -1.41 9.94 -9.58
CA TYR A 82 -2.83 9.67 -9.56
C TYR A 82 -3.47 10.46 -8.45
N GLN A 83 -4.41 11.33 -8.79
CA GLN A 83 -5.07 12.13 -7.78
C GLN A 83 -6.13 11.31 -7.06
N MET A 84 -5.94 11.16 -5.77
CA MET A 84 -6.80 10.35 -4.94
C MET A 84 -7.81 11.24 -4.23
N LEU A 85 -8.90 10.67 -3.76
CA LEU A 85 -9.95 11.47 -3.15
C LEU A 85 -10.44 10.80 -1.88
N VAL A 86 -9.77 11.08 -0.78
CA VAL A 86 -10.12 10.52 0.51
C VAL A 86 -11.42 11.14 1.01
N GLY A 87 -12.54 10.53 0.66
CA GLY A 87 -13.82 11.14 0.89
C GLY A 87 -14.05 12.26 -0.10
N GLU A 88 -13.37 13.37 0.11
CA GLU A 88 -13.35 14.46 -0.85
C GLU A 88 -12.05 15.25 -0.72
N GLN A 89 -11.05 14.64 -0.09
CA GLN A 89 -9.75 15.26 0.08
C GLN A 89 -8.86 14.86 -1.10
N THR A 90 -8.62 15.81 -1.99
CA THR A 90 -7.87 15.54 -3.21
C THR A 90 -6.38 15.56 -2.91
N VAL A 91 -5.78 14.38 -2.95
CA VAL A 91 -4.38 14.22 -2.58
C VAL A 91 -3.57 13.59 -3.70
N ASP A 92 -2.29 13.92 -3.75
CA ASP A 92 -1.40 13.50 -4.82
C ASP A 92 -0.67 12.22 -4.43
N VAL A 93 -0.97 11.13 -5.13
CA VAL A 93 -0.35 9.83 -4.84
C VAL A 93 0.17 9.20 -6.12
N VAL A 94 1.18 8.35 -5.99
CA VAL A 94 1.75 7.68 -7.14
C VAL A 94 1.23 6.25 -7.24
N ASP A 95 0.87 5.83 -8.46
CA ASP A 95 0.45 4.46 -8.70
C ASP A 95 1.68 3.57 -8.83
N GLU A 96 1.66 2.41 -8.20
CA GLU A 96 2.83 1.56 -8.13
C GLU A 96 2.71 0.34 -9.05
N GLY A 97 1.69 0.32 -9.90
CA GLY A 97 1.60 -0.75 -10.87
C GLY A 97 0.25 -1.44 -10.90
N GLU A 98 -0.21 -1.69 -12.12
CA GLU A 98 -1.46 -2.41 -12.36
C GLU A 98 -1.39 -3.83 -11.81
N LEU A 99 -0.17 -4.35 -11.71
CA LEU A 99 0.06 -5.68 -11.16
C LEU A 99 -0.40 -5.73 -9.69
N ALA A 100 -0.03 -4.70 -8.94
CA ALA A 100 -0.43 -4.61 -7.54
C ALA A 100 -1.93 -4.36 -7.44
N ALA A 101 -2.46 -3.61 -8.40
CA ALA A 101 -3.88 -3.32 -8.45
C ALA A 101 -4.71 -4.59 -8.54
N ALA A 102 -4.45 -5.38 -9.57
CA ALA A 102 -5.18 -6.63 -9.78
C ALA A 102 -5.01 -7.60 -8.62
N TRP A 103 -3.79 -7.64 -8.08
CA TRP A 103 -3.46 -8.54 -6.99
C TRP A 103 -4.38 -8.29 -5.78
N ILE A 104 -4.57 -7.03 -5.43
CA ILE A 104 -5.39 -6.72 -4.27
C ILE A 104 -6.87 -6.69 -4.65
N SER A 105 -7.17 -6.43 -5.91
CA SER A 105 -8.54 -6.50 -6.38
C SER A 105 -9.08 -7.92 -6.18
N ASN A 106 -8.16 -8.88 -6.18
CA ASN A 106 -8.51 -10.27 -5.92
C ASN A 106 -8.45 -10.59 -4.41
N HIS A 107 -7.44 -10.07 -3.71
CA HIS A 107 -7.31 -10.33 -2.28
C HIS A 107 -8.28 -9.48 -1.45
N ALA A 108 -8.26 -8.18 -1.65
CA ALA A 108 -9.20 -7.28 -0.99
C ALA A 108 -10.61 -7.65 -1.44
N GLY A 109 -10.73 -7.96 -2.72
CA GLY A 109 -11.98 -8.52 -3.23
C GLY A 109 -12.78 -7.56 -4.07
N VAL A 110 -12.44 -6.28 -3.97
CA VAL A 110 -13.11 -5.25 -4.75
C VAL A 110 -12.08 -4.51 -5.60
N PRO A 111 -12.53 -3.80 -6.65
CA PRO A 111 -11.64 -3.05 -7.55
C PRO A 111 -10.82 -2.00 -6.79
N CYS A 112 -9.60 -2.37 -6.44
CA CYS A 112 -8.73 -1.49 -5.69
C CYS A 112 -7.33 -1.50 -6.28
N ARG A 113 -6.47 -0.63 -5.79
CA ARG A 113 -5.09 -0.61 -6.23
C ARG A 113 -4.17 -0.13 -5.10
N ILE A 114 -3.01 -0.76 -4.99
CA ILE A 114 -2.01 -0.35 -4.01
C ILE A 114 -1.33 0.92 -4.49
N LEU A 115 -1.41 1.96 -3.71
CA LEU A 115 -0.88 3.25 -4.12
C LEU A 115 0.10 3.79 -3.09
N LYS A 116 1.04 4.57 -3.59
CA LYS A 116 2.10 5.13 -2.78
C LYS A 116 1.86 6.62 -2.60
N VAL A 117 1.41 7.02 -1.41
CA VAL A 117 1.09 8.42 -1.15
C VAL A 117 2.36 9.27 -1.25
N HIS A 118 2.32 10.19 -2.18
CA HIS A 118 3.45 11.08 -2.44
C HIS A 118 3.59 12.05 -1.28
N PRO A 119 4.82 12.22 -0.76
CA PRO A 119 5.11 13.07 0.43
C PRO A 119 4.79 14.56 0.21
N ASP A 120 4.03 14.86 -0.84
CA ASP A 120 3.59 16.22 -1.11
C ASP A 120 2.77 16.74 0.05
N MET A 121 1.67 16.06 0.33
CA MET A 121 0.85 16.34 1.51
C MET A 121 1.16 15.34 2.62
N ALA A 122 1.54 14.14 2.20
CA ALA A 122 2.03 13.09 3.11
C ALA A 122 0.96 12.53 4.05
N GLU A 123 0.64 13.27 5.10
CA GLU A 123 -0.21 12.77 6.18
C GLU A 123 -1.58 12.34 5.68
N VAL A 124 -2.44 13.32 5.31
CA VAL A 124 -3.79 13.06 4.80
C VAL A 124 -4.73 12.55 5.90
N ARG A 125 -4.34 11.43 6.51
CA ARG A 125 -5.05 10.77 7.60
C ARG A 125 -6.23 9.95 7.08
N TRP A 126 -7.40 10.57 6.98
CA TRP A 126 -8.65 9.88 6.61
C TRP A 126 -9.83 10.77 6.99
N PRO A 127 -10.91 10.80 6.17
CA PRO A 127 -12.09 11.66 6.39
C PRO A 127 -12.77 11.39 7.72
N SER A 128 -12.82 12.40 8.59
CA SER A 128 -13.34 12.22 9.92
C SER A 128 -14.75 12.80 10.01
N LEU A 129 -15.55 12.47 9.01
CA LEU A 129 -16.93 12.95 8.92
C LEU A 129 -17.85 12.24 9.93
N GLU A 130 -17.61 12.45 11.21
CA GLU A 130 -18.45 11.88 12.26
C GLU A 130 -18.01 12.42 13.62
#